data_4EL6
# 
_entry.id   4EL6 
# 
_audit_conform.dict_name       mmcif_pdbx.dic 
_audit_conform.dict_version    5.403 
_audit_conform.dict_location   http://mmcif.pdb.org/dictionaries/ascii/mmcif_pdbx.dic 
# 
loop_
_database_2.database_id 
_database_2.database_code 
_database_2.pdbx_database_accession 
_database_2.pdbx_DOI 
PDB   4EL6         pdb_00004el6 10.2210/pdb4el6/pdb 
RCSB  RCSB071756   ?            ?                   
WWPDB D_1000071756 ?            ?                   
# 
loop_
_pdbx_audit_revision_history.ordinal 
_pdbx_audit_revision_history.data_content_type 
_pdbx_audit_revision_history.major_revision 
_pdbx_audit_revision_history.minor_revision 
_pdbx_audit_revision_history.revision_date 
_pdbx_audit_revision_history.part_number 
1 'Structure model' 1 0 2013-04-10 ? 
2 'Structure model' 1 1 2024-11-06 ? 
3 'Structure model' 1 2 2025-05-07 ? 
# 
_pdbx_audit_revision_details.ordinal             1 
_pdbx_audit_revision_details.revision_ordinal    1 
_pdbx_audit_revision_details.data_content_type   'Structure model' 
_pdbx_audit_revision_details.provider            repository 
_pdbx_audit_revision_details.type                'Initial release' 
_pdbx_audit_revision_details.description         ? 
_pdbx_audit_revision_details.details             ? 
# 
loop_
_pdbx_audit_revision_group.ordinal 
_pdbx_audit_revision_group.revision_ordinal 
_pdbx_audit_revision_group.data_content_type 
_pdbx_audit_revision_group.group 
1 2 'Structure model' 'Data collection'     
2 2 'Structure model' 'Database references' 
3 2 'Structure model' 'Structure summary'   
4 3 'Structure model' 'Database references' 
# 
loop_
_pdbx_audit_revision_category.ordinal 
_pdbx_audit_revision_category.revision_ordinal 
_pdbx_audit_revision_category.data_content_type 
_pdbx_audit_revision_category.category 
1 2 'Structure model' chem_comp_atom            
2 2 'Structure model' chem_comp_bond            
3 2 'Structure model' database_2                
4 2 'Structure model' pdbx_entry_details        
5 2 'Structure model' pdbx_modification_feature 
6 2 'Structure model' struct_ref_seq_dif        
7 3 'Structure model' citation                  
8 3 'Structure model' citation_author           
# 
loop_
_pdbx_audit_revision_item.ordinal 
_pdbx_audit_revision_item.revision_ordinal 
_pdbx_audit_revision_item.data_content_type 
_pdbx_audit_revision_item.item 
1  2 'Structure model' '_database_2.pdbx_DOI'                
2  2 'Structure model' '_database_2.pdbx_database_accession' 
3  2 'Structure model' '_struct_ref_seq_dif.details'         
4  3 'Structure model' '_citation.country'                   
5  3 'Structure model' '_citation.journal_abbrev'            
6  3 'Structure model' '_citation.journal_id_ASTM'           
7  3 'Structure model' '_citation.journal_id_CSD'            
8  3 'Structure model' '_citation.journal_id_ISSN'           
9  3 'Structure model' '_citation.journal_volume'            
10 3 'Structure model' '_citation.page_first'                
11 3 'Structure model' '_citation.page_last'                 
12 3 'Structure model' '_citation.pdbx_database_id_DOI'      
13 3 'Structure model' '_citation.pdbx_database_id_PubMed'   
14 3 'Structure model' '_citation.title'                     
15 3 'Structure model' '_citation.year'                      
# 
_pdbx_database_status.status_code                     REL 
_pdbx_database_status.entry_id                        4EL6 
_pdbx_database_status.recvd_initial_deposition_date   2012-04-10 
_pdbx_database_status.deposit_site                    RCSB 
_pdbx_database_status.process_site                    RCSB 
_pdbx_database_status.status_code_sf                  REL 
_pdbx_database_status.status_code_mr                  ? 
_pdbx_database_status.SG_entry                        ? 
_pdbx_database_status.status_code_cs                  ? 
_pdbx_database_status.methods_development_category    ? 
_pdbx_database_status.pdb_format_compatible           Y 
_pdbx_database_status.status_code_nmr_data            ? 
# 
loop_
_audit_author.name 
_audit_author.pdbx_ordinal 
'Mayerhofer, H.'        1  
'Meyer, H.'             2  
'Tripsianes, K.'        3  
'Barths, D.'            4  
'Blindow, S.'           5  
'Bade, S.'              6  
'Madl, T.'              7  
'Frey, A.'              8  
'Haas, H.'              9  
'Sattler, M.'           10 
'Schramm, G.'           11 
'Mueller-Dieckmann, J.' 12 
# 
loop_
_citation.id 
_citation.title 
_citation.journal_abbrev 
_citation.journal_volume 
_citation.page_first 
_citation.page_last 
_citation.year 
_citation.journal_id_ASTM 
_citation.country 
_citation.journal_id_ISSN 
_citation.journal_id_CSD 
_citation.book_publisher 
_citation.pdbx_database_id_PubMed 
_citation.pdbx_database_id_DOI 
primary 
;A Crystallin Fold in the Interleukin-4-inducing Principle of Schistosoma mansoni Eggs (IPSE/ alpha-1) Mediates IgE Binding for Antigen-independent Basophil Activation.
;
J.Biol.Chem.               290 22111 22126 2015 JBCHA3 US 1083-351X 0071 ? 26163514 10.1074/jbc.M115.675066 
1       
;Cloning, expression, purification, crystallization and preliminary X-ray crystallographic analysis of interleukin-4-inducing principle from Schistosoma mansoni eggs (IPSE/alpha-1)
;
'Acta Crystallogr.,Sect.F' F65 594   596   2009 ?      DK 1744-3091 ?    ? 19478439 ?                       
# 
loop_
_citation_author.citation_id 
_citation_author.name 
_citation_author.ordinal 
_citation_author.identifier_ORCID 
primary 'Meyer, N.H.'           1  ? 
primary 'Mayerhofer, H.'        2  ? 
primary 'Tripsianes, K.'        3  ? 
primary 'Blindow, S.'           4  ? 
primary 'Barths, D.'            5  ? 
primary 'Mewes, A.'             6  ? 
primary 'Weimar, T.'            7  ? 
primary 'Kohli, T.'             8  ? 
primary 'Bade, S.'              9  ? 
primary 'Madl, T.'              10 ? 
primary 'Frey, A.'              11 ? 
primary 'Haas, H.'              12 ? 
primary 'Mueller-Dieckmann, J.' 13 ? 
primary 'Sattler, M.'           14 ? 
primary 'Schramm, G.'           15 ? 
1       'Mayerhofer, H.'        16 ? 
1       'Schramm, G.'           17 ? 
1       'Hatzopoulos, G.N.'     18 ? 
1       'Mueller-Dieckmann, C.' 19 ? 
1       'Haas, H.'              20 ? 
1       'Mueller-Dieckmann, J.' 21 ? 
# 
loop_
_entity.id 
_entity.type 
_entity.src_method 
_entity.pdbx_description 
_entity.formula_weight 
_entity.pdbx_number_of_molecules 
_entity.pdbx_ec 
_entity.pdbx_mutation 
_entity.pdbx_fragment 
_entity.details 
1 polymer man 'IL-4-inducing protein' 11981.478 1   ? ? 'UNP residues 21-124' ? 
2 water   nat water                   18.015    114 ? ? ?                     ? 
# 
_entity_name_com.entity_id   1 
_entity_name_com.name        'Interleukin-4-inducing protein' 
# 
_entity_poly.entity_id                      1 
_entity_poly.type                           'polypeptide(L)' 
_entity_poly.nstd_linkage                   no 
_entity_poly.nstd_monomer                   no 
_entity_poly.pdbx_seq_one_letter_code       
;GADSCKYCLQLYDETYERGSYIEVYKSVGSLSPPWTPGSVCVPFVNDTKRERPYWYLFDNVNYTGRITGLGHGTCIDDFT
KSGFKGISSIKRCIQTKDGKVECINQ
;
_entity_poly.pdbx_seq_one_letter_code_can   
;GADSCKYCLQLYDETYERGSYIEVYKSVGSLSPPWTPGSVCVPFVNDTKRERPYWYLFDNVNYTGRITGLGHGTCIDDFT
KSGFKGISSIKRCIQTKDGKVECINQ
;
_entity_poly.pdbx_strand_id                 A 
_entity_poly.pdbx_target_identifier         ? 
# 
_pdbx_entity_nonpoly.entity_id   2 
_pdbx_entity_nonpoly.name        water 
_pdbx_entity_nonpoly.comp_id     HOH 
# 
loop_
_entity_poly_seq.entity_id 
_entity_poly_seq.num 
_entity_poly_seq.mon_id 
_entity_poly_seq.hetero 
1 1   GLY n 
1 2   ALA n 
1 3   ASP n 
1 4   SER n 
1 5   CYS n 
1 6   LYS n 
1 7   TYR n 
1 8   CYS n 
1 9   LEU n 
1 10  GLN n 
1 11  LEU n 
1 12  TYR n 
1 13  ASP n 
1 14  GLU n 
1 15  THR n 
1 16  TYR n 
1 17  GLU n 
1 18  ARG n 
1 19  GLY n 
1 20  SER n 
1 21  TYR n 
1 22  ILE n 
1 23  GLU n 
1 24  VAL n 
1 25  TYR n 
1 26  LYS n 
1 27  SER n 
1 28  VAL n 
1 29  GLY n 
1 30  SER n 
1 31  LEU n 
1 32  SER n 
1 33  PRO n 
1 34  PRO n 
1 35  TRP n 
1 36  THR n 
1 37  PRO n 
1 38  GLY n 
1 39  SER n 
1 40  VAL n 
1 41  CYS n 
1 42  VAL n 
1 43  PRO n 
1 44  PHE n 
1 45  VAL n 
1 46  ASN n 
1 47  ASP n 
1 48  THR n 
1 49  LYS n 
1 50  ARG n 
1 51  GLU n 
1 52  ARG n 
1 53  PRO n 
1 54  TYR n 
1 55  TRP n 
1 56  TYR n 
1 57  LEU n 
1 58  PHE n 
1 59  ASP n 
1 60  ASN n 
1 61  VAL n 
1 62  ASN n 
1 63  TYR n 
1 64  THR n 
1 65  GLY n 
1 66  ARG n 
1 67  ILE n 
1 68  THR n 
1 69  GLY n 
1 70  LEU n 
1 71  GLY n 
1 72  HIS n 
1 73  GLY n 
1 74  THR n 
1 75  CYS n 
1 76  ILE n 
1 77  ASP n 
1 78  ASP n 
1 79  PHE n 
1 80  THR n 
1 81  LYS n 
1 82  SER n 
1 83  GLY n 
1 84  PHE n 
1 85  LYS n 
1 86  GLY n 
1 87  ILE n 
1 88  SER n 
1 89  SER n 
1 90  ILE n 
1 91  LYS n 
1 92  ARG n 
1 93  CYS n 
1 94  ILE n 
1 95  GLN n 
1 96  THR n 
1 97  LYS n 
1 98  ASP n 
1 99  GLY n 
1 100 LYS n 
1 101 VAL n 
1 102 GLU n 
1 103 CYS n 
1 104 ILE n 
1 105 ASN n 
1 106 GLN n 
# 
_entity_src_gen.entity_id                          1 
_entity_src_gen.pdbx_src_id                        1 
_entity_src_gen.pdbx_alt_source_flag               sample 
_entity_src_gen.pdbx_seq_type                      ? 
_entity_src_gen.pdbx_beg_seq_num                   ? 
_entity_src_gen.pdbx_end_seq_num                   ? 
_entity_src_gen.gene_src_common_name               'Blood fluke' 
_entity_src_gen.gene_src_genus                     ? 
_entity_src_gen.pdbx_gene_src_gene                 ? 
_entity_src_gen.gene_src_species                   ? 
_entity_src_gen.gene_src_strain                    ? 
_entity_src_gen.gene_src_tissue                    ? 
_entity_src_gen.gene_src_tissue_fraction           ? 
_entity_src_gen.gene_src_details                   ? 
_entity_src_gen.pdbx_gene_src_fragment             ? 
_entity_src_gen.pdbx_gene_src_scientific_name      'Schistosoma mansoni' 
_entity_src_gen.pdbx_gene_src_ncbi_taxonomy_id     6183 
_entity_src_gen.pdbx_gene_src_variant              ? 
_entity_src_gen.pdbx_gene_src_cell_line            ? 
_entity_src_gen.pdbx_gene_src_atcc                 ? 
_entity_src_gen.pdbx_gene_src_organ                ? 
_entity_src_gen.pdbx_gene_src_organelle            ? 
_entity_src_gen.pdbx_gene_src_cell                 ? 
_entity_src_gen.pdbx_gene_src_cellular_location    ? 
_entity_src_gen.host_org_common_name               ? 
_entity_src_gen.pdbx_host_org_scientific_name      'Escherichia coli' 
_entity_src_gen.pdbx_host_org_ncbi_taxonomy_id     562 
_entity_src_gen.host_org_genus                     ? 
_entity_src_gen.pdbx_host_org_gene                 ? 
_entity_src_gen.pdbx_host_org_organ                ? 
_entity_src_gen.host_org_species                   ? 
_entity_src_gen.pdbx_host_org_tissue               ? 
_entity_src_gen.pdbx_host_org_tissue_fraction      ? 
_entity_src_gen.pdbx_host_org_strain               ? 
_entity_src_gen.pdbx_host_org_variant              ? 
_entity_src_gen.pdbx_host_org_cell_line            ? 
_entity_src_gen.pdbx_host_org_atcc                 ? 
_entity_src_gen.pdbx_host_org_culture_collection   ? 
_entity_src_gen.pdbx_host_org_cell                 ? 
_entity_src_gen.pdbx_host_org_organelle            ? 
_entity_src_gen.pdbx_host_org_cellular_location    ? 
_entity_src_gen.pdbx_host_org_vector_type          ? 
_entity_src_gen.pdbx_host_org_vector               ? 
_entity_src_gen.host_org_details                   ? 
_entity_src_gen.expression_system_id               ? 
_entity_src_gen.plasmid_name                       ? 
_entity_src_gen.plasmid_details                    ? 
_entity_src_gen.pdbx_description                   ? 
# 
loop_
_chem_comp.id 
_chem_comp.type 
_chem_comp.mon_nstd_flag 
_chem_comp.name 
_chem_comp.pdbx_synonyms 
_chem_comp.formula 
_chem_comp.formula_weight 
ALA 'L-peptide linking' y ALANINE         ? 'C3 H7 N O2'     89.093  
ARG 'L-peptide linking' y ARGININE        ? 'C6 H15 N4 O2 1' 175.209 
ASN 'L-peptide linking' y ASPARAGINE      ? 'C4 H8 N2 O3'    132.118 
ASP 'L-peptide linking' y 'ASPARTIC ACID' ? 'C4 H7 N O4'     133.103 
CYS 'L-peptide linking' y CYSTEINE        ? 'C3 H7 N O2 S'   121.158 
GLN 'L-peptide linking' y GLUTAMINE       ? 'C5 H10 N2 O3'   146.144 
GLU 'L-peptide linking' y 'GLUTAMIC ACID' ? 'C5 H9 N O4'     147.129 
GLY 'peptide linking'   y GLYCINE         ? 'C2 H5 N O2'     75.067  
HIS 'L-peptide linking' y HISTIDINE       ? 'C6 H10 N3 O2 1' 156.162 
HOH non-polymer         . WATER           ? 'H2 O'           18.015  
ILE 'L-peptide linking' y ISOLEUCINE      ? 'C6 H13 N O2'    131.173 
LEU 'L-peptide linking' y LEUCINE         ? 'C6 H13 N O2'    131.173 
LYS 'L-peptide linking' y LYSINE          ? 'C6 H15 N2 O2 1' 147.195 
PHE 'L-peptide linking' y PHENYLALANINE   ? 'C9 H11 N O2'    165.189 
PRO 'L-peptide linking' y PROLINE         ? 'C5 H9 N O2'     115.130 
SER 'L-peptide linking' y SERINE          ? 'C3 H7 N O3'     105.093 
THR 'L-peptide linking' y THREONINE       ? 'C4 H9 N O3'     119.119 
TRP 'L-peptide linking' y TRYPTOPHAN      ? 'C11 H12 N2 O2'  204.225 
TYR 'L-peptide linking' y TYROSINE        ? 'C9 H11 N O3'    181.189 
VAL 'L-peptide linking' y VALINE          ? 'C5 H11 N O2'    117.146 
# 
loop_
_pdbx_poly_seq_scheme.asym_id 
_pdbx_poly_seq_scheme.entity_id 
_pdbx_poly_seq_scheme.seq_id 
_pdbx_poly_seq_scheme.mon_id 
_pdbx_poly_seq_scheme.ndb_seq_num 
_pdbx_poly_seq_scheme.pdb_seq_num 
_pdbx_poly_seq_scheme.auth_seq_num 
_pdbx_poly_seq_scheme.pdb_mon_id 
_pdbx_poly_seq_scheme.auth_mon_id 
_pdbx_poly_seq_scheme.pdb_strand_id 
_pdbx_poly_seq_scheme.pdb_ins_code 
_pdbx_poly_seq_scheme.hetero 
A 1 1   GLY 1   19  ?   ?   ?   A . n 
A 1 2   ALA 2   20  ?   ?   ?   A . n 
A 1 3   ASP 3   21  ?   ?   ?   A . n 
A 1 4   SER 4   22  ?   ?   ?   A . n 
A 1 5   CYS 5   23  23  CYS CYS A . n 
A 1 6   LYS 6   24  24  LYS LYS A . n 
A 1 7   TYR 7   25  25  TYR TYR A . n 
A 1 8   CYS 8   26  26  CYS CYS A . n 
A 1 9   LEU 9   27  27  LEU LEU A . n 
A 1 10  GLN 10  28  28  GLN GLN A . n 
A 1 11  LEU 11  29  29  LEU LEU A . n 
A 1 12  TYR 12  30  30  TYR TYR A . n 
A 1 13  ASP 13  31  31  ASP ASP A . n 
A 1 14  GLU 14  32  32  GLU GLU A . n 
A 1 15  THR 15  33  33  THR THR A . n 
A 1 16  TYR 16  34  34  TYR TYR A . n 
A 1 17  GLU 17  35  35  GLU GLU A . n 
A 1 18  ARG 18  36  36  ARG ARG A . n 
A 1 19  GLY 19  37  37  GLY GLY A . n 
A 1 20  SER 20  38  38  SER SER A . n 
A 1 21  TYR 21  39  39  TYR TYR A . n 
A 1 22  ILE 22  40  40  ILE ILE A . n 
A 1 23  GLU 23  41  41  GLU GLU A . n 
A 1 24  VAL 24  42  42  VAL VAL A . n 
A 1 25  TYR 25  43  43  TYR TYR A . n 
A 1 26  LYS 26  44  44  LYS LYS A . n 
A 1 27  SER 27  45  45  SER SER A . n 
A 1 28  VAL 28  46  46  VAL VAL A . n 
A 1 29  GLY 29  47  47  GLY GLY A . n 
A 1 30  SER 30  48  48  SER SER A . n 
A 1 31  LEU 31  49  49  LEU LEU A . n 
A 1 32  SER 32  50  50  SER SER A . n 
A 1 33  PRO 33  51  51  PRO PRO A . n 
A 1 34  PRO 34  52  52  PRO PRO A . n 
A 1 35  TRP 35  53  53  TRP TRP A . n 
A 1 36  THR 36  54  54  THR THR A . n 
A 1 37  PRO 37  55  55  PRO PRO A . n 
A 1 38  GLY 38  56  56  GLY GLY A . n 
A 1 39  SER 39  57  57  SER SER A . n 
A 1 40  VAL 40  58  58  VAL VAL A . n 
A 1 41  CYS 41  59  59  CYS CYS A . n 
A 1 42  VAL 42  60  60  VAL VAL A . n 
A 1 43  PRO 43  61  61  PRO PRO A . n 
A 1 44  PHE 44  62  62  PHE PHE A . n 
A 1 45  VAL 45  63  63  VAL VAL A . n 
A 1 46  ASN 46  64  ?   ?   ?   A . n 
A 1 47  ASP 47  65  ?   ?   ?   A . n 
A 1 48  THR 48  66  ?   ?   ?   A . n 
A 1 49  LYS 49  67  ?   ?   ?   A . n 
A 1 50  ARG 50  68  ?   ?   ?   A . n 
A 1 51  GLU 51  69  69  GLU GLU A . n 
A 1 52  ARG 52  70  70  ARG ARG A . n 
A 1 53  PRO 53  71  71  PRO PRO A . n 
A 1 54  TYR 54  72  72  TYR TYR A . n 
A 1 55  TRP 55  73  73  TRP TRP A . n 
A 1 56  TYR 56  74  74  TYR TYR A . n 
A 1 57  LEU 57  75  75  LEU LEU A . n 
A 1 58  PHE 58  76  76  PHE PHE A . n 
A 1 59  ASP 59  77  77  ASP ASP A . n 
A 1 60  ASN 60  78  78  ASN ASN A . n 
A 1 61  VAL 61  79  79  VAL VAL A . n 
A 1 62  ASN 62  80  80  ASN ASN A . n 
A 1 63  TYR 63  81  81  TYR TYR A . n 
A 1 64  THR 64  82  82  THR THR A . n 
A 1 65  GLY 65  83  83  GLY GLY A . n 
A 1 66  ARG 66  84  84  ARG ARG A . n 
A 1 67  ILE 67  85  85  ILE ILE A . n 
A 1 68  THR 68  86  86  THR THR A . n 
A 1 69  GLY 69  87  87  GLY GLY A . n 
A 1 70  LEU 70  88  88  LEU LEU A . n 
A 1 71  GLY 71  89  89  GLY GLY A . n 
A 1 72  HIS 72  90  90  HIS HIS A . n 
A 1 73  GLY 73  91  91  GLY GLY A . n 
A 1 74  THR 74  92  92  THR THR A . n 
A 1 75  CYS 75  93  93  CYS CYS A . n 
A 1 76  ILE 76  94  94  ILE ILE A . n 
A 1 77  ASP 77  95  95  ASP ASP A . n 
A 1 78  ASP 78  96  96  ASP ASP A . n 
A 1 79  PHE 79  97  97  PHE PHE A . n 
A 1 80  THR 80  98  98  THR THR A . n 
A 1 81  LYS 81  99  99  LYS LYS A . n 
A 1 82  SER 82  100 100 SER SER A . n 
A 1 83  GLY 83  101 101 GLY GLY A . n 
A 1 84  PHE 84  102 102 PHE PHE A . n 
A 1 85  LYS 85  103 103 LYS LYS A . n 
A 1 86  GLY 86  104 104 GLY GLY A . n 
A 1 87  ILE 87  105 105 ILE ILE A . n 
A 1 88  SER 88  106 106 SER SER A . n 
A 1 89  SER 89  107 107 SER SER A . n 
A 1 90  ILE 90  108 108 ILE ILE A . n 
A 1 91  LYS 91  109 109 LYS LYS A . n 
A 1 92  ARG 92  110 110 ARG ARG A . n 
A 1 93  CYS 93  111 111 CYS CYS A . n 
A 1 94  ILE 94  112 112 ILE ILE A . n 
A 1 95  GLN 95  113 113 GLN GLN A . n 
A 1 96  THR 96  114 114 THR THR A . n 
A 1 97  LYS 97  115 115 LYS LYS A . n 
A 1 98  ASP 98  116 116 ASP ASP A . n 
A 1 99  GLY 99  117 117 GLY GLY A . n 
A 1 100 LYS 100 118 118 LYS LYS A . n 
A 1 101 VAL 101 119 119 VAL VAL A . n 
A 1 102 GLU 102 120 120 GLU GLU A . n 
A 1 103 CYS 103 121 121 CYS CYS A . n 
A 1 104 ILE 104 122 122 ILE ILE A . n 
A 1 105 ASN 105 123 123 ASN ASN A . n 
A 1 106 GLN 106 124 124 GLN GLN A . n 
# 
loop_
_pdbx_nonpoly_scheme.asym_id 
_pdbx_nonpoly_scheme.entity_id 
_pdbx_nonpoly_scheme.mon_id 
_pdbx_nonpoly_scheme.ndb_seq_num 
_pdbx_nonpoly_scheme.pdb_seq_num 
_pdbx_nonpoly_scheme.auth_seq_num 
_pdbx_nonpoly_scheme.pdb_mon_id 
_pdbx_nonpoly_scheme.auth_mon_id 
_pdbx_nonpoly_scheme.pdb_strand_id 
_pdbx_nonpoly_scheme.pdb_ins_code 
B 2 HOH 1   201 1   HOH HOH A . 
B 2 HOH 2   202 2   HOH HOH A . 
B 2 HOH 3   203 3   HOH HOH A . 
B 2 HOH 4   204 4   HOH HOH A . 
B 2 HOH 5   205 5   HOH HOH A . 
B 2 HOH 6   206 6   HOH HOH A . 
B 2 HOH 7   207 7   HOH HOH A . 
B 2 HOH 8   208 8   HOH HOH A . 
B 2 HOH 9   209 9   HOH HOH A . 
B 2 HOH 10  210 10  HOH HOH A . 
B 2 HOH 11  211 11  HOH HOH A . 
B 2 HOH 12  212 12  HOH HOH A . 
B 2 HOH 13  213 13  HOH HOH A . 
B 2 HOH 14  214 14  HOH HOH A . 
B 2 HOH 15  215 15  HOH HOH A . 
B 2 HOH 16  216 16  HOH HOH A . 
B 2 HOH 17  217 17  HOH HOH A . 
B 2 HOH 18  218 18  HOH HOH A . 
B 2 HOH 19  219 19  HOH HOH A . 
B 2 HOH 20  220 20  HOH HOH A . 
B 2 HOH 21  221 21  HOH HOH A . 
B 2 HOH 22  222 22  HOH HOH A . 
B 2 HOH 23  223 23  HOH HOH A . 
B 2 HOH 24  224 24  HOH HOH A . 
B 2 HOH 25  225 25  HOH HOH A . 
B 2 HOH 26  226 26  HOH HOH A . 
B 2 HOH 27  227 27  HOH HOH A . 
B 2 HOH 28  228 28  HOH HOH A . 
B 2 HOH 29  229 29  HOH HOH A . 
B 2 HOH 30  230 30  HOH HOH A . 
B 2 HOH 31  231 31  HOH HOH A . 
B 2 HOH 32  232 32  HOH HOH A . 
B 2 HOH 33  233 33  HOH HOH A . 
B 2 HOH 34  234 34  HOH HOH A . 
B 2 HOH 35  235 35  HOH HOH A . 
B 2 HOH 36  236 36  HOH HOH A . 
B 2 HOH 37  237 37  HOH HOH A . 
B 2 HOH 38  238 38  HOH HOH A . 
B 2 HOH 39  239 39  HOH HOH A . 
B 2 HOH 40  240 40  HOH HOH A . 
B 2 HOH 41  241 41  HOH HOH A . 
B 2 HOH 42  242 42  HOH HOH A . 
B 2 HOH 43  243 43  HOH HOH A . 
B 2 HOH 44  244 44  HOH HOH A . 
B 2 HOH 45  245 45  HOH HOH A . 
B 2 HOH 46  246 46  HOH HOH A . 
B 2 HOH 47  247 47  HOH HOH A . 
B 2 HOH 48  248 48  HOH HOH A . 
B 2 HOH 49  249 49  HOH HOH A . 
B 2 HOH 50  250 50  HOH HOH A . 
B 2 HOH 51  251 51  HOH HOH A . 
B 2 HOH 52  252 52  HOH HOH A . 
B 2 HOH 53  253 53  HOH HOH A . 
B 2 HOH 54  254 54  HOH HOH A . 
B 2 HOH 55  255 55  HOH HOH A . 
B 2 HOH 56  256 56  HOH HOH A . 
B 2 HOH 57  257 57  HOH HOH A . 
B 2 HOH 58  258 58  HOH HOH A . 
B 2 HOH 59  259 59  HOH HOH A . 
B 2 HOH 60  260 60  HOH HOH A . 
B 2 HOH 61  261 61  HOH HOH A . 
B 2 HOH 62  262 62  HOH HOH A . 
B 2 HOH 63  263 63  HOH HOH A . 
B 2 HOH 64  264 64  HOH HOH A . 
B 2 HOH 65  265 65  HOH HOH A . 
B 2 HOH 66  266 66  HOH HOH A . 
B 2 HOH 67  267 67  HOH HOH A . 
B 2 HOH 68  268 68  HOH HOH A . 
B 2 HOH 69  269 69  HOH HOH A . 
B 2 HOH 70  270 70  HOH HOH A . 
B 2 HOH 71  271 71  HOH HOH A . 
B 2 HOH 72  272 72  HOH HOH A . 
B 2 HOH 73  273 73  HOH HOH A . 
B 2 HOH 74  274 74  HOH HOH A . 
B 2 HOH 75  275 75  HOH HOH A . 
B 2 HOH 76  276 76  HOH HOH A . 
B 2 HOH 77  277 77  HOH HOH A . 
B 2 HOH 78  278 78  HOH HOH A . 
B 2 HOH 79  279 79  HOH HOH A . 
B 2 HOH 80  280 80  HOH HOH A . 
B 2 HOH 81  281 81  HOH HOH A . 
B 2 HOH 82  282 82  HOH HOH A . 
B 2 HOH 83  283 83  HOH HOH A . 
B 2 HOH 84  284 84  HOH HOH A . 
B 2 HOH 85  285 85  HOH HOH A . 
B 2 HOH 86  286 86  HOH HOH A . 
B 2 HOH 87  287 87  HOH HOH A . 
B 2 HOH 88  288 88  HOH HOH A . 
B 2 HOH 89  289 89  HOH HOH A . 
B 2 HOH 90  290 90  HOH HOH A . 
B 2 HOH 91  291 91  HOH HOH A . 
B 2 HOH 92  292 92  HOH HOH A . 
B 2 HOH 93  293 93  HOH HOH A . 
B 2 HOH 94  294 94  HOH HOH A . 
B 2 HOH 95  295 95  HOH HOH A . 
B 2 HOH 96  296 96  HOH HOH A . 
B 2 HOH 97  297 97  HOH HOH A . 
B 2 HOH 98  298 98  HOH HOH A . 
B 2 HOH 99  299 99  HOH HOH A . 
B 2 HOH 100 300 100 HOH HOH A . 
B 2 HOH 101 301 101 HOH HOH A . 
B 2 HOH 102 302 102 HOH HOH A . 
B 2 HOH 103 303 103 HOH HOH A . 
B 2 HOH 104 304 104 HOH HOH A . 
B 2 HOH 105 305 105 HOH HOH A . 
B 2 HOH 106 306 106 HOH HOH A . 
B 2 HOH 107 307 107 HOH HOH A . 
B 2 HOH 108 308 108 HOH HOH A . 
B 2 HOH 109 309 109 HOH HOH A . 
B 2 HOH 110 310 110 HOH HOH A . 
B 2 HOH 111 311 111 HOH HOH A . 
B 2 HOH 112 312 112 HOH HOH A . 
B 2 HOH 113 313 113 HOH HOH A . 
B 2 HOH 114 314 114 HOH HOH A . 
# 
loop_
_software.name 
_software.classification 
_software.version 
_software.citation_id 
_software.pdbx_ordinal 
EDNA   'data collection' .        ? 1 
MOLREP phasing           .        ? 2 
REFMAC refinement        5.6.0119 ? 3 
XDS    'data reduction'  .        ? 4 
SCALA  'data scaling'    .        ? 5 
# 
_cell.entry_id           4EL6 
_cell.length_a           54.388 
_cell.length_b           54.388 
_cell.length_c           56.712 
_cell.angle_alpha        90.00 
_cell.angle_beta         90.00 
_cell.angle_gamma        120.00 
_cell.Z_PDB              6 
_cell.pdbx_unique_axis   ? 
_cell.length_a_esd       ? 
_cell.length_b_esd       ? 
_cell.length_c_esd       ? 
_cell.angle_alpha_esd    ? 
_cell.angle_beta_esd     ? 
_cell.angle_gamma_esd    ? 
# 
_symmetry.entry_id                         4EL6 
_symmetry.space_group_name_H-M             'P 61' 
_symmetry.pdbx_full_space_group_name_H-M   ? 
_symmetry.cell_setting                     ? 
_symmetry.Int_Tables_number                169 
_symmetry.space_group_name_Hall            ? 
# 
_exptl.entry_id          4EL6 
_exptl.method            'X-RAY DIFFRACTION' 
_exptl.crystals_number   1 
# 
_exptl_crystal.id                    1 
_exptl_crystal.density_meas          ? 
_exptl_crystal.density_Matthews      2.02 
_exptl_crystal.density_percent_sol   39.14 
_exptl_crystal.description           ? 
_exptl_crystal.F_000                 ? 
_exptl_crystal.preparation           ? 
# 
_exptl_crystal_grow.crystal_id      1 
_exptl_crystal_grow.method          'VAPOR DIFFUSION, HANGING DROP' 
_exptl_crystal_grow.temp            293 
_exptl_crystal_grow.temp_details    ? 
_exptl_crystal_grow.pH              7.0 
_exptl_crystal_grow.pdbx_details    
'30 mM NaF, 15% 2-propanol, 8% PEG 1000, pH 7.0, VAPOR DIFFUSION, HANGING DROP, temperature 293K' 
_exptl_crystal_grow.pdbx_pH_range   ? 
# 
_diffrn.id                     1 
_diffrn.ambient_temp           100 
_diffrn.ambient_temp_details   ? 
_diffrn.crystal_id             1 
# 
_diffrn_detector.diffrn_id              1 
_diffrn_detector.detector               CCD 
_diffrn_detector.type                   'ADSC QUANTUM 315r' 
_diffrn_detector.pdbx_collection_date   2008-11-08 
_diffrn_detector.details                ? 
# 
_diffrn_radiation.diffrn_id                        1 
_diffrn_radiation.wavelength_id                    1 
_diffrn_radiation.pdbx_monochromatic_or_laue_m_l   M 
_diffrn_radiation.monochromator                    'Si 111' 
_diffrn_radiation.pdbx_diffrn_protocol             'SINGLE WAVELENGTH' 
_diffrn_radiation.pdbx_scattering_type             x-ray 
# 
_diffrn_radiation_wavelength.id           1 
_diffrn_radiation_wavelength.wavelength   0.9762 
_diffrn_radiation_wavelength.wt           1.0 
# 
_diffrn_source.diffrn_id                   1 
_diffrn_source.source                      SYNCHROTRON 
_diffrn_source.type                        'ESRF BEAMLINE ID29' 
_diffrn_source.pdbx_synchrotron_site       ESRF 
_diffrn_source.pdbx_synchrotron_beamline   ID29 
_diffrn_source.pdbx_wavelength             ? 
_diffrn_source.pdbx_wavelength_list        0.9762 
# 
_reflns.entry_id                     4EL6 
_reflns.observed_criterion_sigma_I   2.0 
_reflns.observed_criterion_sigma_F   2.0 
_reflns.d_resolution_low             47.11 
_reflns.d_resolution_high            1.71 
_reflns.number_obs                   10326 
_reflns.number_all                   10424 
_reflns.percent_possible_obs         99.0 
_reflns.pdbx_netI_over_sigmaI        ? 
_reflns.B_iso_Wilson_estimate        ? 
_reflns.pdbx_redundancy              ? 
_reflns.R_free_details               ? 
_reflns.limit_h_max                  ? 
_reflns.limit_h_min                  ? 
_reflns.limit_k_max                  ? 
_reflns.limit_k_min                  ? 
_reflns.limit_l_max                  ? 
_reflns.limit_l_min                  ? 
_reflns.observed_criterion_F_max     ? 
_reflns.observed_criterion_F_min     ? 
_reflns.pdbx_chi_squared             ? 
_reflns.pdbx_scaling_rejects         ? 
_reflns.pdbx_Rmerge_I_obs            ? 
_reflns.pdbx_Rsym_value              ? 
_reflns.pdbx_ordinal                 1 
_reflns.pdbx_diffrn_id               1 
# 
_refine.entry_id                                 4EL6 
_refine.ls_number_reflns_obs                     9824 
_refine.ls_number_reflns_all                     10424 
_refine.pdbx_ls_sigma_I                          ? 
_refine.pdbx_ls_sigma_F                          2.0 
_refine.pdbx_data_cutoff_high_absF               ? 
_refine.pdbx_data_cutoff_low_absF                ? 
_refine.pdbx_data_cutoff_high_rms_absF           ? 
_refine.ls_d_res_low                             47.11 
_refine.ls_d_res_high                            1.71 
_refine.ls_percent_reflns_obs                    98.97 
_refine.ls_R_factor_obs                          0.15485 
_refine.ls_R_factor_R_work                       0.15373 
_refine.ls_R_factor_R_free                       0.17693 
_refine.ls_R_factor_R_free_error                 ? 
_refine.ls_R_factor_R_free_error_details         ? 
_refine.ls_percent_reflns_R_free                 4.8 
_refine.ls_number_reflns_R_free                  493 
_refine.ls_number_parameters                     ? 
_refine.ls_number_restraints                     ? 
_refine.occupancy_min                            ? 
_refine.occupancy_max                            ? 
_refine.correlation_coeff_Fo_to_Fc               0.962 
_refine.correlation_coeff_Fo_to_Fc_free          0.957 
_refine.B_iso_mean                               18.481 
_refine.aniso_B[1][1]                            0.25 
_refine.aniso_B[2][2]                            0.25 
_refine.aniso_B[3][3]                            -0.37 
_refine.aniso_B[1][2]                            0.12 
_refine.aniso_B[1][3]                            0.00 
_refine.aniso_B[2][3]                            0.00 
_refine.solvent_model_details                    MASK 
_refine.solvent_model_param_ksol                 ? 
_refine.solvent_model_param_bsol                 ? 
_refine.pdbx_solvent_vdw_probe_radii             1.20 
_refine.pdbx_solvent_ion_probe_radii             0.80 
_refine.pdbx_solvent_shrinkage_radii             0.80 
_refine.pdbx_ls_cross_valid_method               THROUGHOUT 
_refine.details                                  'HYDROGENS HAVE BEEN ADDED IN THE RIDING POSITIONS' 
_refine.pdbx_starting_model                      ? 
_refine.pdbx_method_to_determine_struct          'MOLECULAR REPLACEMENT' 
_refine.pdbx_isotropic_thermal_model             ? 
_refine.pdbx_stereochemistry_target_values       'MAXIMUM LIKELIHOOD' 
_refine.pdbx_stereochem_target_val_spec_case     ? 
_refine.pdbx_R_Free_selection_details            RANDOM 
_refine.pdbx_overall_ESU_R                       0.103 
_refine.pdbx_overall_ESU_R_Free                  0.094 
_refine.overall_SU_ML                            0.061 
_refine.pdbx_overall_phase_error                 ? 
_refine.overall_SU_B                             1.837 
_refine.overall_SU_R_Cruickshank_DPI             ? 
_refine.ls_redundancy_reflns_obs                 ? 
_refine.B_iso_min                                ? 
_refine.B_iso_max                                ? 
_refine.overall_SU_R_free                        ? 
_refine.ls_wR_factor_R_free                      ? 
_refine.ls_wR_factor_R_work                      ? 
_refine.overall_FOM_free_R_set                   ? 
_refine.overall_FOM_work_R_set                   ? 
_refine.ls_R_factor_all                          ? 
_refine.pdbx_diffrn_id                           1 
_refine.pdbx_refine_id                           'X-RAY DIFFRACTION' 
_refine.pdbx_TLS_residual_ADP_flag               ? 
_refine.pdbx_overall_SU_R_free_Cruickshank_DPI   ? 
_refine.pdbx_overall_SU_R_Blow_DPI               ? 
_refine.pdbx_overall_SU_R_free_Blow_DPI          ? 
# 
_refine_hist.pdbx_refine_id                   'X-RAY DIFFRACTION' 
_refine_hist.cycle_id                         LAST 
_refine_hist.pdbx_number_atoms_protein        775 
_refine_hist.pdbx_number_atoms_nucleic_acid   0 
_refine_hist.pdbx_number_atoms_ligand         0 
_refine_hist.number_atoms_solvent             114 
_refine_hist.number_atoms_total               889 
_refine_hist.d_res_high                       1.71 
_refine_hist.d_res_low                        47.11 
# 
loop_
_refine_ls_restr.type 
_refine_ls_restr.dev_ideal 
_refine_ls_restr.dev_ideal_target 
_refine_ls_restr.weight 
_refine_ls_restr.number 
_refine_ls_restr.pdbx_restraint_function 
_refine_ls_restr.pdbx_refine_id 
r_bond_refined_d       0.020  0.020  ? 829  ? 'X-RAY DIFFRACTION' 
r_bond_other_d         0.001  0.020  ? 788  ? 'X-RAY DIFFRACTION' 
r_angle_refined_deg    1.955  1.960  ? 1134 ? 'X-RAY DIFFRACTION' 
r_angle_other_deg      0.927  3.009  ? 1786 ? 'X-RAY DIFFRACTION' 
r_dihedral_angle_1_deg 6.475  5.000  ? 106  ? 'X-RAY DIFFRACTION' 
r_dihedral_angle_2_deg 29.930 23.611 ? 36   ? 'X-RAY DIFFRACTION' 
r_dihedral_angle_3_deg 15.069 15.000 ? 139  ? 'X-RAY DIFFRACTION' 
r_dihedral_angle_4_deg 12.791 15.000 ? 4    ? 'X-RAY DIFFRACTION' 
r_chiral_restr         0.117  0.200  ? 121  ? 'X-RAY DIFFRACTION' 
r_gen_planes_refined   0.011  0.021  ? 931  ? 'X-RAY DIFFRACTION' 
r_gen_planes_other     0.001  0.020  ? 190  ? 'X-RAY DIFFRACTION' 
# 
_refine_ls_shell.pdbx_total_number_of_bins_used   20 
_refine_ls_shell.d_res_high                       1.71 
_refine_ls_shell.d_res_low                        1.751 
_refine_ls_shell.number_reflns_R_work             643 
_refine_ls_shell.R_factor_R_work                  0.191 
_refine_ls_shell.percent_reflns_obs               89.17 
_refine_ls_shell.R_factor_R_free                  0.193 
_refine_ls_shell.R_factor_R_free_error            ? 
_refine_ls_shell.percent_reflns_R_free            ? 
_refine_ls_shell.number_reflns_R_free             32 
_refine_ls_shell.number_reflns_all                ? 
_refine_ls_shell.R_factor_all                     ? 
_refine_ls_shell.number_reflns_obs                ? 
_refine_ls_shell.redundancy_reflns_obs            ? 
_refine_ls_shell.pdbx_refine_id                   'X-RAY DIFFRACTION' 
# 
_struct.entry_id                  4EL6 
_struct.title                     'Crystal structure of IPSE/alpha-1 from Schistosoma mansoni eggs' 
_struct.pdbx_model_details        ? 
_struct.pdbx_CASP_flag            ? 
_struct.pdbx_model_type_details   ? 
# 
_struct_keywords.entry_id        4EL6 
_struct_keywords.pdbx_keywords   'SIGNALING PROTEIN' 
_struct_keywords.text            'beta/gamma-crystallin superfamily, Triggers IL4 release, IgE, SIGNALING PROTEIN' 
# 
loop_
_struct_asym.id 
_struct_asym.pdbx_blank_PDB_chainid_flag 
_struct_asym.pdbx_modified 
_struct_asym.entity_id 
_struct_asym.details 
A N N 1 ? 
B N N 2 ? 
# 
_struct_ref.id                         1 
_struct_ref.db_name                    UNP 
_struct_ref.db_code                    Q869D4_SCHMA 
_struct_ref.pdbx_db_accession          Q869D4 
_struct_ref.entity_id                  1 
_struct_ref.pdbx_seq_one_letter_code   
;DSCKYCLQLYDETYERGSYIEVYKSVGSLSPPWTPGSVCVPFVNDTKRERPYWYLFDNVNYTGRITGLGHGTCIDDFTKS
GFKGISSIKRCIQTKDGKVECINQ
;
_struct_ref.pdbx_align_begin           21 
_struct_ref.pdbx_db_isoform            ? 
# 
_struct_ref_seq.align_id                      1 
_struct_ref_seq.ref_id                        1 
_struct_ref_seq.pdbx_PDB_id_code              4EL6 
_struct_ref_seq.pdbx_strand_id                A 
_struct_ref_seq.seq_align_beg                 3 
_struct_ref_seq.pdbx_seq_align_beg_ins_code   ? 
_struct_ref_seq.seq_align_end                 106 
_struct_ref_seq.pdbx_seq_align_end_ins_code   ? 
_struct_ref_seq.pdbx_db_accession             Q869D4 
_struct_ref_seq.db_align_beg                  21 
_struct_ref_seq.pdbx_db_align_beg_ins_code    ? 
_struct_ref_seq.db_align_end                  124 
_struct_ref_seq.pdbx_db_align_end_ins_code    ? 
_struct_ref_seq.pdbx_auth_seq_align_beg       21 
_struct_ref_seq.pdbx_auth_seq_align_end       124 
# 
loop_
_struct_ref_seq_dif.align_id 
_struct_ref_seq_dif.pdbx_pdb_id_code 
_struct_ref_seq_dif.mon_id 
_struct_ref_seq_dif.pdbx_pdb_strand_id 
_struct_ref_seq_dif.seq_num 
_struct_ref_seq_dif.pdbx_pdb_ins_code 
_struct_ref_seq_dif.pdbx_seq_db_name 
_struct_ref_seq_dif.pdbx_seq_db_accession_code 
_struct_ref_seq_dif.db_mon_id 
_struct_ref_seq_dif.pdbx_seq_db_seq_num 
_struct_ref_seq_dif.details 
_struct_ref_seq_dif.pdbx_auth_seq_num 
_struct_ref_seq_dif.pdbx_ordinal 
1 4EL6 GLY A 1 ? UNP Q869D4 ? ? 'expression tag' 19 1 
1 4EL6 ALA A 2 ? UNP Q869D4 ? ? 'expression tag' 20 2 
# 
_pdbx_struct_assembly.id                   1 
_pdbx_struct_assembly.details              author_and_software_defined_assembly 
_pdbx_struct_assembly.method_details       PISA 
_pdbx_struct_assembly.oligomeric_details   monomeric 
_pdbx_struct_assembly.oligomeric_count     1 
# 
_pdbx_struct_assembly_gen.assembly_id       1 
_pdbx_struct_assembly_gen.oper_expression   1 
_pdbx_struct_assembly_gen.asym_id_list      A,B 
# 
_pdbx_struct_oper_list.id                   1 
_pdbx_struct_oper_list.type                 'identity operation' 
_pdbx_struct_oper_list.name                 1_555 
_pdbx_struct_oper_list.symmetry_operation   x,y,z 
_pdbx_struct_oper_list.matrix[1][1]         1.0000000000 
_pdbx_struct_oper_list.matrix[1][2]         0.0000000000 
_pdbx_struct_oper_list.matrix[1][3]         0.0000000000 
_pdbx_struct_oper_list.vector[1]            0.0000000000 
_pdbx_struct_oper_list.matrix[2][1]         0.0000000000 
_pdbx_struct_oper_list.matrix[2][2]         1.0000000000 
_pdbx_struct_oper_list.matrix[2][3]         0.0000000000 
_pdbx_struct_oper_list.vector[2]            0.0000000000 
_pdbx_struct_oper_list.matrix[3][1]         0.0000000000 
_pdbx_struct_oper_list.matrix[3][2]         0.0000000000 
_pdbx_struct_oper_list.matrix[3][3]         1.0000000000 
_pdbx_struct_oper_list.vector[3]            0.0000000000 
# 
_struct_biol.id        1 
_struct_biol.details   ? 
# 
loop_
_struct_conf.conf_type_id 
_struct_conf.id 
_struct_conf.pdbx_PDB_helix_id 
_struct_conf.beg_label_comp_id 
_struct_conf.beg_label_asym_id 
_struct_conf.beg_label_seq_id 
_struct_conf.pdbx_beg_PDB_ins_code 
_struct_conf.end_label_comp_id 
_struct_conf.end_label_asym_id 
_struct_conf.end_label_seq_id 
_struct_conf.pdbx_end_PDB_ins_code 
_struct_conf.beg_auth_comp_id 
_struct_conf.beg_auth_asym_id 
_struct_conf.beg_auth_seq_id 
_struct_conf.end_auth_comp_id 
_struct_conf.end_auth_asym_id 
_struct_conf.end_auth_seq_id 
_struct_conf.pdbx_PDB_helix_class 
_struct_conf.details 
_struct_conf.pdbx_PDB_helix_length 
HELX_P HELX_P1 1 GLU A 14 ? ARG A 18 ? GLU A 32 ARG A 36  5 ? 5 
HELX_P HELX_P2 2 ASP A 78 ? SER A 82 ? ASP A 96 SER A 100 5 ? 5 
# 
_struct_conf_type.id          HELX_P 
_struct_conf_type.criteria    ? 
_struct_conf_type.reference   ? 
# 
loop_
_struct_conn.id 
_struct_conn.conn_type_id 
_struct_conn.pdbx_leaving_atom_flag 
_struct_conn.pdbx_PDB_id 
_struct_conn.ptnr1_label_asym_id 
_struct_conn.ptnr1_label_comp_id 
_struct_conn.ptnr1_label_seq_id 
_struct_conn.ptnr1_label_atom_id 
_struct_conn.pdbx_ptnr1_label_alt_id 
_struct_conn.pdbx_ptnr1_PDB_ins_code 
_struct_conn.pdbx_ptnr1_standard_comp_id 
_struct_conn.ptnr1_symmetry 
_struct_conn.ptnr2_label_asym_id 
_struct_conn.ptnr2_label_comp_id 
_struct_conn.ptnr2_label_seq_id 
_struct_conn.ptnr2_label_atom_id 
_struct_conn.pdbx_ptnr2_label_alt_id 
_struct_conn.pdbx_ptnr2_PDB_ins_code 
_struct_conn.ptnr1_auth_asym_id 
_struct_conn.ptnr1_auth_comp_id 
_struct_conn.ptnr1_auth_seq_id 
_struct_conn.ptnr2_auth_asym_id 
_struct_conn.ptnr2_auth_comp_id 
_struct_conn.ptnr2_auth_seq_id 
_struct_conn.ptnr2_symmetry 
_struct_conn.pdbx_ptnr3_label_atom_id 
_struct_conn.pdbx_ptnr3_label_seq_id 
_struct_conn.pdbx_ptnr3_label_comp_id 
_struct_conn.pdbx_ptnr3_label_asym_id 
_struct_conn.pdbx_ptnr3_label_alt_id 
_struct_conn.pdbx_ptnr3_PDB_ins_code 
_struct_conn.details 
_struct_conn.pdbx_dist_value 
_struct_conn.pdbx_value_order 
_struct_conn.pdbx_role 
disulf1 disulf ? ? A CYS 5  SG B ? ? 1_555 A CYS 8   SG B ? A CYS 23  A CYS 26  1_555 ? ? ? ? ? ? ? 1.993 ? ? 
disulf2 disulf ? ? A CYS 5  SG A ? ? 1_555 A CYS 8   SG A ? A CYS 23  A CYS 26  1_555 ? ? ? ? ? ? ? 2.085 ? ? 
disulf3 disulf ? ? A CYS 41 SG ? ? ? 1_555 A CYS 75  SG ? ? A CYS 59  A CYS 93  1_555 ? ? ? ? ? ? ? 2.092 ? ? 
disulf4 disulf ? ? A CYS 93 SG ? ? ? 1_555 A CYS 103 SG ? ? A CYS 111 A CYS 121 1_555 ? ? ? ? ? ? ? 1.993 ? ? 
# 
_struct_conn_type.id          disulf 
_struct_conn_type.criteria    ? 
_struct_conn_type.reference   ? 
# 
loop_
_pdbx_modification_feature.ordinal 
_pdbx_modification_feature.label_comp_id 
_pdbx_modification_feature.label_asym_id 
_pdbx_modification_feature.label_seq_id 
_pdbx_modification_feature.label_alt_id 
_pdbx_modification_feature.modified_residue_label_comp_id 
_pdbx_modification_feature.modified_residue_label_asym_id 
_pdbx_modification_feature.modified_residue_label_seq_id 
_pdbx_modification_feature.modified_residue_label_alt_id 
_pdbx_modification_feature.auth_comp_id 
_pdbx_modification_feature.auth_asym_id 
_pdbx_modification_feature.auth_seq_id 
_pdbx_modification_feature.PDB_ins_code 
_pdbx_modification_feature.symmetry 
_pdbx_modification_feature.modified_residue_auth_comp_id 
_pdbx_modification_feature.modified_residue_auth_asym_id 
_pdbx_modification_feature.modified_residue_auth_seq_id 
_pdbx_modification_feature.modified_residue_PDB_ins_code 
_pdbx_modification_feature.modified_residue_symmetry 
_pdbx_modification_feature.comp_id_linking_atom 
_pdbx_modification_feature.modified_residue_id_linking_atom 
_pdbx_modification_feature.modified_residue_id 
_pdbx_modification_feature.ref_pcm_id 
_pdbx_modification_feature.ref_comp_id 
_pdbx_modification_feature.type 
_pdbx_modification_feature.category 
1 CYS A 5  A CYS A 8   A CYS A 23  ? 1_555 CYS A 26  ? 1_555 SG SG . . . None 'Disulfide bridge' 
2 CYS A 5  B CYS A 8   B CYS A 23  ? 1_555 CYS A 26  ? 1_555 SG SG . . . None 'Disulfide bridge' 
3 CYS A 41 ? CYS A 75  ? CYS A 59  ? 1_555 CYS A 93  ? 1_555 SG SG . . . None 'Disulfide bridge' 
4 CYS A 93 ? CYS A 103 ? CYS A 111 ? 1_555 CYS A 121 ? 1_555 SG SG . . . None 'Disulfide bridge' 
# 
_struct_mon_prot_cis.pdbx_id                1 
_struct_mon_prot_cis.label_comp_id          SER 
_struct_mon_prot_cis.label_seq_id           32 
_struct_mon_prot_cis.label_asym_id          A 
_struct_mon_prot_cis.label_alt_id           . 
_struct_mon_prot_cis.pdbx_PDB_ins_code      ? 
_struct_mon_prot_cis.auth_comp_id           SER 
_struct_mon_prot_cis.auth_seq_id            50 
_struct_mon_prot_cis.auth_asym_id           A 
_struct_mon_prot_cis.pdbx_label_comp_id_2   PRO 
_struct_mon_prot_cis.pdbx_label_seq_id_2    33 
_struct_mon_prot_cis.pdbx_label_asym_id_2   A 
_struct_mon_prot_cis.pdbx_PDB_ins_code_2    ? 
_struct_mon_prot_cis.pdbx_auth_comp_id_2    PRO 
_struct_mon_prot_cis.pdbx_auth_seq_id_2     51 
_struct_mon_prot_cis.pdbx_auth_asym_id_2    A 
_struct_mon_prot_cis.pdbx_PDB_model_num     1 
_struct_mon_prot_cis.pdbx_omega_angle       -8.24 
# 
loop_
_struct_sheet.id 
_struct_sheet.type 
_struct_sheet.number_strands 
_struct_sheet.details 
A ? 4 ? 
B ? 3 ? 
# 
loop_
_struct_sheet_order.sheet_id 
_struct_sheet_order.range_id_1 
_struct_sheet_order.range_id_2 
_struct_sheet_order.offset 
_struct_sheet_order.sense 
A 1 2 ? anti-parallel 
A 2 3 ? anti-parallel 
A 3 4 ? anti-parallel 
B 1 2 ? anti-parallel 
B 2 3 ? anti-parallel 
# 
loop_
_struct_sheet_range.sheet_id 
_struct_sheet_range.id 
_struct_sheet_range.beg_label_comp_id 
_struct_sheet_range.beg_label_asym_id 
_struct_sheet_range.beg_label_seq_id 
_struct_sheet_range.pdbx_beg_PDB_ins_code 
_struct_sheet_range.end_label_comp_id 
_struct_sheet_range.end_label_asym_id 
_struct_sheet_range.end_label_seq_id 
_struct_sheet_range.pdbx_end_PDB_ins_code 
_struct_sheet_range.beg_auth_comp_id 
_struct_sheet_range.beg_auth_asym_id 
_struct_sheet_range.beg_auth_seq_id 
_struct_sheet_range.end_auth_comp_id 
_struct_sheet_range.end_auth_asym_id 
_struct_sheet_range.end_auth_seq_id 
A 1 TYR A 21 ? VAL A 24 ? TYR A 39  VAL A 42  
A 2 LEU A 9  ? TYR A 12 ? LEU A 27  TYR A 30  
A 3 SER A 39 ? CYS A 41 ? SER A 57  CYS A 59  
A 4 CYS A 75 ? ILE A 76 ? CYS A 93  ILE A 94  
B 1 ILE A 67 ? GLY A 71 ? ILE A 85  GLY A 89  
B 2 ARG A 52 ? PHE A 58 ? ARG A 70  PHE A 76  
B 3 SER A 89 ? GLN A 95 ? SER A 107 GLN A 113 
# 
loop_
_pdbx_struct_sheet_hbond.sheet_id 
_pdbx_struct_sheet_hbond.range_id_1 
_pdbx_struct_sheet_hbond.range_id_2 
_pdbx_struct_sheet_hbond.range_1_label_atom_id 
_pdbx_struct_sheet_hbond.range_1_label_comp_id 
_pdbx_struct_sheet_hbond.range_1_label_asym_id 
_pdbx_struct_sheet_hbond.range_1_label_seq_id 
_pdbx_struct_sheet_hbond.range_1_PDB_ins_code 
_pdbx_struct_sheet_hbond.range_1_auth_atom_id 
_pdbx_struct_sheet_hbond.range_1_auth_comp_id 
_pdbx_struct_sheet_hbond.range_1_auth_asym_id 
_pdbx_struct_sheet_hbond.range_1_auth_seq_id 
_pdbx_struct_sheet_hbond.range_2_label_atom_id 
_pdbx_struct_sheet_hbond.range_2_label_comp_id 
_pdbx_struct_sheet_hbond.range_2_label_asym_id 
_pdbx_struct_sheet_hbond.range_2_label_seq_id 
_pdbx_struct_sheet_hbond.range_2_PDB_ins_code 
_pdbx_struct_sheet_hbond.range_2_auth_atom_id 
_pdbx_struct_sheet_hbond.range_2_auth_comp_id 
_pdbx_struct_sheet_hbond.range_2_auth_asym_id 
_pdbx_struct_sheet_hbond.range_2_auth_seq_id 
A 1 2 O VAL A 24 ? O VAL A 42 N LEU A 9  ? N LEU A 27  
A 2 3 N GLN A 10 ? N GLN A 28 O CYS A 41 ? O CYS A 59  
A 3 4 N VAL A 40 ? N VAL A 58 O ILE A 76 ? O ILE A 94  
B 1 2 O LEU A 70 ? O LEU A 88 N TRP A 55 ? N TRP A 73  
B 2 3 N ARG A 52 ? N ARG A 70 O GLN A 95 ? O GLN A 113 
# 
_pdbx_entry_details.entry_id                   4EL6 
_pdbx_entry_details.compound_details           ? 
_pdbx_entry_details.source_details             ? 
_pdbx_entry_details.nonpolymer_details         ? 
_pdbx_entry_details.sequence_details           ? 
_pdbx_entry_details.has_ligand_of_interest     ? 
_pdbx_entry_details.has_protein_modification   Y 
# 
_pdbx_validate_close_contact.id               1 
_pdbx_validate_close_contact.PDB_model_num    1 
_pdbx_validate_close_contact.auth_atom_id_1   NH2 
_pdbx_validate_close_contact.auth_asym_id_1   A 
_pdbx_validate_close_contact.auth_comp_id_1   ARG 
_pdbx_validate_close_contact.auth_seq_id_1    70 
_pdbx_validate_close_contact.PDB_ins_code_1   ? 
_pdbx_validate_close_contact.label_alt_id_1   ? 
_pdbx_validate_close_contact.auth_atom_id_2   O 
_pdbx_validate_close_contact.auth_asym_id_2   A 
_pdbx_validate_close_contact.auth_comp_id_2   THR 
_pdbx_validate_close_contact.auth_seq_id_2    114 
_pdbx_validate_close_contact.PDB_ins_code_2   ? 
_pdbx_validate_close_contact.label_alt_id_2   ? 
_pdbx_validate_close_contact.dist             2.17 
# 
_pdbx_validate_rmsd_angle.id                         1 
_pdbx_validate_rmsd_angle.PDB_model_num              1 
_pdbx_validate_rmsd_angle.auth_atom_id_1             CA 
_pdbx_validate_rmsd_angle.auth_asym_id_1             A 
_pdbx_validate_rmsd_angle.auth_comp_id_1             CYS 
_pdbx_validate_rmsd_angle.auth_seq_id_1              23 
_pdbx_validate_rmsd_angle.PDB_ins_code_1             ? 
_pdbx_validate_rmsd_angle.label_alt_id_1             A 
_pdbx_validate_rmsd_angle.auth_atom_id_2             CB 
_pdbx_validate_rmsd_angle.auth_asym_id_2             A 
_pdbx_validate_rmsd_angle.auth_comp_id_2             CYS 
_pdbx_validate_rmsd_angle.auth_seq_id_2              23 
_pdbx_validate_rmsd_angle.PDB_ins_code_2             ? 
_pdbx_validate_rmsd_angle.label_alt_id_2             A 
_pdbx_validate_rmsd_angle.auth_atom_id_3             SG 
_pdbx_validate_rmsd_angle.auth_asym_id_3             A 
_pdbx_validate_rmsd_angle.auth_comp_id_3             CYS 
_pdbx_validate_rmsd_angle.auth_seq_id_3              23 
_pdbx_validate_rmsd_angle.PDB_ins_code_3             ? 
_pdbx_validate_rmsd_angle.label_alt_id_3             A 
_pdbx_validate_rmsd_angle.angle_value                123.23 
_pdbx_validate_rmsd_angle.angle_target_value         114.20 
_pdbx_validate_rmsd_angle.angle_deviation            9.03 
_pdbx_validate_rmsd_angle.angle_standard_deviation   1.10 
_pdbx_validate_rmsd_angle.linker_flag                N 
# 
loop_
_pdbx_unobs_or_zero_occ_residues.id 
_pdbx_unobs_or_zero_occ_residues.PDB_model_num 
_pdbx_unobs_or_zero_occ_residues.polymer_flag 
_pdbx_unobs_or_zero_occ_residues.occupancy_flag 
_pdbx_unobs_or_zero_occ_residues.auth_asym_id 
_pdbx_unobs_or_zero_occ_residues.auth_comp_id 
_pdbx_unobs_or_zero_occ_residues.auth_seq_id 
_pdbx_unobs_or_zero_occ_residues.PDB_ins_code 
_pdbx_unobs_or_zero_occ_residues.label_asym_id 
_pdbx_unobs_or_zero_occ_residues.label_comp_id 
_pdbx_unobs_or_zero_occ_residues.label_seq_id 
1 1 Y 1 A GLY 19 ? A GLY 1  
2 1 Y 1 A ALA 20 ? A ALA 2  
3 1 Y 1 A ASP 21 ? A ASP 3  
4 1 Y 1 A SER 22 ? A SER 4  
5 1 Y 1 A ASN 64 ? A ASN 46 
6 1 Y 1 A ASP 65 ? A ASP 47 
7 1 Y 1 A THR 66 ? A THR 48 
8 1 Y 1 A LYS 67 ? A LYS 49 
9 1 Y 1 A ARG 68 ? A ARG 50 
# 
loop_
_chem_comp_atom.comp_id 
_chem_comp_atom.atom_id 
_chem_comp_atom.type_symbol 
_chem_comp_atom.pdbx_aromatic_flag 
_chem_comp_atom.pdbx_stereo_config 
_chem_comp_atom.pdbx_ordinal 
ALA N    N N N 1   
ALA CA   C N S 2   
ALA C    C N N 3   
ALA O    O N N 4   
ALA CB   C N N 5   
ALA OXT  O N N 6   
ALA H    H N N 7   
ALA H2   H N N 8   
ALA HA   H N N 9   
ALA HB1  H N N 10  
ALA HB2  H N N 11  
ALA HB3  H N N 12  
ALA HXT  H N N 13  
ARG N    N N N 14  
ARG CA   C N S 15  
ARG C    C N N 16  
ARG O    O N N 17  
ARG CB   C N N 18  
ARG CG   C N N 19  
ARG CD   C N N 20  
ARG NE   N N N 21  
ARG CZ   C N N 22  
ARG NH1  N N N 23  
ARG NH2  N N N 24  
ARG OXT  O N N 25  
ARG H    H N N 26  
ARG H2   H N N 27  
ARG HA   H N N 28  
ARG HB2  H N N 29  
ARG HB3  H N N 30  
ARG HG2  H N N 31  
ARG HG3  H N N 32  
ARG HD2  H N N 33  
ARG HD3  H N N 34  
ARG HE   H N N 35  
ARG HH11 H N N 36  
ARG HH12 H N N 37  
ARG HH21 H N N 38  
ARG HH22 H N N 39  
ARG HXT  H N N 40  
ASN N    N N N 41  
ASN CA   C N S 42  
ASN C    C N N 43  
ASN O    O N N 44  
ASN CB   C N N 45  
ASN CG   C N N 46  
ASN OD1  O N N 47  
ASN ND2  N N N 48  
ASN OXT  O N N 49  
ASN H    H N N 50  
ASN H2   H N N 51  
ASN HA   H N N 52  
ASN HB2  H N N 53  
ASN HB3  H N N 54  
ASN HD21 H N N 55  
ASN HD22 H N N 56  
ASN HXT  H N N 57  
ASP N    N N N 58  
ASP CA   C N S 59  
ASP C    C N N 60  
ASP O    O N N 61  
ASP CB   C N N 62  
ASP CG   C N N 63  
ASP OD1  O N N 64  
ASP OD2  O N N 65  
ASP OXT  O N N 66  
ASP H    H N N 67  
ASP H2   H N N 68  
ASP HA   H N N 69  
ASP HB2  H N N 70  
ASP HB3  H N N 71  
ASP HD2  H N N 72  
ASP HXT  H N N 73  
CYS N    N N N 74  
CYS CA   C N R 75  
CYS C    C N N 76  
CYS O    O N N 77  
CYS CB   C N N 78  
CYS SG   S N N 79  
CYS OXT  O N N 80  
CYS H    H N N 81  
CYS H2   H N N 82  
CYS HA   H N N 83  
CYS HB2  H N N 84  
CYS HB3  H N N 85  
CYS HG   H N N 86  
CYS HXT  H N N 87  
GLN N    N N N 88  
GLN CA   C N S 89  
GLN C    C N N 90  
GLN O    O N N 91  
GLN CB   C N N 92  
GLN CG   C N N 93  
GLN CD   C N N 94  
GLN OE1  O N N 95  
GLN NE2  N N N 96  
GLN OXT  O N N 97  
GLN H    H N N 98  
GLN H2   H N N 99  
GLN HA   H N N 100 
GLN HB2  H N N 101 
GLN HB3  H N N 102 
GLN HG2  H N N 103 
GLN HG3  H N N 104 
GLN HE21 H N N 105 
GLN HE22 H N N 106 
GLN HXT  H N N 107 
GLU N    N N N 108 
GLU CA   C N S 109 
GLU C    C N N 110 
GLU O    O N N 111 
GLU CB   C N N 112 
GLU CG   C N N 113 
GLU CD   C N N 114 
GLU OE1  O N N 115 
GLU OE2  O N N 116 
GLU OXT  O N N 117 
GLU H    H N N 118 
GLU H2   H N N 119 
GLU HA   H N N 120 
GLU HB2  H N N 121 
GLU HB3  H N N 122 
GLU HG2  H N N 123 
GLU HG3  H N N 124 
GLU HE2  H N N 125 
GLU HXT  H N N 126 
GLY N    N N N 127 
GLY CA   C N N 128 
GLY C    C N N 129 
GLY O    O N N 130 
GLY OXT  O N N 131 
GLY H    H N N 132 
GLY H2   H N N 133 
GLY HA2  H N N 134 
GLY HA3  H N N 135 
GLY HXT  H N N 136 
HIS N    N N N 137 
HIS CA   C N S 138 
HIS C    C N N 139 
HIS O    O N N 140 
HIS CB   C N N 141 
HIS CG   C Y N 142 
HIS ND1  N Y N 143 
HIS CD2  C Y N 144 
HIS CE1  C Y N 145 
HIS NE2  N Y N 146 
HIS OXT  O N N 147 
HIS H    H N N 148 
HIS H2   H N N 149 
HIS HA   H N N 150 
HIS HB2  H N N 151 
HIS HB3  H N N 152 
HIS HD1  H N N 153 
HIS HD2  H N N 154 
HIS HE1  H N N 155 
HIS HE2  H N N 156 
HIS HXT  H N N 157 
HOH O    O N N 158 
HOH H1   H N N 159 
HOH H2   H N N 160 
ILE N    N N N 161 
ILE CA   C N S 162 
ILE C    C N N 163 
ILE O    O N N 164 
ILE CB   C N S 165 
ILE CG1  C N N 166 
ILE CG2  C N N 167 
ILE CD1  C N N 168 
ILE OXT  O N N 169 
ILE H    H N N 170 
ILE H2   H N N 171 
ILE HA   H N N 172 
ILE HB   H N N 173 
ILE HG12 H N N 174 
ILE HG13 H N N 175 
ILE HG21 H N N 176 
ILE HG22 H N N 177 
ILE HG23 H N N 178 
ILE HD11 H N N 179 
ILE HD12 H N N 180 
ILE HD13 H N N 181 
ILE HXT  H N N 182 
LEU N    N N N 183 
LEU CA   C N S 184 
LEU C    C N N 185 
LEU O    O N N 186 
LEU CB   C N N 187 
LEU CG   C N N 188 
LEU CD1  C N N 189 
LEU CD2  C N N 190 
LEU OXT  O N N 191 
LEU H    H N N 192 
LEU H2   H N N 193 
LEU HA   H N N 194 
LEU HB2  H N N 195 
LEU HB3  H N N 196 
LEU HG   H N N 197 
LEU HD11 H N N 198 
LEU HD12 H N N 199 
LEU HD13 H N N 200 
LEU HD21 H N N 201 
LEU HD22 H N N 202 
LEU HD23 H N N 203 
LEU HXT  H N N 204 
LYS N    N N N 205 
LYS CA   C N S 206 
LYS C    C N N 207 
LYS O    O N N 208 
LYS CB   C N N 209 
LYS CG   C N N 210 
LYS CD   C N N 211 
LYS CE   C N N 212 
LYS NZ   N N N 213 
LYS OXT  O N N 214 
LYS H    H N N 215 
LYS H2   H N N 216 
LYS HA   H N N 217 
LYS HB2  H N N 218 
LYS HB3  H N N 219 
LYS HG2  H N N 220 
LYS HG3  H N N 221 
LYS HD2  H N N 222 
LYS HD3  H N N 223 
LYS HE2  H N N 224 
LYS HE3  H N N 225 
LYS HZ1  H N N 226 
LYS HZ2  H N N 227 
LYS HZ3  H N N 228 
LYS HXT  H N N 229 
PHE N    N N N 230 
PHE CA   C N S 231 
PHE C    C N N 232 
PHE O    O N N 233 
PHE CB   C N N 234 
PHE CG   C Y N 235 
PHE CD1  C Y N 236 
PHE CD2  C Y N 237 
PHE CE1  C Y N 238 
PHE CE2  C Y N 239 
PHE CZ   C Y N 240 
PHE OXT  O N N 241 
PHE H    H N N 242 
PHE H2   H N N 243 
PHE HA   H N N 244 
PHE HB2  H N N 245 
PHE HB3  H N N 246 
PHE HD1  H N N 247 
PHE HD2  H N N 248 
PHE HE1  H N N 249 
PHE HE2  H N N 250 
PHE HZ   H N N 251 
PHE HXT  H N N 252 
PRO N    N N N 253 
PRO CA   C N S 254 
PRO C    C N N 255 
PRO O    O N N 256 
PRO CB   C N N 257 
PRO CG   C N N 258 
PRO CD   C N N 259 
PRO OXT  O N N 260 
PRO H    H N N 261 
PRO HA   H N N 262 
PRO HB2  H N N 263 
PRO HB3  H N N 264 
PRO HG2  H N N 265 
PRO HG3  H N N 266 
PRO HD2  H N N 267 
PRO HD3  H N N 268 
PRO HXT  H N N 269 
SER N    N N N 270 
SER CA   C N S 271 
SER C    C N N 272 
SER O    O N N 273 
SER CB   C N N 274 
SER OG   O N N 275 
SER OXT  O N N 276 
SER H    H N N 277 
SER H2   H N N 278 
SER HA   H N N 279 
SER HB2  H N N 280 
SER HB3  H N N 281 
SER HG   H N N 282 
SER HXT  H N N 283 
THR N    N N N 284 
THR CA   C N S 285 
THR C    C N N 286 
THR O    O N N 287 
THR CB   C N R 288 
THR OG1  O N N 289 
THR CG2  C N N 290 
THR OXT  O N N 291 
THR H    H N N 292 
THR H2   H N N 293 
THR HA   H N N 294 
THR HB   H N N 295 
THR HG1  H N N 296 
THR HG21 H N N 297 
THR HG22 H N N 298 
THR HG23 H N N 299 
THR HXT  H N N 300 
TRP N    N N N 301 
TRP CA   C N S 302 
TRP C    C N N 303 
TRP O    O N N 304 
TRP CB   C N N 305 
TRP CG   C Y N 306 
TRP CD1  C Y N 307 
TRP CD2  C Y N 308 
TRP NE1  N Y N 309 
TRP CE2  C Y N 310 
TRP CE3  C Y N 311 
TRP CZ2  C Y N 312 
TRP CZ3  C Y N 313 
TRP CH2  C Y N 314 
TRP OXT  O N N 315 
TRP H    H N N 316 
TRP H2   H N N 317 
TRP HA   H N N 318 
TRP HB2  H N N 319 
TRP HB3  H N N 320 
TRP HD1  H N N 321 
TRP HE1  H N N 322 
TRP HE3  H N N 323 
TRP HZ2  H N N 324 
TRP HZ3  H N N 325 
TRP HH2  H N N 326 
TRP HXT  H N N 327 
TYR N    N N N 328 
TYR CA   C N S 329 
TYR C    C N N 330 
TYR O    O N N 331 
TYR CB   C N N 332 
TYR CG   C Y N 333 
TYR CD1  C Y N 334 
TYR CD2  C Y N 335 
TYR CE1  C Y N 336 
TYR CE2  C Y N 337 
TYR CZ   C Y N 338 
TYR OH   O N N 339 
TYR OXT  O N N 340 
TYR H    H N N 341 
TYR H2   H N N 342 
TYR HA   H N N 343 
TYR HB2  H N N 344 
TYR HB3  H N N 345 
TYR HD1  H N N 346 
TYR HD2  H N N 347 
TYR HE1  H N N 348 
TYR HE2  H N N 349 
TYR HH   H N N 350 
TYR HXT  H N N 351 
VAL N    N N N 352 
VAL CA   C N S 353 
VAL C    C N N 354 
VAL O    O N N 355 
VAL CB   C N N 356 
VAL CG1  C N N 357 
VAL CG2  C N N 358 
VAL OXT  O N N 359 
VAL H    H N N 360 
VAL H2   H N N 361 
VAL HA   H N N 362 
VAL HB   H N N 363 
VAL HG11 H N N 364 
VAL HG12 H N N 365 
VAL HG13 H N N 366 
VAL HG21 H N N 367 
VAL HG22 H N N 368 
VAL HG23 H N N 369 
VAL HXT  H N N 370 
# 
loop_
_chem_comp_bond.comp_id 
_chem_comp_bond.atom_id_1 
_chem_comp_bond.atom_id_2 
_chem_comp_bond.value_order 
_chem_comp_bond.pdbx_aromatic_flag 
_chem_comp_bond.pdbx_stereo_config 
_chem_comp_bond.pdbx_ordinal 
ALA N   CA   sing N N 1   
ALA N   H    sing N N 2   
ALA N   H2   sing N N 3   
ALA CA  C    sing N N 4   
ALA CA  CB   sing N N 5   
ALA CA  HA   sing N N 6   
ALA C   O    doub N N 7   
ALA C   OXT  sing N N 8   
ALA CB  HB1  sing N N 9   
ALA CB  HB2  sing N N 10  
ALA CB  HB3  sing N N 11  
ALA OXT HXT  sing N N 12  
ARG N   CA   sing N N 13  
ARG N   H    sing N N 14  
ARG N   H2   sing N N 15  
ARG CA  C    sing N N 16  
ARG CA  CB   sing N N 17  
ARG CA  HA   sing N N 18  
ARG C   O    doub N N 19  
ARG C   OXT  sing N N 20  
ARG CB  CG   sing N N 21  
ARG CB  HB2  sing N N 22  
ARG CB  HB3  sing N N 23  
ARG CG  CD   sing N N 24  
ARG CG  HG2  sing N N 25  
ARG CG  HG3  sing N N 26  
ARG CD  NE   sing N N 27  
ARG CD  HD2  sing N N 28  
ARG CD  HD3  sing N N 29  
ARG NE  CZ   sing N N 30  
ARG NE  HE   sing N N 31  
ARG CZ  NH1  sing N N 32  
ARG CZ  NH2  doub N N 33  
ARG NH1 HH11 sing N N 34  
ARG NH1 HH12 sing N N 35  
ARG NH2 HH21 sing N N 36  
ARG NH2 HH22 sing N N 37  
ARG OXT HXT  sing N N 38  
ASN N   CA   sing N N 39  
ASN N   H    sing N N 40  
ASN N   H2   sing N N 41  
ASN CA  C    sing N N 42  
ASN CA  CB   sing N N 43  
ASN CA  HA   sing N N 44  
ASN C   O    doub N N 45  
ASN C   OXT  sing N N 46  
ASN CB  CG   sing N N 47  
ASN CB  HB2  sing N N 48  
ASN CB  HB3  sing N N 49  
ASN CG  OD1  doub N N 50  
ASN CG  ND2  sing N N 51  
ASN ND2 HD21 sing N N 52  
ASN ND2 HD22 sing N N 53  
ASN OXT HXT  sing N N 54  
ASP N   CA   sing N N 55  
ASP N   H    sing N N 56  
ASP N   H2   sing N N 57  
ASP CA  C    sing N N 58  
ASP CA  CB   sing N N 59  
ASP CA  HA   sing N N 60  
ASP C   O    doub N N 61  
ASP C   OXT  sing N N 62  
ASP CB  CG   sing N N 63  
ASP CB  HB2  sing N N 64  
ASP CB  HB3  sing N N 65  
ASP CG  OD1  doub N N 66  
ASP CG  OD2  sing N N 67  
ASP OD2 HD2  sing N N 68  
ASP OXT HXT  sing N N 69  
CYS N   CA   sing N N 70  
CYS N   H    sing N N 71  
CYS N   H2   sing N N 72  
CYS CA  C    sing N N 73  
CYS CA  CB   sing N N 74  
CYS CA  HA   sing N N 75  
CYS C   O    doub N N 76  
CYS C   OXT  sing N N 77  
CYS CB  SG   sing N N 78  
CYS CB  HB2  sing N N 79  
CYS CB  HB3  sing N N 80  
CYS SG  HG   sing N N 81  
CYS OXT HXT  sing N N 82  
GLN N   CA   sing N N 83  
GLN N   H    sing N N 84  
GLN N   H2   sing N N 85  
GLN CA  C    sing N N 86  
GLN CA  CB   sing N N 87  
GLN CA  HA   sing N N 88  
GLN C   O    doub N N 89  
GLN C   OXT  sing N N 90  
GLN CB  CG   sing N N 91  
GLN CB  HB2  sing N N 92  
GLN CB  HB3  sing N N 93  
GLN CG  CD   sing N N 94  
GLN CG  HG2  sing N N 95  
GLN CG  HG3  sing N N 96  
GLN CD  OE1  doub N N 97  
GLN CD  NE2  sing N N 98  
GLN NE2 HE21 sing N N 99  
GLN NE2 HE22 sing N N 100 
GLN OXT HXT  sing N N 101 
GLU N   CA   sing N N 102 
GLU N   H    sing N N 103 
GLU N   H2   sing N N 104 
GLU CA  C    sing N N 105 
GLU CA  CB   sing N N 106 
GLU CA  HA   sing N N 107 
GLU C   O    doub N N 108 
GLU C   OXT  sing N N 109 
GLU CB  CG   sing N N 110 
GLU CB  HB2  sing N N 111 
GLU CB  HB3  sing N N 112 
GLU CG  CD   sing N N 113 
GLU CG  HG2  sing N N 114 
GLU CG  HG3  sing N N 115 
GLU CD  OE1  doub N N 116 
GLU CD  OE2  sing N N 117 
GLU OE2 HE2  sing N N 118 
GLU OXT HXT  sing N N 119 
GLY N   CA   sing N N 120 
GLY N   H    sing N N 121 
GLY N   H2   sing N N 122 
GLY CA  C    sing N N 123 
GLY CA  HA2  sing N N 124 
GLY CA  HA3  sing N N 125 
GLY C   O    doub N N 126 
GLY C   OXT  sing N N 127 
GLY OXT HXT  sing N N 128 
HIS N   CA   sing N N 129 
HIS N   H    sing N N 130 
HIS N   H2   sing N N 131 
HIS CA  C    sing N N 132 
HIS CA  CB   sing N N 133 
HIS CA  HA   sing N N 134 
HIS C   O    doub N N 135 
HIS C   OXT  sing N N 136 
HIS CB  CG   sing N N 137 
HIS CB  HB2  sing N N 138 
HIS CB  HB3  sing N N 139 
HIS CG  ND1  sing Y N 140 
HIS CG  CD2  doub Y N 141 
HIS ND1 CE1  doub Y N 142 
HIS ND1 HD1  sing N N 143 
HIS CD2 NE2  sing Y N 144 
HIS CD2 HD2  sing N N 145 
HIS CE1 NE2  sing Y N 146 
HIS CE1 HE1  sing N N 147 
HIS NE2 HE2  sing N N 148 
HIS OXT HXT  sing N N 149 
HOH O   H1   sing N N 150 
HOH O   H2   sing N N 151 
ILE N   CA   sing N N 152 
ILE N   H    sing N N 153 
ILE N   H2   sing N N 154 
ILE CA  C    sing N N 155 
ILE CA  CB   sing N N 156 
ILE CA  HA   sing N N 157 
ILE C   O    doub N N 158 
ILE C   OXT  sing N N 159 
ILE CB  CG1  sing N N 160 
ILE CB  CG2  sing N N 161 
ILE CB  HB   sing N N 162 
ILE CG1 CD1  sing N N 163 
ILE CG1 HG12 sing N N 164 
ILE CG1 HG13 sing N N 165 
ILE CG2 HG21 sing N N 166 
ILE CG2 HG22 sing N N 167 
ILE CG2 HG23 sing N N 168 
ILE CD1 HD11 sing N N 169 
ILE CD1 HD12 sing N N 170 
ILE CD1 HD13 sing N N 171 
ILE OXT HXT  sing N N 172 
LEU N   CA   sing N N 173 
LEU N   H    sing N N 174 
LEU N   H2   sing N N 175 
LEU CA  C    sing N N 176 
LEU CA  CB   sing N N 177 
LEU CA  HA   sing N N 178 
LEU C   O    doub N N 179 
LEU C   OXT  sing N N 180 
LEU CB  CG   sing N N 181 
LEU CB  HB2  sing N N 182 
LEU CB  HB3  sing N N 183 
LEU CG  CD1  sing N N 184 
LEU CG  CD2  sing N N 185 
LEU CG  HG   sing N N 186 
LEU CD1 HD11 sing N N 187 
LEU CD1 HD12 sing N N 188 
LEU CD1 HD13 sing N N 189 
LEU CD2 HD21 sing N N 190 
LEU CD2 HD22 sing N N 191 
LEU CD2 HD23 sing N N 192 
LEU OXT HXT  sing N N 193 
LYS N   CA   sing N N 194 
LYS N   H    sing N N 195 
LYS N   H2   sing N N 196 
LYS CA  C    sing N N 197 
LYS CA  CB   sing N N 198 
LYS CA  HA   sing N N 199 
LYS C   O    doub N N 200 
LYS C   OXT  sing N N 201 
LYS CB  CG   sing N N 202 
LYS CB  HB2  sing N N 203 
LYS CB  HB3  sing N N 204 
LYS CG  CD   sing N N 205 
LYS CG  HG2  sing N N 206 
LYS CG  HG3  sing N N 207 
LYS CD  CE   sing N N 208 
LYS CD  HD2  sing N N 209 
LYS CD  HD3  sing N N 210 
LYS CE  NZ   sing N N 211 
LYS CE  HE2  sing N N 212 
LYS CE  HE3  sing N N 213 
LYS NZ  HZ1  sing N N 214 
LYS NZ  HZ2  sing N N 215 
LYS NZ  HZ3  sing N N 216 
LYS OXT HXT  sing N N 217 
PHE N   CA   sing N N 218 
PHE N   H    sing N N 219 
PHE N   H2   sing N N 220 
PHE CA  C    sing N N 221 
PHE CA  CB   sing N N 222 
PHE CA  HA   sing N N 223 
PHE C   O    doub N N 224 
PHE C   OXT  sing N N 225 
PHE CB  CG   sing N N 226 
PHE CB  HB2  sing N N 227 
PHE CB  HB3  sing N N 228 
PHE CG  CD1  doub Y N 229 
PHE CG  CD2  sing Y N 230 
PHE CD1 CE1  sing Y N 231 
PHE CD1 HD1  sing N N 232 
PHE CD2 CE2  doub Y N 233 
PHE CD2 HD2  sing N N 234 
PHE CE1 CZ   doub Y N 235 
PHE CE1 HE1  sing N N 236 
PHE CE2 CZ   sing Y N 237 
PHE CE2 HE2  sing N N 238 
PHE CZ  HZ   sing N N 239 
PHE OXT HXT  sing N N 240 
PRO N   CA   sing N N 241 
PRO N   CD   sing N N 242 
PRO N   H    sing N N 243 
PRO CA  C    sing N N 244 
PRO CA  CB   sing N N 245 
PRO CA  HA   sing N N 246 
PRO C   O    doub N N 247 
PRO C   OXT  sing N N 248 
PRO CB  CG   sing N N 249 
PRO CB  HB2  sing N N 250 
PRO CB  HB3  sing N N 251 
PRO CG  CD   sing N N 252 
PRO CG  HG2  sing N N 253 
PRO CG  HG3  sing N N 254 
PRO CD  HD2  sing N N 255 
PRO CD  HD3  sing N N 256 
PRO OXT HXT  sing N N 257 
SER N   CA   sing N N 258 
SER N   H    sing N N 259 
SER N   H2   sing N N 260 
SER CA  C    sing N N 261 
SER CA  CB   sing N N 262 
SER CA  HA   sing N N 263 
SER C   O    doub N N 264 
SER C   OXT  sing N N 265 
SER CB  OG   sing N N 266 
SER CB  HB2  sing N N 267 
SER CB  HB3  sing N N 268 
SER OG  HG   sing N N 269 
SER OXT HXT  sing N N 270 
THR N   CA   sing N N 271 
THR N   H    sing N N 272 
THR N   H2   sing N N 273 
THR CA  C    sing N N 274 
THR CA  CB   sing N N 275 
THR CA  HA   sing N N 276 
THR C   O    doub N N 277 
THR C   OXT  sing N N 278 
THR CB  OG1  sing N N 279 
THR CB  CG2  sing N N 280 
THR CB  HB   sing N N 281 
THR OG1 HG1  sing N N 282 
THR CG2 HG21 sing N N 283 
THR CG2 HG22 sing N N 284 
THR CG2 HG23 sing N N 285 
THR OXT HXT  sing N N 286 
TRP N   CA   sing N N 287 
TRP N   H    sing N N 288 
TRP N   H2   sing N N 289 
TRP CA  C    sing N N 290 
TRP CA  CB   sing N N 291 
TRP CA  HA   sing N N 292 
TRP C   O    doub N N 293 
TRP C   OXT  sing N N 294 
TRP CB  CG   sing N N 295 
TRP CB  HB2  sing N N 296 
TRP CB  HB3  sing N N 297 
TRP CG  CD1  doub Y N 298 
TRP CG  CD2  sing Y N 299 
TRP CD1 NE1  sing Y N 300 
TRP CD1 HD1  sing N N 301 
TRP CD2 CE2  doub Y N 302 
TRP CD2 CE3  sing Y N 303 
TRP NE1 CE2  sing Y N 304 
TRP NE1 HE1  sing N N 305 
TRP CE2 CZ2  sing Y N 306 
TRP CE3 CZ3  doub Y N 307 
TRP CE3 HE3  sing N N 308 
TRP CZ2 CH2  doub Y N 309 
TRP CZ2 HZ2  sing N N 310 
TRP CZ3 CH2  sing Y N 311 
TRP CZ3 HZ3  sing N N 312 
TRP CH2 HH2  sing N N 313 
TRP OXT HXT  sing N N 314 
TYR N   CA   sing N N 315 
TYR N   H    sing N N 316 
TYR N   H2   sing N N 317 
TYR CA  C    sing N N 318 
TYR CA  CB   sing N N 319 
TYR CA  HA   sing N N 320 
TYR C   O    doub N N 321 
TYR C   OXT  sing N N 322 
TYR CB  CG   sing N N 323 
TYR CB  HB2  sing N N 324 
TYR CB  HB3  sing N N 325 
TYR CG  CD1  doub Y N 326 
TYR CG  CD2  sing Y N 327 
TYR CD1 CE1  sing Y N 328 
TYR CD1 HD1  sing N N 329 
TYR CD2 CE2  doub Y N 330 
TYR CD2 HD2  sing N N 331 
TYR CE1 CZ   doub Y N 332 
TYR CE1 HE1  sing N N 333 
TYR CE2 CZ   sing Y N 334 
TYR CE2 HE2  sing N N 335 
TYR CZ  OH   sing N N 336 
TYR OH  HH   sing N N 337 
TYR OXT HXT  sing N N 338 
VAL N   CA   sing N N 339 
VAL N   H    sing N N 340 
VAL N   H2   sing N N 341 
VAL CA  C    sing N N 342 
VAL CA  CB   sing N N 343 
VAL CA  HA   sing N N 344 
VAL C   O    doub N N 345 
VAL C   OXT  sing N N 346 
VAL CB  CG1  sing N N 347 
VAL CB  CG2  sing N N 348 
VAL CB  HB   sing N N 349 
VAL CG1 HG11 sing N N 350 
VAL CG1 HG12 sing N N 351 
VAL CG1 HG13 sing N N 352 
VAL CG2 HG21 sing N N 353 
VAL CG2 HG22 sing N N 354 
VAL CG2 HG23 sing N N 355 
VAL OXT HXT  sing N N 356 
# 
_atom_sites.entry_id                    4EL6 
_atom_sites.fract_transf_matrix[1][1]   -0.00606834 
_atom_sites.fract_transf_matrix[1][2]   0.01876289 
_atom_sites.fract_transf_matrix[1][3]   -0.00786463 
_atom_sites.fract_transf_matrix[2][1]   -0.01211773 
_atom_sites.fract_transf_matrix[2][2]   0.00079245 
_atom_sites.fract_transf_matrix[2][3]   -0.01741516 
_atom_sites.fract_transf_matrix[3][1]   -0.01447879 
_atom_sites.fract_transf_matrix[3][2]   -0.00046887 
_atom_sites.fract_transf_matrix[3][3]   0.01005323 
_atom_sites.fract_transf_vector[1]      0.503123 
_atom_sites.fract_transf_vector[2]      0.354057 
_atom_sites.fract_transf_vector[3]      0.005033 
# 
loop_
_atom_type.symbol 
C 
H 
N 
O 
S 
# 
loop_
_atom_site.group_PDB 
_atom_site.id 
_atom_site.type_symbol 
_atom_site.label_atom_id 
_atom_site.label_alt_id 
_atom_site.label_comp_id 
_atom_site.label_asym_id 
_atom_site.label_entity_id 
_atom_site.label_seq_id 
_atom_site.pdbx_PDB_ins_code 
_atom_site.Cartn_x 
_atom_site.Cartn_y 
_atom_site.Cartn_z 
_atom_site.occupancy 
_atom_site.B_iso_or_equiv 
_atom_site.pdbx_formal_charge 
_atom_site.auth_seq_id 
_atom_site.auth_comp_id 
_atom_site.auth_asym_id 
_atom_site.auth_atom_id 
_atom_site.pdbx_PDB_model_num 
ATOM   1    N N    . CYS A 1 5   ? 7.657   -10.571 -6.190  1.00 32.60  ? 23  CYS A N    1 
ATOM   2    C CA   A CYS A 1 5   ? 8.351   -10.104 -4.952  0.54 28.45  ? 23  CYS A CA   1 
ATOM   3    C CA   B CYS A 1 5   ? 8.105   -9.945  -4.930  0.46 27.14  ? 23  CYS A CA   1 
ATOM   4    C C    . CYS A 1 5   ? 7.557   -10.717 -3.766  1.00 27.11  ? 23  CYS A C    1 
ATOM   5    O O    . CYS A 1 5   ? 6.364   -11.098 -3.833  1.00 30.83  ? 23  CYS A O    1 
ATOM   6    C CB   A CYS A 1 5   ? 8.574   -8.538  -4.942  0.54 23.92  ? 23  CYS A CB   1 
ATOM   7    C CB   B CYS A 1 5   ? 7.537   -8.558  -4.871  0.46 22.83  ? 23  CYS A CB   1 
ATOM   8    S SG   A CYS A 1 5   ? 9.390   -7.634  -3.536  0.54 20.75  ? 23  CYS A SG   1 
ATOM   9    S SG   B CYS A 1 5   ? 5.796   -8.359  -4.414  0.46 16.98  ? 23  CYS A SG   1 
ATOM   10   H HA   A CYS A 1 5   ? 9.244   -10.510 -4.942  0.54 27.95  ? 23  CYS A HA   1 
ATOM   11   H HA   B CYS A 1 5   ? 9.083   -9.909  -4.881  0.46 27.19  ? 23  CYS A HA   1 
ATOM   12   H HB2  A CYS A 1 5   ? 9.105   -8.331  -5.726  0.54 24.02  ? 23  CYS A HB2  1 
ATOM   13   H HB2  B CYS A 1 5   ? 8.055   -8.052  -4.226  0.46 22.20  ? 23  CYS A HB2  1 
ATOM   14   H HB3  A CYS A 1 5   ? 7.704   -8.141  -5.061  0.54 23.67  ? 23  CYS A HB3  1 
ATOM   15   H HB3  B CYS A 1 5   ? 7.645   -8.155  -5.747  0.46 22.34  ? 23  CYS A HB3  1 
ATOM   16   H HG   A CYS A 1 5   ? 10.644  -8.087  -3.407  0.54 22.69  ? 23  CYS A HG   1 
ATOM   17   H HG   B CYS A 1 5   ? 5.034   -9.017  -5.299  0.46 19.12  ? 23  CYS A HG   1 
ATOM   18   N N    . LYS A 1 6   ? 8.324   -10.960 -2.719  1.00 26.15  ? 24  LYS A N    1 
ATOM   19   C CA   . LYS A 1 6   ? 7.792   -11.659 -1.601  1.00 28.53  ? 24  LYS A CA   1 
ATOM   20   C C    . LYS A 1 6   ? 7.192   -10.676 -0.634  1.00 25.98  ? 24  LYS A C    1 
ATOM   21   O O    . LYS A 1 6   ? 6.309   -11.027 0.121   1.00 30.57  ? 24  LYS A O    1 
ATOM   22   C CB   . LYS A 1 6   ? 8.910   -12.428 -0.926  1.00 35.59  ? 24  LYS A CB   1 
ATOM   23   C CG   . LYS A 1 6   ? 9.572   -13.452 -1.839  1.00 42.45  ? 24  LYS A CG   1 
ATOM   24   C CD   . LYS A 1 6   ? 9.239   -14.894 -1.448  1.00 49.78  ? 24  LYS A CD   1 
ATOM   25   C CE   . LYS A 1 6   ? 9.718   -15.922 -2.491  1.00 53.44  ? 24  LYS A CE   1 
ATOM   26   N NZ   . LYS A 1 6   ? 8.827   -16.065 -3.691  1.00 52.76  ? 24  LYS A NZ   1 
ATOM   27   H H    . LYS A 1 6   ? 9.147   -10.723 -2.643  1.00 27.42  ? 24  LYS A H    1 
ATOM   28   H HA   . LYS A 1 6   ? 7.105   -12.296 -1.883  1.00 28.83  ? 24  LYS A HA   1 
ATOM   29   H HB2  . LYS A 1 6   ? 9.592   -11.803 -0.635  1.00 35.06  ? 24  LYS A HB2  1 
ATOM   30   H HB3  . LYS A 1 6   ? 8.546   -12.897 -0.159  1.00 35.21  ? 24  LYS A HB3  1 
ATOM   31   H HG2  . LYS A 1 6   ? 9.279   -13.318 -2.753  1.00 41.63  ? 24  LYS A HG2  1 
ATOM   32   H HG3  . LYS A 1 6   ? 10.536  -13.344 -1.782  1.00 42.15  ? 24  LYS A HG3  1 
ATOM   33   H HD2  . LYS A 1 6   ? 9.667   -15.102 -0.602  1.00 48.75  ? 24  LYS A HD2  1 
ATOM   34   H HD3  . LYS A 1 6   ? 8.276   -14.982 -1.362  1.00 48.75  ? 24  LYS A HD3  1 
ATOM   35   H HE2  . LYS A 1 6   ? 10.595  -15.656 -2.808  1.00 52.40  ? 24  LYS A HE2  1 
ATOM   36   H HE3  . LYS A 1 6   ? 9.775   -16.791 -2.065  1.00 52.40  ? 24  LYS A HE3  1 
ATOM   37   H HZ1  . LYS A 1 6   ? 9.188   -16.719 -4.292  1.00 52.97  ? 24  LYS A HZ1  1 
ATOM   38   H HZ2  . LYS A 1 6   ? 7.949   -16.341 -3.418  1.00 52.97  ? 24  LYS A HZ2  1 
ATOM   39   H HZ3  . LYS A 1 6   ? 8.760   -15.224 -4.150  1.00 52.97  ? 24  LYS A HZ3  1 
ATOM   40   N N    . TYR A 1 7   ? 7.686   -9.444  -0.632  1.00 22.47  ? 25  TYR A N    1 
ATOM   41   C CA   . TYR A 1 7   ? 7.252   -8.521  0.422   1.00 24.28  ? 25  TYR A CA   1 
ATOM   42   C C    . TYR A 1 7   ? 6.579   -7.226  -0.078  1.00 23.19  ? 25  TYR A C    1 
ATOM   43   O O    . TYR A 1 7   ? 5.775   -6.612  0.722   1.00 26.60  ? 25  TYR A O    1 
ATOM   44   C CB   . TYR A 1 7   ? 8.422   -8.198  1.335   1.00 25.99  ? 25  TYR A CB   1 
ATOM   45   C CG   . TYR A 1 7   ? 9.545   -7.680  0.569   1.00 28.08  ? 25  TYR A CG   1 
ATOM   46   C CD1  . TYR A 1 7   ? 9.575   -6.328  0.188   1.00 33.38  ? 25  TYR A CD1  1 
ATOM   47   C CD2  . TYR A 1 7   ? 10.547  -8.528  0.108   1.00 32.93  ? 25  TYR A CD2  1 
ATOM   48   C CE1  . TYR A 1 7   ? 10.613  -5.822  -0.572  1.00 33.09  ? 25  TYR A CE1  1 
ATOM   49   C CE2  . TYR A 1 7   ? 11.587  -8.044  -0.688  1.00 35.28  ? 25  TYR A CE2  1 
ATOM   50   C CZ   . TYR A 1 7   ? 11.617  -6.679  -1.024  1.00 38.63  ? 25  TYR A CZ   1 
ATOM   51   O OH   . TYR A 1 7   ? 12.655  -6.151  -1.779  1.00 41.54  ? 25  TYR A OH   1 
ATOM   52   H H    . TYR A 1 7   ? 8.263   -9.140  -1.188  1.00 23.72  ? 25  TYR A H    1 
ATOM   53   H HA   . TYR A 1 7   ? 6.587   -8.966  0.987   1.00 24.15  ? 25  TYR A HA   1 
ATOM   54   H HB2  . TYR A 1 7   ? 8.153   -7.524  1.979   1.00 26.14  ? 25  TYR A HB2  1 
ATOM   55   H HB3  . TYR A 1 7   ? 8.706   -9.004  1.792   1.00 26.26  ? 25  TYR A HB3  1 
ATOM   56   H HD1  . TYR A 1 7   ? 8.908   -5.753  0.484   1.00 32.06  ? 25  TYR A HD1  1 
ATOM   57   H HD2  . TYR A 1 7   ? 10.518  -9.432  0.323   1.00 32.32  ? 25  TYR A HD2  1 
ATOM   58   H HE1  . TYR A 1 7   ? 10.633  -4.919  -0.797  1.00 34.17  ? 25  TYR A HE1  1 
ATOM   59   H HE2  . TYR A 1 7   ? 12.267  -8.614  -0.968  1.00 35.03  ? 25  TYR A HE2  1 
ATOM   60   H HH   . TYR A 1 7   ? 12.713  -6.549  -2.493  1.00 40.62  ? 25  TYR A HH   1 
ATOM   61   N N    . CYS A 1 8   ? 6.784   -6.990  -1.392  1.00 17.34  ? 26  CYS A N    1 
ATOM   62   C CA   A CYS A 1 8   ? 6.454   -5.761  -2.102  0.49 16.07  ? 26  CYS A CA   1 
ATOM   63   C CA   B CYS A 1 8   ? 6.460   -5.735  -2.074  0.51 15.75  ? 26  CYS A CA   1 
ATOM   64   C C    . CYS A 1 8   ? 4.991   -5.447  -2.022  1.00 15.26  ? 26  CYS A C    1 
ATOM   65   O O    . CYS A 1 8   ? 4.186   -6.311  -1.700  1.00 17.91  ? 26  CYS A O    1 
ATOM   66   C CB   A CYS A 1 8   ? 6.846   -5.876  -3.575  0.49 16.54  ? 26  CYS A CB   1 
ATOM   67   C CB   B CYS A 1 8   ? 6.910   -5.731  -3.539  0.51 15.77  ? 26  CYS A CB   1 
ATOM   68   S SG   A CYS A 1 8   ? 8.631   -5.709  -3.790  0.49 18.08  ? 26  CYS A SG   1 
ATOM   69   S SG   B CYS A 1 8   ? 5.801   -6.402  -4.788  0.51 17.24  ? 26  CYS A SG   1 
ATOM   70   H H    . CYS A 1 8   ? 7.128   -7.576  -1.916  1.00 18.36  ? 26  CYS A H    1 
ATOM   71   H HA   A CYS A 1 8   ? 6.953   -5.017  -1.706  0.49 16.10  ? 26  CYS A HA   1 
ATOM   72   H HA   B CYS A 1 8   ? 6.926   -5.003  -1.617  0.51 15.58  ? 26  CYS A HA   1 
ATOM   73   H HB2  A CYS A 1 8   ? 6.561   -6.732  -3.926  0.49 17.01  ? 26  CYS A HB2  1 
ATOM   74   H HB2  B CYS A 1 8   ? 7.063   -4.810  -3.793  0.51 16.05  ? 26  CYS A HB2  1 
ATOM   75   H HB3  A CYS A 1 8   ? 6.426   -5.160  -4.076  0.49 16.73  ? 26  CYS A HB3  1 
ATOM   76   H HB3  B CYS A 1 8   ? 7.745   -6.202  -3.611  0.51 16.33  ? 26  CYS A HB3  1 
ATOM   77   H HG   A CYS A 1 8   ? 8.933   -5.043  -2.669  0.49 17.80  ? 26  CYS A HG   1 
ATOM   78   H HG   B CYS A 1 8   ? 4.675   -5.694  -4.904  0.51 16.25  ? 26  CYS A HG   1 
ATOM   79   N N    . LEU A 1 9   ? 4.670   -4.216  -2.346  1.00 13.62  ? 27  LEU A N    1 
ATOM   80   C CA   . LEU A 1 9   ? 3.325   -3.772  -2.468  1.00 11.66  ? 27  LEU A CA   1 
ATOM   81   C C    . LEU A 1 9   ? 3.065   -3.825  -3.972  1.00 11.37  ? 27  LEU A C    1 
ATOM   82   O O    . LEU A 1 9   ? 3.921   -3.322  -4.808  1.00 9.49   ? 27  LEU A O    1 
ATOM   83   C CB   . LEU A 1 9   ? 3.236   -2.310  -1.954  1.00 11.00  ? 27  LEU A CB   1 
ATOM   84   C CG   . LEU A 1 9   ? 1.866   -1.650  -2.084  1.00 10.98  ? 27  LEU A CG   1 
ATOM   85   C CD1  . LEU A 1 9   ? 0.849   -2.256  -1.141  1.00 11.41  ? 27  LEU A CD1  1 
ATOM   86   C CD2  . LEU A 1 9   ? 1.991   -0.152  -1.834  1.00 10.85  ? 27  LEU A CD2  1 
ATOM   87   H H    . LEU A 1 9   ? 5.248   -3.599  -2.509  1.00 13.55  ? 27  LEU A H    1 
ATOM   88   H HA   . LEU A 1 9   ? 2.694   -4.344  -1.983  1.00 11.92  ? 27  LEU A HA   1 
ATOM   89   H HB2  . LEU A 1 9   ? 3.477   -2.299  -1.017  1.00 10.98  ? 27  LEU A HB2  1 
ATOM   90   H HB3  . LEU A 1 9   ? 3.865   -1.771  -2.455  1.00 11.15  ? 27  LEU A HB3  1 
ATOM   91   H HG   . LEU A 1 9   ? 1.538   -1.768  -2.988  1.00 11.04  ? 27  LEU A HG   1 
ATOM   92   H HD11 . LEU A 1 9   ? 0.077   -1.686  -1.103  1.00 11.23  ? 27  LEU A HD11 1 
ATOM   93   H HD12 . LEU A 1 9   ? 0.598   -3.123  -1.469  1.00 11.26  ? 27  LEU A HD12 1 
ATOM   94   H HD13 . LEU A 1 9   ? 1.238   -2.336  -0.268  1.00 11.26  ? 27  LEU A HD13 1 
ATOM   95   H HD21 . LEU A 1 9   ? 1.137   0.261   -1.985  1.00 10.90  ? 27  LEU A HD21 1 
ATOM   96   H HD22 . LEU A 1 9   ? 2.269   -0.008  -0.927  1.00 10.89  ? 27  LEU A HD22 1 
ATOM   97   H HD23 . LEU A 1 9   ? 2.641   0.215   -2.438  1.00 10.89  ? 27  LEU A HD23 1 
ATOM   98   N N    . GLN A 1 10  ? 1.913   -4.408  -4.352  1.00 10.83  ? 28  GLN A N    1 
ATOM   99   C CA   . GLN A 1 10  ? 1.508   -4.502  -5.745  1.00 10.72  ? 28  GLN A CA   1 
ATOM   100  C C    . GLN A 1 10  ? 0.366   -3.580  -6.093  1.00 10.22  ? 28  GLN A C    1 
ATOM   101  O O    . GLN A 1 10  ? -0.633  -3.603  -5.390  1.00 9.11   ? 28  GLN A O    1 
ATOM   102  C CB   . GLN A 1 10  ? 1.115   -5.954  -6.091  1.00 12.77  ? 28  GLN A CB   1 
ATOM   103  C CG   . GLN A 1 10  ? 2.222   -7.007  -5.864  1.00 14.35  ? 28  GLN A CG   1 
ATOM   104  C CD   . GLN A 1 10  ? 1.637   -8.404  -5.754  1.00 19.78  ? 28  GLN A CD   1 
ATOM   105  O OE1  . GLN A 1 10  ? 0.543   -8.581  -5.239  1.00 23.73  ? 28  GLN A OE1  1 
ATOM   106  N NE2  . GLN A 1 10  ? 2.382   -9.406  -6.207  1.00 21.45  ? 28  GLN A NE2  1 
ATOM   107  H H    . GLN A 1 10  ? 1.347   -4.756  -3.807  1.00 10.99  ? 28  GLN A H    1 
ATOM   108  H HA   . GLN A 1 10  ? 2.265   -4.268  -6.320  1.00 10.95  ? 28  GLN A HA   1 
ATOM   109  H HB2  . GLN A 1 10  ? 0.350   -6.193  -5.544  1.00 12.84  ? 28  GLN A HB2  1 
ATOM   110  H HB3  . GLN A 1 10  ? 0.867   -5.991  -7.028  1.00 12.60  ? 28  GLN A HB3  1 
ATOM   111  H HG2  . GLN A 1 10  ? 2.840   -6.989  -6.611  1.00 15.23  ? 28  GLN A HG2  1 
ATOM   112  H HG3  . GLN A 1 10  ? 2.687   -6.813  -5.036  1.00 15.03  ? 28  GLN A HG3  1 
ATOM   113  H HE21 . GLN A 1 10  ? 2.796   -9.330  -6.957  1.00 20.77  ? 28  GLN A HE21 1 
ATOM   114  H HE22 . GLN A 1 10  ? 2.450   -10.131 -5.751  1.00 20.89  ? 28  GLN A HE22 1 
ATOM   115  N N    . LEU A 1 11  ? 0.537   -2.719  -7.119  1.00 9.58   ? 29  LEU A N    1 
ATOM   116  C CA   . LEU A 1 11  ? -0.429  -1.751  -7.493  1.00 10.77  ? 29  LEU A CA   1 
ATOM   117  C C    . LEU A 1 11  ? -0.838  -2.041  -8.939  1.00 11.85  ? 29  LEU A C    1 
ATOM   118  O O    . LEU A 1 11  ? 0.012   -2.015  -9.865  1.00 12.25  ? 29  LEU A O    1 
ATOM   119  C CB   . LEU A 1 11  ? 0.118   -0.334  -7.404  1.00 12.19  ? 29  LEU A CB   1 
ATOM   120  C CG   . LEU A 1 11  ? 0.513   -0.060  -5.975  1.00 14.11  ? 29  LEU A CG   1 
ATOM   121  C CD1  . LEU A 1 11  ? 2.019   -0.157  -5.940  1.00 17.08  ? 29  LEU A CD1  1 
ATOM   122  C CD2  . LEU A 1 11  ? -0.049  1.204   -5.431  1.00 15.98  ? 29  LEU A CD2  1 
ATOM   123  H H    . LEU A 1 11  ? 1.242   -2.699  -7.611  1.00 10.14  ? 29  LEU A H    1 
ATOM   124  H HA   . LEU A 1 11  ? -1.222  -1.811  -6.921  1.00 10.97  ? 29  LEU A HA   1 
ATOM   125  H HB2  . LEU A 1 11  ? 0.888   -0.245  -7.987  1.00 12.44  ? 29  LEU A HB2  1 
ATOM   126  H HB3  . LEU A 1 11  ? -0.576  0.292   -7.664  1.00 12.39  ? 29  LEU A HB3  1 
ATOM   127  H HG   . LEU A 1 11  ? 0.175   -0.771  -5.408  1.00 14.25  ? 29  LEU A HG   1 
ATOM   128  H HD11 . LEU A 1 11  ? 2.311   -0.079  -5.028  1.00 15.98  ? 29  LEU A HD11 1 
ATOM   129  H HD12 . LEU A 1 11  ? 2.298   -1.004  -6.295  1.00 15.65  ? 29  LEU A HD12 1 
ATOM   130  H HD13 . LEU A 1 11  ? 2.393   0.556   -6.462  1.00 15.92  ? 29  LEU A HD13 1 
ATOM   131  H HD21 . LEU A 1 11  ? 0.412   1.425   -4.619  1.00 15.32  ? 29  LEU A HD21 1 
ATOM   132  H HD22 . LEU A 1 11  ? 0.072   1.904   -6.077  1.00 15.27  ? 29  LEU A HD22 1 
ATOM   133  H HD23 . LEU A 1 11  ? -0.983  1.078   -5.253  1.00 15.19  ? 29  LEU A HD23 1 
ATOM   134  N N    . TYR A 1 12  ? -2.091  -2.377  -9.114  1.00 10.56  ? 30  TYR A N    1 
ATOM   135  C CA   . TYR A 1 12  ? -2.611  -2.793  -10.434 1.00 10.59  ? 30  TYR A CA   1 
ATOM   136  C C    . TYR A 1 12  ? -3.387  -1.703  -11.072 1.00 11.35  ? 30  TYR A C    1 
ATOM   137  O O    . TYR A 1 12  ? -4.126  -0.997  -10.384 1.00 9.40   ? 30  TYR A O    1 
ATOM   138  C CB   . TYR A 1 12  ? -3.563  -4.012  -10.268 1.00 10.34  ? 30  TYR A CB   1 
ATOM   139  C CG   . TYR A 1 12  ? -2.869  -5.221  -9.755  1.00 10.85  ? 30  TYR A CG   1 
ATOM   140  C CD1  . TYR A 1 12  ? -2.732  -5.428  -8.389  1.00 10.86  ? 30  TYR A CD1  1 
ATOM   141  C CD2  . TYR A 1 12  ? -2.313  -6.168  -10.628 1.00 10.95  ? 30  TYR A CD2  1 
ATOM   142  C CE1  . TYR A 1 12  ? -2.110  -6.557  -7.885  1.00 10.95  ? 30  TYR A CE1  1 
ATOM   143  C CE2  . TYR A 1 12  ? -1.678  -7.294  -10.107 1.00 11.95  ? 30  TYR A CE2  1 
ATOM   144  C CZ   . TYR A 1 12  ? -1.567  -7.460  -8.734  1.00 13.17  ? 30  TYR A CZ   1 
ATOM   145  O OH   . TYR A 1 12  ? -0.942  -8.550  -8.200  1.00 16.01  ? 30  TYR A OH   1 
ATOM   146  H H    . TYR A 1 12  ? -2.686  -2.380  -8.494  1.00 10.84  ? 30  TYR A H    1 
ATOM   147  H HA   . TYR A 1 12  ? -1.874  -3.059  -11.021 1.00 10.82  ? 30  TYR A HA   1 
ATOM   148  H HB2  . TYR A 1 12  ? -4.261  -3.777  -9.640  1.00 10.47  ? 30  TYR A HB2  1 
ATOM   149  H HB3  . TYR A 1 12  ? -3.953  -4.233  -11.130 1.00 10.53  ? 30  TYR A HB3  1 
ATOM   150  H HD1  . TYR A 1 12  ? -3.100  -4.813  -7.798  1.00 11.02  ? 30  TYR A HD1  1 
ATOM   151  H HD2  . TYR A 1 12  ? -2.384  -6.055  -11.548 1.00 11.24  ? 30  TYR A HD2  1 
ATOM   152  H HE1  . TYR A 1 12  ? -2.028  -6.673  -6.966  1.00 11.46  ? 30  TYR A HE1  1 
ATOM   153  H HE2  . TYR A 1 12  ? -1.306  -7.924  -10.681 1.00 11.91  ? 30  TYR A HE2  1 
ATOM   154  H HH   . TYR A 1 12  ? -0.153  -8.559  -8.424  1.00 14.98  ? 30  TYR A HH   1 
ATOM   155  N N    . ASP A 1 13  ? -3.289  -1.615  -12.397 1.00 12.19  ? 31  ASP A N    1 
ATOM   156  C CA   A ASP A 1 13  ? -4.004  -0.612  -13.176 0.49 12.38  ? 31  ASP A CA   1 
ATOM   157  C CA   B ASP A 1 13  ? -4.005  -0.589  -13.153 0.51 12.97  ? 31  ASP A CA   1 
ATOM   158  C C    . ASP A 1 13  ? -5.528  -0.763  -13.028 1.00 13.01  ? 31  ASP A C    1 
ATOM   159  O O    . ASP A 1 13  ? -6.275  0.204   -12.941 1.00 12.11  ? 31  ASP A O    1 
ATOM   160  C CB   A ASP A 1 13  ? -3.576  -0.745  -14.648 0.49 13.68  ? 31  ASP A CB   1 
ATOM   161  C CB   B ASP A 1 13  ? -3.602  -0.642  -14.633 0.51 15.11  ? 31  ASP A CB   1 
ATOM   162  C CG   A ASP A 1 13  ? -4.222  0.301   -15.543 0.49 14.36  ? 31  ASP A CG   1 
ATOM   163  C CG   B ASP A 1 13  ? -2.357  0.180   -14.969 0.51 17.06  ? 31  ASP A CG   1 
ATOM   164  O OD1  A ASP A 1 13  ? -4.094  1.480   -15.184 0.49 15.66  ? 31  ASP A OD1  1 
ATOM   165  O OD1  B ASP A 1 13  ? -1.610  0.652   -14.080 0.51 18.49  ? 31  ASP A OD1  1 
ATOM   166  O OD2  A ASP A 1 13  ? -4.885  -0.066  -16.548 0.49 15.54  ? 31  ASP A OD2  1 
ATOM   167  O OD2  B ASP A 1 13  ? -2.112  0.320   -16.188 0.51 20.03  ? 31  ASP A OD2  1 
ATOM   168  H H    . ASP A 1 13  ? -2.801  -2.142  -12.869 1.00 12.13  ? 31  ASP A H    1 
ATOM   169  H HA   A ASP A 1 13  ? -3.752  0.281   -12.863 0.49 12.70  ? 31  ASP A HA   1 
ATOM   170  H HA   B ASP A 1 13  ? -3.776  0.294   -12.795 0.51 13.34  ? 31  ASP A HA   1 
ATOM   171  H HB2  A ASP A 1 13  ? -2.615  -0.635  -14.707 0.49 13.54  ? 31  ASP A HB2  1 
ATOM   172  H HB2  B ASP A 1 13  ? -3.435  -1.560  -14.898 0.51 14.88  ? 31  ASP A HB2  1 
ATOM   173  H HB3  A ASP A 1 13  ? -3.832  -1.621  -14.975 0.49 13.50  ? 31  ASP A HB3  1 
ATOM   174  H HB3  B ASP A 1 13  ? -4.330  -0.284  -15.164 0.51 14.94  ? 31  ASP A HB3  1 
ATOM   175  N N    . GLU A 1 14  ? -5.992  -1.997  -13.053 1.00 12.37  ? 32  GLU A N    1 
ATOM   176  C CA   . GLU A 1 14  ? -7.410  -2.277  -13.119 1.00 12.81  ? 32  GLU A CA   1 
ATOM   177  C C    . GLU A 1 14  ? -7.899  -2.883  -11.818 1.00 11.67  ? 32  GLU A C    1 
ATOM   178  O O    . GLU A 1 14  ? -7.111  -3.337  -10.979 1.00 10.20  ? 32  GLU A O    1 
ATOM   179  C CB   . GLU A 1 14  ? -7.701  -3.240  -14.259 1.00 16.61  ? 32  GLU A CB   1 
ATOM   180  C CG   . GLU A 1 14  ? -7.590  -2.592  -15.645 1.00 20.49  ? 32  GLU A CG   1 
ATOM   181  C CD   . GLU A 1 14  ? -7.541  -3.668  -16.691 1.00 26.11  ? 32  GLU A CD   1 
ATOM   182  O OE1  . GLU A 1 14  ? -8.548  -4.402  -16.772 1.00 30.87  ? 32  GLU A OE1  1 
ATOM   183  O OE2  . GLU A 1 14  ? -6.484  -3.814  -17.366 1.00 30.71  ? 32  GLU A OE2  1 
ATOM   184  H H    . GLU A 1 14  ? -5.502  -2.702  -13.031 1.00 12.74  ? 32  GLU A H    1 
ATOM   185  H HA   . GLU A 1 14  ? -7.920  -1.457  -13.283 1.00 13.12  ? 32  GLU A HA   1 
ATOM   186  H HB2  . GLU A 1 14  ? -7.080  -3.979  -14.220 1.00 16.30  ? 32  GLU A HB2  1 
ATOM   187  H HB3  . GLU A 1 14  ? -8.608  -3.571  -14.168 1.00 16.18  ? 32  GLU A HB3  1 
ATOM   188  H HG2  . GLU A 1 14  ? -8.357  -2.026  -15.810 1.00 20.97  ? 32  GLU A HG2  1 
ATOM   189  H HG3  . GLU A 1 14  ? -6.771  -2.076  -15.695 1.00 20.85  ? 32  GLU A HG3  1 
ATOM   190  N N    . THR A 1 15  ? -9.194  -2.886  -11.630 1.00 10.53  ? 33  THR A N    1 
ATOM   191  C CA   . THR A 1 15  ? -9.751  -3.527  -10.464 1.00 10.33  ? 33  THR A CA   1 
ATOM   192  C C    . THR A 1 15  ? -9.583  -5.034  -10.557 1.00 9.21   ? 33  THR A C    1 
ATOM   193  O O    . THR A 1 15  ? -9.294  -5.576  -11.601 1.00 9.42   ? 33  THR A O    1 
ATOM   194  C CB   . THR A 1 15  ? -11.272 -3.210  -10.282 1.00 10.58  ? 33  THR A CB   1 
ATOM   195  O OG1  . THR A 1 15  ? -11.905 -3.663  -11.436 1.00 11.66  ? 33  THR A OG1  1 
ATOM   196  C CG2  . THR A 1 15  ? -11.604 -1.737  -10.064 1.00 11.71  ? 33  THR A CG2  1 
ATOM   197  H H    . THR A 1 15  ? -9.771  -2.527  -12.157 1.00 10.79  ? 33  THR A H    1 
ATOM   198  H HA   . THR A 1 15  ? -9.284  -3.213  -9.661  1.00 10.19  ? 33  THR A HA   1 
ATOM   199  H HB   . THR A 1 15  ? -11.610 -3.707  -9.521  1.00 10.84  ? 33  THR A HB   1 
ATOM   200  H HG1  . THR A 1 15  ? -12.710 -3.732  -11.305 1.00 11.31  ? 33  THR A HG1  1 
ATOM   201  H HG21 . THR A 1 15  ? -12.555 -1.620  -10.011 1.00 11.35  ? 33  THR A HG21 1 
ATOM   202  H HG22 . THR A 1 15  ? -11.205 -1.428  -9.247  1.00 11.35  ? 33  THR A HG22 1 
ATOM   203  H HG23 . THR A 1 15  ? -11.266 -1.213  -10.794 1.00 11.35  ? 33  THR A HG23 1 
ATOM   204  N N    . TYR A 1 16  ? -9.728  -5.689  -9.414  1.00 8.44   ? 34  TYR A N    1 
ATOM   205  C CA   . TYR A 1 16  ? -9.552  -7.128  -9.239  1.00 8.71   ? 34  TYR A CA   1 
ATOM   206  C C    . TYR A 1 16  ? -8.235  -7.678  -9.806  1.00 8.50   ? 34  TYR A C    1 
ATOM   207  O O    . TYR A 1 16  ? -8.176  -8.714  -10.480 1.00 8.07   ? 34  TYR A O    1 
ATOM   208  C CB   . TYR A 1 16  ? -10.755 -7.857  -9.796  1.00 9.75   ? 34  TYR A CB   1 
ATOM   209  C CG   . TYR A 1 16  ? -12.033 -7.523  -9.056  1.00 10.12  ? 34  TYR A CG   1 
ATOM   210  C CD1  . TYR A 1 16  ? -12.380 -8.235  -7.924  1.00 11.28  ? 34  TYR A CD1  1 
ATOM   211  C CD2  . TYR A 1 16  ? -12.861 -6.559  -9.526  1.00 12.66  ? 34  TYR A CD2  1 
ATOM   212  C CE1  . TYR A 1 16  ? -13.540 -7.945  -7.227  1.00 12.37  ? 34  TYR A CE1  1 
ATOM   213  C CE2  . TYR A 1 16  ? -14.000 -6.245  -8.849  1.00 13.31  ? 34  TYR A CE2  1 
ATOM   214  C CZ   . TYR A 1 16  ? -14.339 -6.962  -7.725  1.00 13.59  ? 34  TYR A CZ   1 
ATOM   215  O OH   . TYR A 1 16  ? -15.540 -6.622  -7.091  1.00 16.50  ? 34  TYR A OH   1 
ATOM   216  H H    . TYR A 1 16  ? -9.941  -5.298  -8.679  1.00 8.74   ? 34  TYR A H    1 
ATOM   217  H HA   . TYR A 1 16  ? -9.537  -7.307  -8.275  1.00 8.83   ? 34  TYR A HA   1 
ATOM   218  H HB2  . TYR A 1 16  ? -10.869 -7.621  -10.731 1.00 9.65   ? 34  TYR A HB2  1 
ATOM   219  H HB3  . TYR A 1 16  ? -10.612 -8.812  -9.707  1.00 9.57   ? 34  TYR A HB3  1 
ATOM   220  H HD1  . TYR A 1 16  ? -11.812 -8.901  -7.611  1.00 11.43  ? 34  TYR A HD1  1 
ATOM   221  H HD2  . TYR A 1 16  ? -12.627 -6.076  -10.285 1.00 12.12  ? 34  TYR A HD2  1 
ATOM   222  H HE1  . TYR A 1 16  ? -13.778 -8.420  -6.464  1.00 12.36  ? 34  TYR A HE1  1 
ATOM   223  H HE2  . TYR A 1 16  ? -14.569 -5.585  -9.172  1.00 13.03  ? 34  TYR A HE2  1 
ATOM   224  H HH   . TYR A 1 16  ? -15.387 -6.321  -6.344  1.00 15.54  ? 34  TYR A HH   1 
ATOM   225  N N    . GLU A 1 17  ? -7.165  -6.918  -9.573  1.00 7.89   ? 35  GLU A N    1 
ATOM   226  C CA   . GLU A 1 17  ? -5.800  -7.405  -9.830  1.00 9.09   ? 35  GLU A CA   1 
ATOM   227  C C    . GLU A 1 17  ? -5.551  -7.746  -11.310 1.00 9.33   ? 35  GLU A C    1 
ATOM   228  O O    . GLU A 1 17  ? -4.829  -8.698  -11.611 1.00 9.76   ? 35  GLU A O    1 
ATOM   229  C CB   . GLU A 1 17  ? -5.459  -8.546  -8.861  1.00 8.92   ? 35  GLU A CB   1 
ATOM   230  C CG   . GLU A 1 17  ? -5.609  -8.180  -7.386  1.00 9.10   ? 35  GLU A CG   1 
ATOM   231  C CD   . GLU A 1 17  ? -7.027  -8.225  -6.815  1.00 8.67   ? 35  GLU A CD   1 
ATOM   232  O OE1  . GLU A 1 17  ? -7.365  -7.358  -5.954  1.00 8.86   ? 35  GLU A OE1  1 
ATOM   233  O OE2  . GLU A 1 17  ? -7.840  -9.102  -7.216  1.00 9.13   ? 35  GLU A OE2  1 
ATOM   234  H H    . GLU A 1 17  ? -7.193  -6.117  -9.261  1.00 8.32   ? 35  GLU A H    1 
ATOM   235  H HA   . GLU A 1 17  ? -5.189  -6.672  -9.613  1.00 8.89   ? 35  GLU A HA   1 
ATOM   236  H HB2  . GLU A 1 17  ? -6.032  -9.307  -9.046  1.00 8.98   ? 35  GLU A HB2  1 
ATOM   237  H HB3  . GLU A 1 17  ? -4.533  -8.799  -8.998  1.00 9.01   ? 35  GLU A HB3  1 
ATOM   238  H HG2  . GLU A 1 17  ? -5.074  -8.801  -6.870  1.00 9.00   ? 35  GLU A HG2  1 
ATOM   239  H HG3  . GLU A 1 17  ? -5.274  -7.278  -7.260  1.00 8.99   ? 35  GLU A HG3  1 
ATOM   240  N N    . ARG A 1 18  ? -6.127  -6.941  -12.192 1.00 11.01  ? 36  ARG A N    1 
ATOM   241  C CA   . ARG A 1 18  ? -5.945  -7.109  -13.642 1.00 12.59  ? 36  ARG A CA   1 
ATOM   242  C C    . ARG A 1 18  ? -5.081  -5.972  -14.176 1.00 13.81  ? 36  ARG A C    1 
ATOM   243  O O    . ARG A 1 18  ? -4.987  -4.893  -13.598 1.00 11.73  ? 36  ARG A O    1 
ATOM   244  C CB   . ARG A 1 18  ? -7.308  -7.071  -14.331 1.00 13.10  ? 36  ARG A CB   1 
ATOM   245  C CG   . ARG A 1 18  ? -8.093  -8.320  -13.991 1.00 13.10  ? 36  ARG A CG   1 
ATOM   246  C CD   . ARG A 1 18  ? -9.527  -8.271  -14.335 1.00 13.45  ? 36  ARG A CD   1 
ATOM   247  N NE   . ARG A 1 18  ? -10.284 -7.206  -13.745 1.00 14.65  ? 36  ARG A NE   1 
ATOM   248  C CZ   . ARG A 1 18  ? -11.561 -6.933  -13.945 1.00 16.70  ? 36  ARG A CZ   1 
ATOM   249  N NH1  . ARG A 1 18  ? -12.282 -7.671  -14.783 1.00 19.20  ? 36  ARG A NH1  1 
ATOM   250  N NH2  . ARG A 1 18  ? -12.102 -5.913  -13.343 1.00 18.18  ? 36  ARG A NH2  1 
ATOM   251  H H    . ARG A 1 18  ? -6.631  -6.276  -11.983 1.00 10.89  ? 36  ARG A H    1 
ATOM   252  H HA   . ARG A 1 18  ? -5.514  -7.965  -13.845 1.00 12.54  ? 36  ARG A HA   1 
ATOM   253  H HB2  . ARG A 1 18  ? -7.804  -6.295  -14.025 1.00 13.00  ? 36  ARG A HB2  1 
ATOM   254  H HB3  . ARG A 1 18  ? -7.186  -7.039  -15.293 1.00 12.99  ? 36  ARG A HB3  1 
ATOM   255  H HG2  . ARG A 1 18  ? -7.703  -9.067  -14.474 1.00 13.15  ? 36  ARG A HG2  1 
ATOM   256  H HG3  . ARG A 1 18  ? -8.029  -8.484  -13.039 1.00 13.01  ? 36  ARG A HG3  1 
ATOM   257  H HD2  . ARG A 1 18  ? -9.602  -8.177  -15.298 1.00 13.70  ? 36  ARG A HD2  1 
ATOM   258  H HD3  . ARG A 1 18  ? -9.940  -9.104  -14.062 1.00 13.65  ? 36  ARG A HD3  1 
ATOM   259  H HE   . ARG A 1 18  ? -9.851  -6.731  -13.018 1.00 14.81  ? 36  ARG A HE   1 
ATOM   260  H HH11 . ARG A 1 18  ? -11.932 -8.342  -15.189 1.00 18.00  ? 36  ARG A HH11 1 
ATOM   261  H HH12 . ARG A 1 18  ? -13.112 -7.486  -14.911 1.00 18.08  ? 36  ARG A HH12 1 
ATOM   262  H HH21 . ARG A 1 18  ? -11.637 -5.431  -12.802 1.00 17.51  ? 36  ARG A HH21 1 
ATOM   263  H HH22 . ARG A 1 18  ? -12.932 -5.727  -13.468 1.00 17.56  ? 36  ARG A HH22 1 
ATOM   264  N N    . GLY A 1 19  ? -4.435  -6.267  -15.310 1.00 15.05  ? 37  GLY A N    1 
ATOM   265  C CA   . GLY A 1 19  ? -3.760  -5.271  -16.060 1.00 15.59  ? 37  GLY A CA   1 
ATOM   266  C C    . GLY A 1 19  ? -2.368  -5.100  -15.581 1.00 14.83  ? 37  GLY A C    1 
ATOM   267  O O    . GLY A 1 19  ? -1.837  -5.951  -14.858 1.00 14.47  ? 37  GLY A O    1 
ATOM   268  H H    . GLY A 1 19  ? -4.384  -7.054  -15.653 1.00 14.77  ? 37  GLY A H    1 
ATOM   269  H HA2  . GLY A 1 19  ? -3.734  -5.532  -16.993 1.00 15.33  ? 37  GLY A HA2  1 
ATOM   270  H HA3  . GLY A 1 19  ? -4.226  -4.423  -15.989 1.00 15.52  ? 37  GLY A HA3  1 
ATOM   271  N N    . SER A 1 20  ? -1.769  -4.029  -16.058 1.00 16.28  ? 38  SER A N    1 
ATOM   272  C CA   A SER A 1 20  ? -0.373  -3.742  -15.759 0.38 15.76  ? 38  SER A CA   1 
ATOM   273  C CA   B SER A 1 20  ? -0.373  -3.745  -15.764 0.62 16.35  ? 38  SER A CA   1 
ATOM   274  C C    . SER A 1 20  ? -0.221  -3.462  -14.272 1.00 15.94  ? 38  SER A C    1 
ATOM   275  O O    . SER A 1 20  ? -1.175  -3.092  -13.607 1.00 13.62  ? 38  SER A O    1 
ATOM   276  C CB   A SER A 1 20  ? 0.137   -2.570  -16.602 0.38 16.14  ? 38  SER A CB   1 
ATOM   277  C CB   B SER A 1 20  ? 0.106   -2.571  -16.609 0.62 17.60  ? 38  SER A CB   1 
ATOM   278  O OG   A SER A 1 20  ? 0.240   -2.938  -17.964 0.38 15.84  ? 38  SER A OG   1 
ATOM   279  O OG   B SER A 1 20  ? -0.613  -1.406  -16.266 0.62 18.83  ? 38  SER A OG   1 
ATOM   280  H H    . SER A 1 20  ? -2.154  -3.446  -16.562 1.00 15.84  ? 38  SER A H    1 
ATOM   281  H HA   A SER A 1 20  ? 0.166   -4.530  -15.977 0.38 15.93  ? 38  SER A HA   1 
ATOM   282  H HA   B SER A 1 20  ? 0.169   -4.530  -15.988 0.62 16.42  ? 38  SER A HA   1 
ATOM   283  H HB2  A SER A 1 20  ? -0.475  -1.824  -16.519 0.38 15.98  ? 38  SER A HB2  1 
ATOM   284  H HB2  B SER A 1 20  ? 1.051   -2.424  -16.443 0.62 17.57  ? 38  SER A HB2  1 
ATOM   285  H HB3  A SER A 1 20  ? 1.016   -2.312  -16.282 0.38 15.98  ? 38  SER A HB3  1 
ATOM   286  H HB3  B SER A 1 20  ? -0.040  -2.772  -17.547 0.62 17.57  ? 38  SER A HB3  1 
ATOM   287  H HG   A SER A 1 20  ? 0.300   -2.268  -18.432 0.38 15.93  ? 38  SER A HG   1 
ATOM   288  H HG   B SER A 1 20  ? -0.340  -0.773  -16.711 0.62 18.40  ? 38  SER A HG   1 
ATOM   289  N N    . TYR A 1 21  ? 0.959   -3.671  -13.763 1.00 16.00  ? 39  TYR A N    1 
ATOM   290  C CA   . TYR A 1 21  ? 1.143   -3.367  -12.342 1.00 16.62  ? 39  TYR A CA   1 
ATOM   291  C C    . TYR A 1 21  ? 2.540   -2.876  -12.085 1.00 15.45  ? 39  TYR A C    1 
ATOM   292  O O    . TYR A 1 21  ? 3.453   -2.948  -12.936 1.00 15.11  ? 39  TYR A O    1 
ATOM   293  C CB   . TYR A 1 21  ? 0.763   -4.533  -11.444 1.00 20.59  ? 39  TYR A CB   1 
ATOM   294  C CG   . TYR A 1 21  ? 1.633   -5.723  -11.658 1.00 24.99  ? 39  TYR A CG   1 
ATOM   295  C CD1  . TYR A 1 21  ? 1.567   -6.407  -12.857 1.00 28.77  ? 39  TYR A CD1  1 
ATOM   296  C CD2  . TYR A 1 21  ? 2.558   -6.126  -10.706 1.00 29.63  ? 39  TYR A CD2  1 
ATOM   297  C CE1  . TYR A 1 21  ? 2.377   -7.496  -13.105 1.00 35.07  ? 39  TYR A CE1  1 
ATOM   298  C CE2  . TYR A 1 21  ? 3.397   -7.209  -10.937 1.00 31.33  ? 39  TYR A CE2  1 
ATOM   299  C CZ   . TYR A 1 21  ? 3.295   -7.897  -12.148 1.00 38.89  ? 39  TYR A CZ   1 
ATOM   300  O OH   . TYR A 1 21  ? 4.080   -9.009  -12.463 1.00 43.63  ? 39  TYR A OH   1 
ATOM   301  H H    . TYR A 1 21  ? 1.649   -3.967  -14.182 1.00 16.48  ? 39  TYR A H    1 
ATOM   302  H HA   . TYR A 1 21  ? 0.551   -2.623  -12.111 1.00 16.73  ? 39  TYR A HA   1 
ATOM   303  H HB2  . TYR A 1 21  ? 0.842   -4.268  -10.516 1.00 20.31  ? 39  TYR A HB2  1 
ATOM   304  H HB3  . TYR A 1 21  ? -0.151  -4.791  -11.639 1.00 20.23  ? 39  TYR A HB3  1 
ATOM   305  H HD1  . TYR A 1 21  ? 0.955   -6.145  -13.505 1.00 28.83  ? 39  TYR A HD1  1 
ATOM   306  H HD2  . TYR A 1 21  ? 2.625   -5.659  -9.904  1.00 29.03  ? 39  TYR A HD2  1 
ATOM   307  H HE1  . TYR A 1 21  ? 2.311   -7.954  -13.912 1.00 33.62  ? 39  TYR A HE1  1 
ATOM   308  H HE2  . TYR A 1 21  ? 4.001   -7.482  -10.286 1.00 32.21  ? 39  TYR A HE2  1 
ATOM   309  H HH   . TYR A 1 21  ? 4.073   -9.543  -11.841 1.00 41.77  ? 39  TYR A HH   1 
ATOM   310  N N    . ILE A 1 22  ? 2.664   -2.284  -10.892 1.00 14.90  ? 40  ILE A N    1 
ATOM   311  C CA   . ILE A 1 22  ? 3.896   -1.740  -10.406 1.00 13.99  ? 40  ILE A CA   1 
ATOM   312  C C    . ILE A 1 22  ? 4.154   -2.394  -9.070  1.00 13.15  ? 40  ILE A C    1 
ATOM   313  O O    . ILE A 1 22  ? 3.226   -2.593  -8.313  1.00 12.74  ? 40  ILE A O    1 
ATOM   314  C CB   . ILE A 1 22  ? 3.836   -0.184  -10.210 1.00 15.32  ? 40  ILE A CB   1 
ATOM   315  C CG1  . ILE A 1 22  ? 3.668   0.519   -11.544 1.00 17.73  ? 40  ILE A CG1  1 
ATOM   316  C CG2  . ILE A 1 22  ? 5.124   0.311   -9.561  1.00 16.08  ? 40  ILE A CG2  1 
ATOM   317  C CD1  . ILE A 1 22  ? 3.227   1.945   -11.424 1.00 19.38  ? 40  ILE A CD1  1 
ATOM   318  H H    . ILE A 1 22  ? 2.011   -2.187  -10.339 1.00 15.03  ? 40  ILE A H    1 
ATOM   319  H HA   . ILE A 1 22  ? 4.635   -1.952  -11.012 1.00 14.36  ? 40  ILE A HA   1 
ATOM   320  H HB   . ILE A 1 22  ? 3.084   0.034   -9.634  1.00 15.67  ? 40  ILE A HB   1 
ATOM   321  H HG12 . ILE A 1 22  ? 4.520   0.515   -12.008 1.00 17.46  ? 40  ILE A HG12 1 
ATOM   322  H HG13 . ILE A 1 22  ? 3.004   0.048   -12.070 1.00 17.44  ? 40  ILE A HG13 1 
ATOM   323  H HG21 . ILE A 1 22  ? 5.260   1.235   -9.773  1.00 15.95  ? 40  ILE A HG21 1 
ATOM   324  H HG22 . ILE A 1 22  ? 5.054   0.209   -8.609  1.00 15.80  ? 40  ILE A HG22 1 
ATOM   325  H HG23 . ILE A 1 22  ? 5.861   -0.208  -9.891  1.00 15.77  ? 40  ILE A HG23 1 
ATOM   326  H HD11 . ILE A 1 22  ? 2.789   2.203   -12.238 1.00 18.81  ? 40  ILE A HD11 1 
ATOM   327  H HD12 . ILE A 1 22  ? 2.616   2.028   -10.687 1.00 18.70  ? 40  ILE A HD12 1 
ATOM   328  H HD13 . ILE A 1 22  ? 3.995   2.501   -11.277 1.00 18.76  ? 40  ILE A HD13 1 
ATOM   329  N N    . GLU A 1 23  ? 5.424   -2.703  -8.784  1.00 12.76  ? 41  GLU A N    1 
ATOM   330  C CA   . GLU A 1 23  ? 5.857   -3.213  -7.492  1.00 13.85  ? 41  GLU A CA   1 
ATOM   331  C C    . GLU A 1 23  ? 6.616   -2.112  -6.735  1.00 12.83  ? 41  GLU A C    1 
ATOM   332  O O    . GLU A 1 23  ? 7.465   -1.372  -7.299  1.00 12.59  ? 41  GLU A O    1 
ATOM   333  C CB   . GLU A 1 23  ? 6.741   -4.467  -7.623  1.00 15.88  ? 41  GLU A CB   1 
ATOM   334  C CG   . GLU A 1 23  ? 6.016   -5.674  -8.195  1.00 20.20  ? 41  GLU A CG   1 
ATOM   335  C CD   . GLU A 1 23  ? 6.915   -6.912  -8.302  1.00 23.71  ? 41  GLU A CD   1 
ATOM   336  O OE1  . GLU A 1 23  ? 6.409   -8.045  -8.190  1.00 30.01  ? 41  GLU A OE1  1 
ATOM   337  O OE2  . GLU A 1 23  ? 8.122   -6.736  -8.490  1.00 27.07  ? 41  GLU A OE2  1 
ATOM   338  H H    . GLU A 1 23  ? 6.073   -2.619  -9.345  1.00 13.14  ? 41  GLU A H    1 
ATOM   339  H HA   . GLU A 1 23  ? 5.074   -3.467  -6.966  1.00 13.62  ? 41  GLU A HA   1 
ATOM   340  H HB2  . GLU A 1 23  ? 7.480   -4.257  -8.214  1.00 16.55  ? 41  GLU A HB2  1 
ATOM   341  H HB3  . GLU A 1 23  ? 7.080   -4.706  -6.747  1.00 16.28  ? 41  GLU A HB3  1 
ATOM   342  H HG2  . GLU A 1 23  ? 5.266   -5.895  -7.622  1.00 19.77  ? 41  GLU A HG2  1 
ATOM   343  H HG3  . GLU A 1 23  ? 5.699   -5.457  -9.085  1.00 19.81  ? 41  GLU A HG3  1 
ATOM   344  N N    . VAL A 1 24  ? 6.285   -1.961  -5.472  1.00 11.66  ? 42  VAL A N    1 
ATOM   345  C CA   . VAL A 1 24  ? 6.961   -0.960  -4.650  1.00 11.53  ? 42  VAL A CA   1 
ATOM   346  C C    . VAL A 1 24  ? 7.710   -1.726  -3.544  1.00 10.55  ? 42  VAL A C    1 
ATOM   347  O O    . VAL A 1 24  ? 7.126   -2.601  -2.865  1.00 11.67  ? 42  VAL A O    1 
ATOM   348  C CB   . VAL A 1 24  ? 5.938   0.027   -4.032  1.00 11.41  ? 42  VAL A CB   1 
ATOM   349  C CG1  . VAL A 1 24  ? 6.569   0.947   -3.035  1.00 11.62  ? 42  VAL A CG1  1 
ATOM   350  C CG2  . VAL A 1 24  ? 5.210   0.857   -5.095  1.00 12.43  ? 42  VAL A CG2  1 
ATOM   351  H H    . VAL A 1 24  ? 5.682   -2.414  -5.058  1.00 11.93  ? 42  VAL A H    1 
ATOM   352  H HA   . VAL A 1 24  ? 7.611   -0.446  -5.173  1.00 11.38  ? 42  VAL A HA   1 
ATOM   353  H HB   . VAL A 1 24  ? 5.259   -0.493  -3.558  1.00 11.65  ? 42  VAL A HB   1 
ATOM   354  H HG11 . VAL A 1 24  ? 6.039   1.744   -2.958  1.00 11.57  ? 42  VAL A HG11 1 
ATOM   355  H HG12 . VAL A 1 24  ? 6.612   0.505   -2.184  1.00 11.53  ? 42  VAL A HG12 1 
ATOM   356  H HG13 . VAL A 1 24  ? 7.454   1.172   -3.332  1.00 11.53  ? 42  VAL A HG13 1 
ATOM   357  H HG21 . VAL A 1 24  ? 4.478   1.321   -4.682  1.00 12.11  ? 42  VAL A HG21 1 
ATOM   358  H HG22 . VAL A 1 24  ? 5.826   1.489   -5.473  1.00 12.12  ? 42  VAL A HG22 1 
ATOM   359  H HG23 . VAL A 1 24  ? 4.879   0.272   -5.780  1.00 12.17  ? 42  VAL A HG23 1 
ATOM   360  N N    . TYR A 1 25  ? 9.006   -1.393  -3.319  1.00 11.08  ? 43  TYR A N    1 
ATOM   361  C CA   . TYR A 1 25  ? 9.895   -2.180  -2.466  1.00 11.79  ? 43  TYR A CA   1 
ATOM   362  C C    . TYR A 1 25  ? 10.269  -1.537  -1.157  1.00 11.62  ? 43  TYR A C    1 
ATOM   363  O O    . TYR A 1 25  ? 10.764  -2.208  -0.226  1.00 10.67  ? 43  TYR A O    1 
ATOM   364  C CB   . TYR A 1 25  ? 11.204  -2.500  -3.217  1.00 13.90  ? 43  TYR A CB   1 
ATOM   365  C CG   . TYR A 1 25  ? 10.942  -3.213  -4.548  1.00 17.84  ? 43  TYR A CG   1 
ATOM   366  C CD1  . TYR A 1 25  ? 10.658  -4.563  -4.578  1.00 22.97  ? 43  TYR A CD1  1 
ATOM   367  C CD2  . TYR A 1 25  ? 10.931  -2.530  -5.715  1.00 18.56  ? 43  TYR A CD2  1 
ATOM   368  C CE1  . TYR A 1 25  ? 10.405  -5.216  -5.778  1.00 23.37  ? 43  TYR A CE1  1 
ATOM   369  C CE2  . TYR A 1 25  ? 10.666  -3.160  -6.921  1.00 21.90  ? 43  TYR A CE2  1 
ATOM   370  C CZ   . TYR A 1 25  ? 10.405  -4.490  -6.941  1.00 21.99  ? 43  TYR A CZ   1 
ATOM   371  O OH   . TYR A 1 25  ? 10.176  -5.105  -8.164  1.00 29.20  ? 43  TYR A OH   1 
ATOM   372  H H    . TYR A 1 25  ? 9.388   -0.706  -3.669  1.00 11.18  ? 43  TYR A H    1 
ATOM   373  H HA   . TYR A 1 25  ? 9.468   -3.032  -2.253  1.00 12.04  ? 43  TYR A HA   1 
ATOM   374  H HB2  . TYR A 1 25  ? 11.675  -1.673  -3.401  1.00 14.32  ? 43  TYR A HB2  1 
ATOM   375  H HB3  . TYR A 1 25  ? 11.752  -3.082  -2.667  1.00 14.16  ? 43  TYR A HB3  1 
ATOM   376  H HD1  . TYR A 1 25  ? 10.682  -5.040  -3.784  1.00 21.39  ? 43  TYR A HD1  1 
ATOM   377  H HD2  . TYR A 1 25  ? 11.097  -1.615  -5.707  1.00 19.32  ? 43  TYR A HD2  1 
ATOM   378  H HE1  . TYR A 1 25  ? 10.242  -6.130  -5.804  1.00 22.42  ? 43  TYR A HE1  1 
ATOM   379  H HE2  . TYR A 1 25  ? 10.672  -2.673  -7.714  1.00 21.08  ? 43  TYR A HE2  1 
ATOM   380  H HH   . TYR A 1 25  ? 9.484   -5.544  -8.133  1.00 26.24  ? 43  TYR A HH   1 
ATOM   381  N N    . LYS A 1 26  ? 10.010  -0.239  -1.037  1.00 11.25  ? 44  LYS A N    1 
ATOM   382  C CA   . LYS A 1 26  ? 10.337  0.485   0.147   1.00 12.20  ? 44  LYS A CA   1 
ATOM   383  C C    . LYS A 1 26  ? 9.494   1.747   0.211   1.00 10.11  ? 44  LYS A C    1 
ATOM   384  O O    . LYS A 1 26  ? 8.738   2.092   -0.729  1.00 8.68   ? 44  LYS A O    1 
ATOM   385  C CB   . LYS A 1 26  ? 11.799  0.834   0.169   1.00 16.15  ? 44  LYS A CB   1 
ATOM   386  C CG   . LYS A 1 26  ? 12.321  1.712   -0.895  1.00 19.58  ? 44  LYS A CG   1 
ATOM   387  C CD   . LYS A 1 26  ? 13.858  1.551   -0.856  1.00 27.12  ? 44  LYS A CD   1 
ATOM   388  C CE   . LYS A 1 26  ? 14.537  2.068   -2.123  1.00 34.20  ? 44  LYS A CE   1 
ATOM   389  N NZ   . LYS A 1 26  ? 16.041  2.102   -1.978  1.00 40.06  ? 44  LYS A NZ   1 
ATOM   390  H H    . LYS A 1 26  ? 9.645   0.245   -1.646  1.00 11.51  ? 44  LYS A H    1 
ATOM   391  H HA   . LYS A 1 26  ? 10.133  -0.056  0.939   1.00 12.14  ? 44  LYS A HA   1 
ATOM   392  H HB2  . LYS A 1 26  ? 11.995  1.275   1.009   1.00 15.63  ? 44  LYS A HB2  1 
ATOM   393  H HB3  . LYS A 1 26  ? 12.292  0.000   0.135   1.00 15.88  ? 44  LYS A HB3  1 
ATOM   394  H HG2  . LYS A 1 26  ? 11.991  1.428   -1.762  1.00 19.95  ? 44  LYS A HG2  1 
ATOM   395  H HG3  . LYS A 1 26  ? 12.093  2.637   -0.713  1.00 19.92  ? 44  LYS A HG3  1 
ATOM   396  H HD2  . LYS A 1 26  ? 14.209  2.049   -0.101  1.00 26.60  ? 44  LYS A HD2  1 
ATOM   397  H HD3  . LYS A 1 26  ? 14.090  0.612   -0.770  1.00 26.08  ? 44  LYS A HD3  1 
ATOM   398  H HE2  . LYS A 1 26  ? 14.315  1.485   -2.865  1.00 33.61  ? 44  LYS A HE2  1 
ATOM   399  H HE3  . LYS A 1 26  ? 14.230  2.971   -2.301  1.00 33.61  ? 44  LYS A HE3  1 
ATOM   400  H HZ1  . LYS A 1 26  ? 16.282  2.538   -1.158  1.00 37.90  ? 44  LYS A HZ1  1 
ATOM   401  H HZ2  . LYS A 1 26  ? 16.391  1.208   -1.971  1.00 38.10  ? 44  LYS A HZ2  1 
ATOM   402  H HZ3  . LYS A 1 26  ? 16.429  2.583   -2.713  1.00 38.10  ? 44  LYS A HZ3  1 
ATOM   403  N N    . SER A 1 27  ? 9.577   2.353   1.363   1.00 9.18   ? 45  SER A N    1 
ATOM   404  C CA   . SER A 1 27  ? 8.837   3.594   1.655   1.00 7.83   ? 45  SER A CA   1 
ATOM   405  C C    . SER A 1 27  ? 9.231   4.648   0.662   1.00 7.80   ? 45  SER A C    1 
ATOM   406  O O    . SER A 1 27  ? 10.415  4.761   0.208   1.00 8.83   ? 45  SER A O    1 
ATOM   407  C CB   . SER A 1 27  ? 9.114   4.103   3.042   1.00 7.27   ? 45  SER A CB   1 
ATOM   408  O OG   . SER A 1 27  ? 8.781   3.079   3.999   1.00 7.03   ? 45  SER A OG   1 
ATOM   409  H H    . SER A 1 27  ? 10.056  2.075   2.022   1.00 9.32   ? 45  SER A H    1 
ATOM   410  H HA   . SER A 1 27  ? 7.878   3.415   1.574   1.00 7.92   ? 45  SER A HA   1 
ATOM   411  H HB2  . SER A 1 27  ? 10.055  4.322   3.122   1.00 7.35   ? 45  SER A HB2  1 
ATOM   412  H HB3  . SER A 1 27  ? 8.569   4.888   3.210   1.00 7.38   ? 45  SER A HB3  1 
ATOM   413  H HG   . SER A 1 27  ? 9.241   3.166   4.673   1.00 7.11   ? 45  SER A HG   1 
ATOM   414  N N    . VAL A 1 28  ? 8.253   5.455   0.313   1.00 7.91   ? 46  VAL A N    1 
ATOM   415  C CA   . VAL A 1 28  ? 8.500   6.586   -0.579  1.00 7.29   ? 46  VAL A CA   1 
ATOM   416  C C    . VAL A 1 28  ? 7.662   7.751   -0.081  1.00 7.08   ? 46  VAL A C    1 
ATOM   417  O O    . VAL A 1 28  ? 6.440   7.624   0.064   1.00 6.41   ? 46  VAL A O    1 
ATOM   418  C CB   . VAL A 1 28  ? 8.249   6.276   -2.073  1.00 7.96   ? 46  VAL A CB   1 
ATOM   419  C CG1  . VAL A 1 28  ? 6.899   5.567   -2.329  1.00 8.64   ? 46  VAL A CG1  1 
ATOM   420  C CG2  . VAL A 1 28  ? 8.427   7.483   -2.938  1.00 7.53   ? 46  VAL A CG2  1 
ATOM   421  H H    . VAL A 1 28  ? 7.435   5.377   0.569   1.00 7.72   ? 46  VAL A H    1 
ATOM   422  H HA   . VAL A 1 28  ? 9.439   6.854   -0.500  1.00 7.48   ? 46  VAL A HA   1 
ATOM   423  H HB   . VAL A 1 28  ? 8.942   5.641   -2.352  1.00 7.87   ? 46  VAL A HB   1 
ATOM   424  H HG11 . VAL A 1 28  ? 6.829   5.363   -3.265  1.00 8.40   ? 46  VAL A HG11 1 
ATOM   425  H HG12 . VAL A 1 28  ? 6.864   4.756   -1.816  1.00 8.39   ? 46  VAL A HG12 1 
ATOM   426  H HG13 . VAL A 1 28  ? 6.183   6.150   -2.070  1.00 8.35   ? 46  VAL A HG13 1 
ATOM   427  H HG21 . VAL A 1 28  ? 8.584   7.196   -3.839  1.00 7.65   ? 46  VAL A HG21 1 
ATOM   428  H HG22 . VAL A 1 28  ? 7.629   8.016   -2.902  1.00 7.65   ? 46  VAL A HG22 1 
ATOM   429  H HG23 . VAL A 1 28  ? 9.176   7.989   -2.617  1.00 7.65   ? 46  VAL A HG23 1 
ATOM   430  N N    . GLY A 1 29  ? 8.310   8.896   0.106   1.00 6.48   ? 47  GLY A N    1 
ATOM   431  C CA   . GLY A 1 29  ? 7.658   10.006  0.683   1.00 6.25   ? 47  GLY A CA   1 
ATOM   432  C C    . GLY A 1 29  ? 6.810   10.981  -0.163  1.00 6.29   ? 47  GLY A C    1 
ATOM   433  O O    . GLY A 1 29  ? 6.014   11.796  0.384   1.00 6.21   ? 47  GLY A O    1 
ATOM   434  H H    . GLY A 1 29  ? 9.131   9.040   -0.104  1.00 6.59   ? 47  GLY A H    1 
ATOM   435  H HA2  . GLY A 1 29  ? 7.082   9.684   1.396   1.00 6.33   ? 47  GLY A HA2  1 
ATOM   436  H HA3  . GLY A 1 29  ? 8.342   10.546  1.107   1.00 6.32   ? 47  GLY A HA3  1 
ATOM   437  N N    . SER A 1 30  ? 6.917   10.889  -1.477  1.00 6.23   ? 48  SER A N    1 
ATOM   438  C CA   . SER A 1 30  ? 6.076   11.666  -2.363  1.00 6.50   ? 48  SER A CA   1 
ATOM   439  C C    . SER A 1 30  ? 5.986   11.030  -3.742  1.00 6.39   ? 48  SER A C    1 
ATOM   440  O O    . SER A 1 30  ? 7.020   10.622  -4.311  1.00 5.87   ? 48  SER A O    1 
ATOM   441  C CB   . SER A 1 30  ? 6.489   13.129  -2.463  1.00 6.39   ? 48  SER A CB   1 
ATOM   442  O OG   . SER A 1 30  ? 7.856   13.254  -2.871  1.00 6.86   ? 48  SER A OG   1 
ATOM   443  H H    . SER A 1 30  ? 7.477   10.379  -1.883  1.00 6.31   ? 48  SER A H    1 
ATOM   444  H HA   . SER A 1 30  ? 5.174   11.669  -1.988  1.00 6.41   ? 48  SER A HA   1 
ATOM   445  H HB2  . SER A 1 30  ? 5.924   13.572  -3.114  1.00 6.52   ? 48  SER A HB2  1 
ATOM   446  H HB3  . SER A 1 30  ? 6.381   13.546  -1.594  1.00 6.52   ? 48  SER A HB3  1 
ATOM   447  H HG   . SER A 1 30  ? 7.906   13.263  -3.689  1.00 6.70   ? 48  SER A HG   1 
ATOM   448  N N    . LEU A 1 31  ? 4.756   10.959  -4.249  1.00 6.81   ? 49  LEU A N    1 
ATOM   449  C CA   . LEU A 1 31  ? 4.438   10.467  -5.565  1.00 6.71   ? 49  LEU A CA   1 
ATOM   450  C C    . LEU A 1 31  ? 3.589   11.553  -6.182  1.00 7.49   ? 49  LEU A C    1 
ATOM   451  O O    . LEU A 1 31  ? 2.506   11.896  -5.671  1.00 6.81   ? 49  LEU A O    1 
ATOM   452  C CB   . LEU A 1 31  ? 3.678   9.143   -5.495  1.00 7.18   ? 49  LEU A CB   1 
ATOM   453  C CG   . LEU A 1 31  ? 4.309   8.001   -4.696  1.00 7.74   ? 49  LEU A CG   1 
ATOM   454  C CD1  . LEU A 1 31  ? 3.290   6.864   -4.470  1.00 7.83   ? 49  LEU A CD1  1 
ATOM   455  C CD2  . LEU A 1 31  ? 5.488   7.451   -5.466  1.00 8.23   ? 49  LEU A CD2  1 
ATOM   456  H H    . LEU A 1 31  ? 4.055   11.202  -3.813  1.00 6.69   ? 49  LEU A H    1 
ATOM   457  H HA   . LEU A 1 31  ? 5.252   10.340  -6.097  1.00 6.95   ? 49  LEU A HA   1 
ATOM   458  H HB2  . LEU A 1 31  ? 2.813   9.318   -5.091  1.00 7.21   ? 49  LEU A HB2  1 
ATOM   459  H HB3  . LEU A 1 31  ? 3.541   8.826   -6.402  1.00 7.22   ? 49  LEU A HB3  1 
ATOM   460  H HG   . LEU A 1 31  ? 4.617   8.324   -3.836  1.00 7.72   ? 49  LEU A HG   1 
ATOM   461  H HD11 . LEU A 1 31  ? 3.696   6.186   -3.926  1.00 7.82   ? 49  LEU A HD11 1 
ATOM   462  H HD12 . LEU A 1 31  ? 2.517   7.221   -4.024  1.00 7.81   ? 49  LEU A HD12 1 
ATOM   463  H HD13 . LEU A 1 31  ? 3.038   6.497   -5.319  1.00 7.87   ? 49  LEU A HD13 1 
ATOM   464  H HD21 . LEU A 1 31  ? 5.709   6.583   -5.119  1.00 8.05   ? 49  LEU A HD21 1 
ATOM   465  H HD22 . LEU A 1 31  ? 5.260   7.380   -6.395  1.00 8.04   ? 49  LEU A HD22 1 
ATOM   466  H HD23 . LEU A 1 31  ? 6.233   8.043   -5.347  1.00 8.06   ? 49  LEU A HD23 1 
ATOM   467  N N    . SER A 1 32  ? 4.069   12.103  -7.269  1.00 7.53   ? 50  SER A N    1 
ATOM   468  C CA   . SER A 1 32  ? 3.413   13.186  -7.926  1.00 9.17   ? 50  SER A CA   1 
ATOM   469  C C    . SER A 1 32  ? 3.466   12.960  -9.459  1.00 9.22   ? 50  SER A C    1 
ATOM   470  O O    . SER A 1 32  ? 4.539   12.709  -10.022 1.00 9.91   ? 50  SER A O    1 
ATOM   471  C CB   . SER A 1 32  ? 4.100   14.499  -7.572  1.00 10.65  ? 50  SER A CB   1 
ATOM   472  O OG   . SER A 1 32  ? 3.480   15.539  -8.324  1.00 11.72  ? 50  SER A OG   1 
ATOM   473  H H    . SER A 1 32  ? 4.799   11.857  -7.654  1.00 7.86   ? 50  SER A H    1 
ATOM   474  H HA   . SER A 1 32  ? 2.491   13.255  -7.618  1.00 9.02   ? 50  SER A HA   1 
ATOM   475  H HB2  . SER A 1 32  ? 3.997   14.677  -6.626  1.00 10.69  ? 50  SER A HB2  1 
ATOM   476  H HB3  . SER A 1 32  ? 5.041   14.445  -7.805  1.00 10.56  ? 50  SER A HB3  1 
ATOM   477  H HG   . SER A 1 32  ? 3.987   15.806  -8.911  1.00 11.29  ? 50  SER A HG   1 
ATOM   478  N N    . PRO A 1 33  ? 2.331   13.065  -10.125 1.00 9.10   ? 51  PRO A N    1 
ATOM   479  C CA   . PRO A 1 33  ? 1.027   13.207  -9.485  1.00 9.71   ? 51  PRO A CA   1 
ATOM   480  C C    . PRO A 1 33  ? 0.682   11.945  -8.669  1.00 8.09   ? 51  PRO A C    1 
ATOM   481  O O    . PRO A 1 33  ? 1.286   10.887  -8.789  1.00 7.53   ? 51  PRO A O    1 
ATOM   482  C CB   . PRO A 1 33  ? 0.065   13.277  -10.677 1.00 9.66   ? 51  PRO A CB   1 
ATOM   483  C CG   . PRO A 1 33  ? 0.738   12.440  -11.684 1.00 11.85  ? 51  PRO A CG   1 
ATOM   484  C CD   . PRO A 1 33  ? 2.207   12.687  -11.539 1.00 11.69  ? 51  PRO A CD   1 
ATOM   485  H HA   . PRO A 1 33  ? 0.968   14.024  -8.950  1.00 9.25   ? 51  PRO A HA   1 
ATOM   486  H HB2  . PRO A 1 33  ? -0.802  12.912  -10.441 1.00 10.08  ? 51  PRO A HB2  1 
ATOM   487  H HB3  . PRO A 1 33  ? -0.015  14.194  -10.983 1.00 10.13  ? 51  PRO A HB3  1 
ATOM   488  H HG2  . PRO A 1 33  ? 0.532   11.507  -11.521 1.00 11.19  ? 51  PRO A HG2  1 
ATOM   489  H HG3  . PRO A 1 33  ? 0.439   12.701  -12.569 1.00 11.24  ? 51  PRO A HG3  1 
ATOM   490  H HD2  . PRO A 1 33  ? 2.704   11.874  -11.723 1.00 11.00  ? 51  PRO A HD2  1 
ATOM   491  H HD3  . PRO A 1 33  ? 2.488   13.416  -12.113 1.00 11.04  ? 51  PRO A HD3  1 
ATOM   492  N N    . PRO A 1 34  ? -0.391  12.055  -7.879  1.00 8.77   ? 52  PRO A N    1 
ATOM   493  C CA   . PRO A 1 34  ? -0.701  10.849  -7.061  1.00 8.52   ? 52  PRO A CA   1 
ATOM   494  C C    . PRO A 1 34  ? -1.008  9.580   -7.906  1.00 8.95   ? 52  PRO A C    1 
ATOM   495  O O    . PRO A 1 34  ? -1.579  9.707   -8.979  1.00 10.52  ? 52  PRO A O    1 
ATOM   496  C CB   . PRO A 1 34  ? -1.921  11.277  -6.221  1.00 8.61   ? 52  PRO A CB   1 
ATOM   497  C CG   . PRO A 1 34  ? -1.812  12.819  -6.216  1.00 9.62   ? 52  PRO A CG   1 
ATOM   498  C CD   . PRO A 1 34  ? -1.235  13.211  -7.557  1.00 9.25   ? 52  PRO A CD   1 
ATOM   499  H HA   . PRO A 1 34  ? 0.045   10.659  -6.456  1.00 8.61   ? 52  PRO A HA   1 
ATOM   500  H HB2  . PRO A 1 34  ? -2.743  10.988  -6.649  1.00 8.81   ? 52  PRO A HB2  1 
ATOM   501  H HB3  . PRO A 1 34  ? -1.849  10.920  -5.322  1.00 8.81   ? 52  PRO A HB3  1 
ATOM   502  H HG2  . PRO A 1 34  ? -2.694  13.206  -6.101  1.00 9.28   ? 52  PRO A HG2  1 
ATOM   503  H HG3  . PRO A 1 34  ? -1.221  13.099  -5.499  1.00 9.28   ? 52  PRO A HG3  1 
ATOM   504  H HD2  . PRO A 1 34  ? -1.939  13.315  -8.215  1.00 9.22   ? 52  PRO A HD2  1 
ATOM   505  H HD3  . PRO A 1 34  ? -0.705  14.018  -7.466  1.00 9.23   ? 52  PRO A HD3  1 
ATOM   506  N N    . TRP A 1 35  ? -0.625  8.410   -7.417  1.00 8.90   ? 53  TRP A N    1 
ATOM   507  C CA   . TRP A 1 35  ? -0.922  7.124   -8.087  1.00 9.73   ? 53  TRP A CA   1 
ATOM   508  C C    . TRP A 1 35  ? -2.320  6.711   -7.877  1.00 9.45   ? 53  TRP A C    1 
ATOM   509  O O    . TRP A 1 35  ? -2.780  6.760   -6.751  1.00 9.64   ? 53  TRP A O    1 
ATOM   510  C CB   . TRP A 1 35  ? 0.030   6.094   -7.572  1.00 10.20  ? 53  TRP A CB   1 
ATOM   511  C CG   . TRP A 1 35  ? 1.423   6.335   -8.082  1.00 11.93  ? 53  TRP A CG   1 
ATOM   512  C CD1  . TRP A 1 35  ? 1.931   7.490   -8.702  1.00 12.55  ? 53  TRP A CD1  1 
ATOM   513  C CD2  . TRP A 1 35  ? 2.537   5.421   -7.996  1.00 12.06  ? 53  TRP A CD2  1 
ATOM   514  N NE1  . TRP A 1 35  ? 3.268   7.307   -8.991  1.00 14.62  ? 53  TRP A NE1  1 
ATOM   515  C CE2  . TRP A 1 35  ? 3.669   6.090   -8.604  1.00 13.45  ? 53  TRP A CE2  1 
ATOM   516  C CE3  . TRP A 1 35  ? 2.700   4.137   -7.490  1.00 14.11  ? 53  TRP A CE3  1 
ATOM   517  C CZ2  . TRP A 1 35  ? 4.906   5.457   -8.743  1.00 15.29  ? 53  TRP A CZ2  1 
ATOM   518  C CZ3  . TRP A 1 35  ? 3.940   3.553   -7.605  1.00 15.95  ? 53  TRP A CZ3  1 
ATOM   519  C CH2  . TRP A 1 35  ? 5.010   4.200   -8.219  1.00 14.73  ? 53  TRP A CH2  1 
ATOM   520  H H    . TRP A 1 35  ? -0.185  8.328   -6.682  1.00 9.18   ? 53  TRP A H    1 
ATOM   521  H HA   . TRP A 1 35  ? -0.756  7.233   -9.168  1.00 9.80   ? 53  TRP A HA   1 
ATOM   522  H HB2  . TRP A 1 35  ? 0.050   6.120   -6.480  1.00 10.44  ? 53  TRP A HB2  1 
ATOM   523  H HB3  . TRP A 1 35  ? -0.288  5.108   -7.916  1.00 10.44  ? 53  TRP A HB3  1 
ATOM   524  H HD1  . TRP A 1 35  ? 1.374   8.388   -8.926  1.00 12.61  ? 53  TRP A HD1  1 
ATOM   525  H HE1  . TRP A 1 35  ? 3.867   7.997   -9.487  1.00 13.78  ? 53  TRP A HE1  1 
ATOM   526  H HE3  . TRP A 1 35  ? 1.872   3.605   -7.037  1.00 13.90  ? 53  TRP A HE3  1 
ATOM   527  H HZ2  . TRP A 1 35  ? 5.749   5.969   -9.180  1.00 14.49  ? 53  TRP A HZ2  1 
ATOM   528  H HZ3  . TRP A 1 35  ? 4.080   2.546   -7.232  1.00 14.90  ? 53  TRP A HZ3  1 
ATOM   529  H HH2  . TRP A 1 35  ? 5.965   3.693   -8.272  1.00 14.85  ? 53  TRP A HH2  1 
ATOM   530  N N    . THR A 1 36  ? -3.029  6.336   -8.946  1.00 9.38   ? 54  THR A N    1 
ATOM   531  C CA   . THR A 1 36  ? -4.454  5.967   -8.856  1.00 9.36   ? 54  THR A CA   1 
ATOM   532  C C    . THR A 1 36  ? -4.688  4.558   -9.346  1.00 9.22   ? 54  THR A C    1 
ATOM   533  O O    . THR A 1 36  ? -5.273  4.336   -10.429 1.00 11.43  ? 54  THR A O    1 
ATOM   534  C CB   . THR A 1 36  ? -5.286  6.963   -9.662  1.00 9.19   ? 54  THR A CB   1 
ATOM   535  O OG1  . THR A 1 36  ? -4.757  7.007   -11.012 1.00 9.73   ? 54  THR A OG1  1 
ATOM   536  C CG2  . THR A 1 36  ? -5.246  8.334   -8.995  1.00 9.86   ? 54  THR A CG2  1 
ATOM   537  H H    . THR A 1 36  ? -2.712  6.282   -9.744  1.00 9.41   ? 54  THR A H    1 
ATOM   538  H HA   . THR A 1 36  ? -4.757  6.019   -7.929  1.00 9.27   ? 54  THR A HA   1 
ATOM   539  H HB   . THR A 1 36  ? -6.210  6.668   -9.687  1.00 9.47   ? 54  THR A HB   1 
ATOM   540  H HG1  . THR A 1 36  ? -5.188  6.508   -11.500 1.00 9.54   ? 54  THR A HG1  1 
ATOM   541  H HG21 . THR A 1 36  ? -5.832  8.939   -9.456  1.00 9.63   ? 54  THR A HG21 1 
ATOM   542  H HG22 . THR A 1 36  ? -5.531  8.263   -8.081  1.00 9.59   ? 54  THR A HG22 1 
ATOM   543  H HG23 . THR A 1 36  ? -4.354  8.687   -9.018  1.00 9.63   ? 54  THR A HG23 1 
ATOM   544  N N    . PRO A 1 37  ? -4.234  3.545   -8.604  1.00 9.14   ? 55  PRO A N    1 
ATOM   545  C CA   . PRO A 1 37  ? -4.427  2.165   -9.024  1.00 8.19   ? 55  PRO A CA   1 
ATOM   546  C C    . PRO A 1 37  ? -5.906  1.732   -8.873  1.00 8.69   ? 55  PRO A C    1 
ATOM   547  O O    . PRO A 1 37  ? -6.708  2.286   -8.071  1.00 9.46   ? 55  PRO A O    1 
ATOM   548  C CB   . PRO A 1 37  ? -3.580  1.404   -8.054  1.00 8.25   ? 55  PRO A CB   1 
ATOM   549  C CG   . PRO A 1 37  ? -3.686  2.207   -6.754  1.00 8.37   ? 55  PRO A CG   1 
ATOM   550  C CD   . PRO A 1 37  ? -3.604  3.615   -7.271  1.00 8.87   ? 55  PRO A CD   1 
ATOM   551  H HA   . PRO A 1 37  ? -4.111  2.018   -9.940  1.00 8.50   ? 55  PRO A HA   1 
ATOM   552  H HB2  . PRO A 1 37  ? -3.928  0.507   -7.936  1.00 8.27   ? 55  PRO A HB2  1 
ATOM   553  H HB3  . PRO A 1 37  ? -2.663  1.380   -8.369  1.00 8.26   ? 55  PRO A HB3  1 
ATOM   554  H HG2  . PRO A 1 37  ? -4.537  2.039   -6.320  1.00 8.48   ? 55  PRO A HG2  1 
ATOM   555  H HG3  . PRO A 1 37  ? -2.941  2.002   -6.169  1.00 8.55   ? 55  PRO A HG3  1 
ATOM   556  H HD2  . PRO A 1 37  ? -4.100  4.209   -6.688  1.00 8.83   ? 55  PRO A HD2  1 
ATOM   557  H HD3  . PRO A 1 37  ? -2.676  3.888   -7.350  1.00 8.82   ? 55  PRO A HD3  1 
ATOM   558  N N    . GLY A 1 38  ? -6.257  0.737   -9.657  1.00 8.02   ? 56  GLY A N    1 
ATOM   559  C CA   . GLY A 1 38  ? -7.552  0.065   -9.549  1.00 7.68   ? 56  GLY A CA   1 
ATOM   560  C C    . GLY A 1 38  ? -7.620  -0.869  -8.385  1.00 7.26   ? 56  GLY A C    1 
ATOM   561  O O    . GLY A 1 38  ? -8.699  -1.120  -7.884  1.00 6.93   ? 56  GLY A O    1 
ATOM   562  H H    . GLY A 1 38  ? -5.759  0.415   -10.280 1.00 8.10   ? 56  GLY A H    1 
ATOM   563  H HA2  . GLY A 1 38  ? -8.258  0.724   -9.457  1.00 7.70   ? 56  GLY A HA2  1 
ATOM   564  H HA3  . GLY A 1 38  ? -7.717  -0.443  -10.358 1.00 7.72   ? 56  GLY A HA3  1 
ATOM   565  N N    . SER A 1 39  ? -6.523  -1.540  -8.062  1.00 7.85   ? 57  SER A N    1 
ATOM   566  C CA   . SER A 1 39  ? -6.443  -2.465  -6.970  1.00 8.02   ? 57  SER A CA   1 
ATOM   567  C C    . SER A 1 39  ? -5.017  -2.552  -6.418  1.00 8.17   ? 57  SER A C    1 
ATOM   568  O O    . SER A 1 39  ? -4.102  -2.228  -7.089  1.00 8.66   ? 57  SER A O    1 
ATOM   569  C CB   . SER A 1 39  ? -6.996  -3.870  -7.354  1.00 8.09   ? 57  SER A CB   1 
ATOM   570  O OG   . SER A 1 39  ? -6.440  -4.325  -8.544  1.00 7.73   ? 57  SER A OG   1 
ATOM   571  H H    . SER A 1 39  ? -5.783  -1.471  -8.495  1.00 7.76   ? 57  SER A H    1 
ATOM   572  H HA   . SER A 1 39  ? -7.003  -2.126  -6.241  1.00 8.00   ? 57  SER A HA   1 
ATOM   573  H HB2  . SER A 1 39  ? -6.780  -4.499  -6.648  1.00 8.00   ? 57  SER A HB2  1 
ATOM   574  H HB3  . SER A 1 39  ? -7.956  -3.810  -7.461  1.00 8.01   ? 57  SER A HB3  1 
ATOM   575  H HG   . SER A 1 39  ? -6.730  -3.890  -9.176  1.00 7.85   ? 57  SER A HG   1 
ATOM   576  N N    . VAL A 1 40  ? -4.879  -3.018  -5.181  1.00 8.17   ? 58  VAL A N    1 
ATOM   577  C CA   . VAL A 1 40  ? -3.613  -3.050  -4.478  1.00 8.66   ? 58  VAL A CA   1 
ATOM   578  C C    . VAL A 1 40  ? -3.596  -4.307  -3.636  1.00 8.83   ? 58  VAL A C    1 
ATOM   579  O O    . VAL A 1 40  ? -4.581  -4.633  -2.993  1.00 8.87   ? 58  VAL A O    1 
ATOM   580  C CB   . VAL A 1 40  ? -3.493  -1.841  -3.551  1.00 9.23   ? 58  VAL A CB   1 
ATOM   581  C CG1  . VAL A 1 40  ? -2.248  -1.890  -2.749  1.00 9.93   ? 58  VAL A CG1  1 
ATOM   582  C CG2  . VAL A 1 40  ? -3.642  -0.544  -4.344  1.00 8.37   ? 58  VAL A CG2  1 
ATOM   583  H H    . VAL A 1 40  ? -5.535  -3.326  -4.718  1.00 8.28   ? 58  VAL A H    1 
ATOM   584  H HA   . VAL A 1 40  ? -2.866  -3.059  -5.107  1.00 8.73   ? 58  VAL A HA   1 
ATOM   585  H HB   . VAL A 1 40  ? -4.239  -1.872  -2.917  1.00 9.07   ? 58  VAL A HB   1 
ATOM   586  H HG11 . VAL A 1 40  ? -2.012  -1.002  -2.470  1.00 9.66   ? 58  VAL A HG11 1 
ATOM   587  H HG12 . VAL A 1 40  ? -2.394  -2.439  -1.975  1.00 9.74   ? 58  VAL A HG12 1 
ATOM   588  H HG13 . VAL A 1 40  ? -1.541  -2.259  -3.283  1.00 9.65   ? 58  VAL A HG13 1 
ATOM   589  H HG21 . VAL A 1 40  ? -3.322  0.191   -3.816  1.00 8.66   ? 58  VAL A HG21 1 
ATOM   590  H HG22 . VAL A 1 40  ? -3.132  -0.612  -5.154  1.00 8.63   ? 58  VAL A HG22 1 
ATOM   591  H HG23 . VAL A 1 40  ? -4.570  -0.410  -4.550  1.00 8.62   ? 58  VAL A HG23 1 
ATOM   592  N N    . CYS A 1 41  ? -2.451  -4.995  -3.613  1.00 9.51   ? 59  CYS A N    1 
ATOM   593  C CA   . CYS A 1 41  ? -2.287  -6.178  -2.795  1.00 9.24   ? 59  CYS A CA   1 
ATOM   594  C C    . CYS A 1 41  ? -0.916  -6.174  -2.114  1.00 9.42   ? 59  CYS A C    1 
ATOM   595  O O    . CYS A 1 41  ? 0.046   -5.602  -2.598  1.00 9.23   ? 59  CYS A O    1 
ATOM   596  C CB   . CYS A 1 41  ? -2.254  -7.402  -3.665  1.00 10.33  ? 59  CYS A CB   1 
ATOM   597  S SG   . CYS A 1 41  ? -3.795  -7.715  -4.583  1.00 11.51  ? 59  CYS A SG   1 
ATOM   598  H H    . CYS A 1 41  ? -1.754  -4.790  -4.072  1.00 9.26   ? 59  CYS A H    1 
ATOM   599  H HA   . CYS A 1 41  ? -2.992  -6.257  -2.124  1.00 9.55   ? 59  CYS A HA   1 
ATOM   600  H HB2  . CYS A 1 41  ? -1.546  -7.299  -4.318  1.00 10.46  ? 59  CYS A HB2  1 
ATOM   601  H HB3  . CYS A 1 41  ? -2.082  -8.181  -3.113  1.00 10.31  ? 59  CYS A HB3  1 
ATOM   602  H HG   . CYS A 1 41  ? -4.059  -6.647  -5.350  1.00 10.87  ? 59  CYS A HG   1 
ATOM   603  N N    . VAL A 1 42  ? -0.830  -6.983  -1.072  1.00 9.08   ? 60  VAL A N    1 
ATOM   604  C CA   . VAL A 1 42  ? 0.407   -7.374  -0.428  1.00 10.14  ? 60  VAL A CA   1 
ATOM   605  C C    . VAL A 1 42  ? 0.444   -8.900  -0.405  1.00 11.24  ? 60  VAL A C    1 
ATOM   606  O O    . VAL A 1 42  ? -0.516  -9.529  0.026   1.00 11.72  ? 60  VAL A O    1 
ATOM   607  C CB   . VAL A 1 42  ? 0.494   -6.872  1.016   1.00 9.70   ? 60  VAL A CB   1 
ATOM   608  C CG1  . VAL A 1 42  ? 1.834   -7.280  1.601   1.00 10.94  ? 60  VAL A CG1  1 
ATOM   609  C CG2  . VAL A 1 42  ? 0.255   -5.369  1.106   1.00 9.93   ? 60  VAL A CG2  1 
ATOM   610  H H    . VAL A 1 42  ? -1.520  -7.336  -0.697  1.00 9.43   ? 60  VAL A H    1 
ATOM   611  H HA   . VAL A 1 42  ? 1.172   -7.017  -0.918  1.00 10.16  ? 60  VAL A HA   1 
ATOM   612  H HB   . VAL A 1 42  ? -0.205  -7.313  1.541   1.00 10.10  ? 60  VAL A HB   1 
ATOM   613  H HG11 . VAL A 1 42  ? 1.918   -6.898  2.476   1.00 10.53  ? 60  VAL A HG11 1 
ATOM   614  H HG12 . VAL A 1 42  ? 1.890   -8.236  1.657   1.00 10.57  ? 60  VAL A HG12 1 
ATOM   615  H HG13 . VAL A 1 42  ? 2.533   -6.947  1.033   1.00 10.54  ? 60  VAL A HG13 1 
ATOM   616  H HG21 . VAL A 1 42  ? 0.434   -5.078  2.002   1.00 9.82   ? 60  VAL A HG21 1 
ATOM   617  H HG22 . VAL A 1 42  ? 0.844   -4.922  0.492   1.00 9.84   ? 60  VAL A HG22 1 
ATOM   618  H HG23 . VAL A 1 42  ? -0.659  -5.181  0.879   1.00 9.83   ? 60  VAL A HG23 1 
ATOM   619  N N    . PRO A 1 43  ? 1.517   -9.469  -0.902  1.00 12.40  ? 61  PRO A N    1 
ATOM   620  C CA   . PRO A 1 43  ? 1.600   -10.948 -0.942  1.00 14.12  ? 61  PRO A CA   1 
ATOM   621  C C    . PRO A 1 43  ? 1.526   -11.597 0.441   1.00 13.71  ? 61  PRO A C    1 
ATOM   622  O O    . PRO A 1 43  ? 1.886   -11.002 1.476   1.00 14.91  ? 61  PRO A O    1 
ATOM   623  C CB   . PRO A 1 43  ? 2.939   -11.213 -1.633  1.00 15.76  ? 61  PRO A CB   1 
ATOM   624  C CG   . PRO A 1 43  ? 3.288   -9.987  -2.343  1.00 16.61  ? 61  PRO A CG   1 
ATOM   625  C CD   . PRO A 1 43  ? 2.629   -8.827  -1.625  1.00 13.80  ? 61  PRO A CD   1 
ATOM   626  H HA   . PRO A 1 43  ? 0.878   -11.301 -1.501  1.00 14.26  ? 61  PRO A HA   1 
ATOM   627  H HB2  . PRO A 1 43  ? 3.616   -11.422 -0.970  1.00 15.51  ? 61  PRO A HB2  1 
ATOM   628  H HB3  . PRO A 1 43  ? 2.840   -11.948 -2.258  1.00 15.54  ? 61  PRO A HB3  1 
ATOM   629  H HG2  . PRO A 1 43  ? 4.252   -9.878  -2.337  1.00 15.72  ? 61  PRO A HG2  1 
ATOM   630  H HG3  . PRO A 1 43  ? 2.963   -10.043 -3.256  1.00 15.71  ? 61  PRO A HG3  1 
ATOM   631  H HD2  . PRO A 1 43  ? 3.246   -8.428  -0.995  1.00 14.10  ? 61  PRO A HD2  1 
ATOM   632  H HD3  . PRO A 1 43  ? 2.304   -8.184  -2.275  1.00 13.97  ? 61  PRO A HD3  1 
ATOM   633  N N    . PHE A 1 44  ? 1.070   -12.861 0.446   1.00 14.46  ? 62  PHE A N    1 
ATOM   634  C CA   . PHE A 1 44  ? 1.086   -13.657 1.604   1.00 15.99  ? 62  PHE A CA   1 
ATOM   635  C C    . PHE A 1 44  ? 2.513   -14.013 1.949   1.00 18.27  ? 62  PHE A C    1 
ATOM   636  O O    . PHE A 1 44  ? 3.326   -14.125 1.075   1.00 21.33  ? 62  PHE A O    1 
ATOM   637  C CB   . PHE A 1 44  ? 0.284   -14.925 1.349   1.00 17.42  ? 62  PHE A CB   1 
ATOM   638  C CG   . PHE A 1 44  ? -1.171  -14.779 1.677   1.00 18.21  ? 62  PHE A CG   1 
ATOM   639  C CD1  . PHE A 1 44  ? -1.584  -14.812 2.999   1.00 19.46  ? 62  PHE A CD1  1 
ATOM   640  C CD2  . PHE A 1 44  ? -2.135  -14.628 0.663   1.00 19.87  ? 62  PHE A CD2  1 
ATOM   641  C CE1  . PHE A 1 44  ? -2.936  -14.693 3.307   1.00 18.99  ? 62  PHE A CE1  1 
ATOM   642  C CE2  . PHE A 1 44  ? -3.499  -14.551 0.959   1.00 19.20  ? 62  PHE A CE2  1 
ATOM   643  C CZ   . PHE A 1 44  ? -3.906  -14.564 2.282   1.00 18.44  ? 62  PHE A CZ   1 
ATOM   644  H H    . PHE A 1 44  ? 0.749   -13.250 -0.249  1.00 14.70  ? 62  PHE A H    1 
ATOM   645  H HA   . PHE A 1 44  ? 0.683   -13.168 2.353   1.00 16.50  ? 62  PHE A HA   1 
ATOM   646  H HB2  . PHE A 1 44  ? 0.360   -15.185 0.417   1.00 17.23  ? 62  PHE A HB2  1 
ATOM   647  H HB3  . PHE A 1 44  ? 0.634   -15.635 1.910   1.00 17.26  ? 62  PHE A HB3  1 
ATOM   648  H HD1  . PHE A 1 44  ? -0.957  -14.904 3.680   1.00 19.02  ? 62  PHE A HD1  1 
ATOM   649  H HD2  . PHE A 1 44  ? -1.864  -14.632 -0.226  1.00 19.19  ? 62  PHE A HD2  1 
ATOM   650  H HE1  . PHE A 1 44  ? -3.203  -14.720 4.193   1.00 18.95  ? 62  PHE A HE1  1 
ATOM   651  H HE2  . PHE A 1 44  ? -4.122  -14.444 0.277   1.00 19.12  ? 62  PHE A HE2  1 
ATOM   652  H HZ   . PHE A 1 44  ? -4.807  -14.485 2.496   1.00 18.78  ? 62  PHE A HZ   1 
ATOM   653  N N    . VAL A 1 45  ? 2.771   -14.162 3.226   1.00 21.38  ? 63  VAL A N    1 
ATOM   654  C CA   . VAL A 1 45  ? 4.030   -14.612 3.755   1.00 25.63  ? 63  VAL A CA   1 
ATOM   655  C C    . VAL A 1 45  ? 3.765   -15.950 4.478   1.00 29.23  ? 63  VAL A C    1 
ATOM   656  O O    . VAL A 1 45  ? 3.840   -17.012 3.859   1.00 36.40  ? 63  VAL A O    1 
ATOM   657  C CB   . VAL A 1 45  ? 4.554   -13.520 4.727   1.00 28.25  ? 63  VAL A CB   1 
ATOM   658  C CG1  . VAL A 1 45  ? 5.686   -14.038 5.592   1.00 34.76  ? 63  VAL A CG1  1 
ATOM   659  C CG2  . VAL A 1 45  ? 5.030   -12.335 3.912   1.00 28.68  ? 63  VAL A CG2  1 
ATOM   660  H H    . VAL A 1 45  ? 2.194   -14.007 3.841   1.00 21.60  ? 63  VAL A H    1 
ATOM   661  H HA   . VAL A 1 45  ? 4.686   -14.760 3.043   1.00 25.71  ? 63  VAL A HA   1 
ATOM   662  H HB   . VAL A 1 45  ? 3.827   -13.223 5.314   1.00 28.79  ? 63  VAL A HB   1 
ATOM   663  H HG11 . VAL A 1 45  ? 6.271   -14.575 5.052   1.00 32.35  ? 63  VAL A HG11 1 
ATOM   664  H HG12 . VAL A 1 45  ? 6.172   -13.298 5.963   1.00 32.39  ? 63  VAL A HG12 1 
ATOM   665  H HG13 . VAL A 1 45  ? 5.321   -14.569 6.304   1.00 32.46  ? 63  VAL A HG13 1 
ATOM   666  H HG21 . VAL A 1 45  ? 5.473   -12.650 3.121   1.00 28.38  ? 63  VAL A HG21 1 
ATOM   667  H HG22 . VAL A 1 45  ? 4.271   -11.801 3.669   1.00 28.47  ? 63  VAL A HG22 1 
ATOM   668  H HG23 . VAL A 1 45  ? 5.641   -11.813 4.435   1.00 28.29  ? 63  VAL A HG23 1 
ATOM   669  N N    . GLU A 1 51  ? 9.455   -9.744  9.317   1.00 50.36  ? 69  GLU A N    1 
ATOM   670  C CA   . GLU A 1 51  ? 8.359   -10.627 9.773   1.00 46.94  ? 69  GLU A CA   1 
ATOM   671  C C    . GLU A 1 51  ? 7.278   -10.642 8.659   1.00 36.14  ? 69  GLU A C    1 
ATOM   672  O O    . GLU A 1 51  ? 7.542   -11.002 7.437   1.00 30.10  ? 69  GLU A O    1 
ATOM   673  C CB   . GLU A 1 51  ? 7.862   -10.126 11.175  1.00 50.56  ? 69  GLU A CB   1 
ATOM   674  C CG   . GLU A 1 51  ? 6.734   -10.896 11.880  1.00 52.93  ? 69  GLU A CG   1 
ATOM   675  C CD   . GLU A 1 51  ? 6.828   -12.432 11.793  1.00 64.96  ? 69  GLU A CD   1 
ATOM   676  O OE1  . GLU A 1 51  ? 7.946   -13.002 11.682  1.00 71.85  ? 69  GLU A OE1  1 
ATOM   677  O OE2  . GLU A 1 51  ? 5.756   -13.093 11.855  1.00 66.44  ? 69  GLU A OE2  1 
ATOM   678  H H    . GLU A 1 51  ? 9.853   -10.018 8.607   1.00 49.28  ? 69  GLU A H    1 
ATOM   679  H HA   . GLU A 1 51  ? 8.710   -11.534 9.876   1.00 46.19  ? 69  GLU A HA   1 
ATOM   680  H HB2  . GLU A 1 51  ? 8.623   -10.149 11.775  1.00 49.97  ? 69  GLU A HB2  1 
ATOM   681  H HB3  . GLU A 1 51  ? 7.571   -9.205  11.084  1.00 48.93  ? 69  GLU A HB3  1 
ATOM   682  H HG2  . GLU A 1 51  ? 6.767   -10.668 12.822  1.00 54.58  ? 69  GLU A HG2  1 
ATOM   683  H HG3  . GLU A 1 51  ? 5.873   -10.637 11.527  1.00 53.04  ? 69  GLU A HG3  1 
ATOM   684  N N    . ARG A 1 52  ? 6.106   -10.154 9.045   1.00 31.39  ? 70  ARG A N    1 
ATOM   685  C CA   . ARG A 1 52  ? 5.044   -9.955  8.118   1.00 26.03  ? 70  ARG A CA   1 
ATOM   686  C C    . ARG A 1 52  ? 5.090   -8.500  7.697   1.00 20.99  ? 70  ARG A C    1 
ATOM   687  O O    . ARG A 1 52  ? 5.069   -7.610  8.551   1.00 16.63  ? 70  ARG A O    1 
ATOM   688  C CB   . ARG A 1 52  ? 3.726   -10.334 8.769   1.00 28.59  ? 70  ARG A CB   1 
ATOM   689  C CG   . ARG A 1 52  ? 3.778   -11.775 9.304   1.00 33.27  ? 70  ARG A CG   1 
ATOM   690  C CD   . ARG A 1 52  ? 2.627   -12.119 10.214  1.00 38.09  ? 70  ARG A CD   1 
ATOM   691  N NE   . ARG A 1 52  ? 2.726   -11.468 11.511  1.00 42.20  ? 70  ARG A NE   1 
ATOM   692  C CZ   . ARG A 1 52  ? 1.681   -11.227 12.305  1.00 47.62  ? 70  ARG A CZ   1 
ATOM   693  N NH1  . ARG A 1 52  ? 0.445   -11.559 11.941  1.00 51.04  ? 70  ARG A NH1  1 
ATOM   694  N NH2  . ARG A 1 52  ? 1.867   -10.633 13.470  1.00 49.51  ? 70  ARG A NH2  1 
ATOM   695  H H    . ARG A 1 52  ? 5.902   -9.897  9.831   1.00 32.45  ? 70  ARG A H    1 
ATOM   696  H HA   . ARG A 1 52  ? 5.167   -10.538 7.344   1.00 26.10  ? 70  ARG A HA   1 
ATOM   697  H HB2  . ARG A 1 52  ? 3.548   -9.737  9.512   1.00 29.04  ? 70  ARG A HB2  1 
ATOM   698  H HB3  . ARG A 1 52  ? 3.015   -10.276 8.112   1.00 28.99  ? 70  ARG A HB3  1 
ATOM   699  H HG2  . ARG A 1 52  ? 3.752   -12.387 8.553   1.00 33.24  ? 70  ARG A HG2  1 
ATOM   700  H HG3  . ARG A 1 52  ? 4.596   -11.907 9.805   1.00 33.65  ? 70  ARG A HG3  1 
ATOM   701  H HD2  . ARG A 1 52  ? 1.810   -11.831 9.778   1.00 38.31  ? 70  ARG A HD2  1 
ATOM   702  H HD3  . ARG A 1 52  ? 2.609   -13.078 10.358  1.00 37.89  ? 70  ARG A HD3  1 
ATOM   703  H HE   . ARG A 1 52  ? 3.614   -11.344 11.880  1.00 42.63  ? 70  ARG A HE   1 
ATOM   704  H HH11 . ARG A 1 52  ? 0.291   -11.950 11.194  1.00 49.11  ? 70  ARG A HH11 1 
ATOM   705  H HH12 . ARG A 1 52  ? -0.215  -11.393 12.470  1.00 49.30  ? 70  ARG A HH12 1 
ATOM   706  H HH21 . ARG A 1 52  ? 2.654   -10.407 13.698  1.00 49.01  ? 70  ARG A HH21 1 
ATOM   707  H HH22 . ARG A 1 52  ? 1.202   -10.464 13.988  1.00 48.66  ? 70  ARG A HH22 1 
ATOM   708  N N    . PRO A 1 53  ? 5.158   -8.257  6.370   1.00 17.26  ? 71  PRO A N    1 
ATOM   709  C CA   . PRO A 1 53  ? 5.083   -6.888  5.888   1.00 17.06  ? 71  PRO A CA   1 
ATOM   710  C C    . PRO A 1 53  ? 3.717   -6.269  6.151   1.00 14.62  ? 71  PRO A C    1 
ATOM   711  O O    . PRO A 1 53  ? 2.686   -6.963  6.241   1.00 14.40  ? 71  PRO A O    1 
ATOM   712  C CB   . PRO A 1 53  ? 5.308   -7.015  4.406   1.00 18.09  ? 71  PRO A CB   1 
ATOM   713  C CG   . PRO A 1 53  ? 4.938   -8.415  4.072   1.00 20.20  ? 71  PRO A CG   1 
ATOM   714  C CD   . PRO A 1 53  ? 5.284   -9.217  5.275   1.00 19.23  ? 71  PRO A CD   1 
ATOM   715  H HA   . PRO A 1 53  ? 5.788   -6.338  6.290   1.00 16.66  ? 71  PRO A HA   1 
ATOM   716  H HB2  . PRO A 1 53  ? 4.746   -6.388  3.926   1.00 18.24  ? 71  PRO A HB2  1 
ATOM   717  H HB3  . PRO A 1 53  ? 6.244   -6.855  4.205   1.00 18.31  ? 71  PRO A HB3  1 
ATOM   718  H HG2  . PRO A 1 53  ? 3.986   -8.465  3.891   1.00 19.45  ? 71  PRO A HG2  1 
ATOM   719  H HG3  . PRO A 1 53  ? 5.448   -8.713  3.303   1.00 19.45  ? 71  PRO A HG3  1 
ATOM   720  H HD2  . PRO A 1 53  ? 4.642   -9.936  5.375   1.00 19.43  ? 71  PRO A HD2  1 
ATOM   721  H HD3  . PRO A 1 53  ? 6.193   -9.551  5.214   1.00 19.05  ? 71  PRO A HD3  1 
ATOM   722  N N    . TYR A 1 54  ? 3.723   -4.953  6.391   1.00 12.52  ? 72  TYR A N    1 
ATOM   723  C CA   . TYR A 1 54  ? 2.465   -4.209  6.537   1.00 10.90  ? 72  TYR A CA   1 
ATOM   724  C C    . TYR A 1 54  ? 2.686   -2.880  5.850   1.00 10.95  ? 72  TYR A C    1 
ATOM   725  O O    . TYR A 1 54  ? 3.720   -2.277  6.069   1.00 13.14  ? 72  TYR A O    1 
ATOM   726  C CB   . TYR A 1 54  ? 2.062   -3.987  8.015   1.00 11.70  ? 72  TYR A CB   1 
ATOM   727  C CG   . TYR A 1 54  ? 0.631   -3.528  8.147   1.00 12.08  ? 72  TYR A CG   1 
ATOM   728  C CD1  . TYR A 1 54  ? 0.293   -2.178  8.040   1.00 12.31  ? 72  TYR A CD1  1 
ATOM   729  C CD2  . TYR A 1 54  ? -0.383  -4.412  8.398   1.00 12.81  ? 72  TYR A CD2  1 
ATOM   730  C CE1  . TYR A 1 54  ? -0.999  -1.750  8.092   1.00 11.45  ? 72  TYR A CE1  1 
ATOM   731  C CE2  . TYR A 1 54  ? -1.696  -4.006  8.479   1.00 12.74  ? 72  TYR A CE2  1 
ATOM   732  C CZ   . TYR A 1 54  ? -2.000  -2.646  8.355   1.00 13.02  ? 72  TYR A CZ   1 
ATOM   733  O OH   . TYR A 1 54  ? -3.281  -2.237  8.408   1.00 13.69  ? 72  TYR A OH   1 
ATOM   734  H H    . TYR A 1 54  ? 4.433   -4.475  6.479   1.00 12.68  ? 72  TYR A H    1 
ATOM   735  H HA   . TYR A 1 54  ? 1.735   -4.676  6.079   1.00 11.38  ? 72  TYR A HA   1 
ATOM   736  H HB2  . TYR A 1 54  ? 2.158   -4.823  8.497   1.00 11.79  ? 72  TYR A HB2  1 
ATOM   737  H HB3  . TYR A 1 54  ? 2.636   -3.309  8.406   1.00 11.62  ? 72  TYR A HB3  1 
ATOM   738  H HD1  . TYR A 1 54  ? 0.963   -1.560  7.852   1.00 12.13  ? 72  TYR A HD1  1 
ATOM   739  H HD2  . TYR A 1 54  ? -0.185  -5.318  8.476   1.00 12.57  ? 72  TYR A HD2  1 
ATOM   740  H HE1  . TYR A 1 54  ? -1.194  -0.846  8.008   1.00 12.10  ? 72  TYR A HE1  1 
ATOM   741  H HE2  . TYR A 1 54  ? -2.371  -4.626  8.638   1.00 12.74  ? 72  TYR A HE2  1 
ATOM   742  H HH   . TYR A 1 54  ? -3.701  -2.542  7.773   1.00 13.35  ? 72  TYR A HH   1 
ATOM   743  N N    . TRP A 1 55  ? 1.737   -2.433  5.018   1.00 9.23   ? 73  TRP A N    1 
ATOM   744  C CA   . TRP A 1 55  ? 1.947   -1.232  4.224   1.00 8.24   ? 73  TRP A CA   1 
ATOM   745  C C    . TRP A 1 55  ? 0.898   -0.183  4.524   1.00 8.15   ? 73  TRP A C    1 
ATOM   746  O O    . TRP A 1 55  ? -0.276  -0.503  4.635   1.00 8.23   ? 73  TRP A O    1 
ATOM   747  C CB   . TRP A 1 55  ? 1.918   -1.569  2.755   1.00 7.63   ? 73  TRP A CB   1 
ATOM   748  C CG   . TRP A 1 55  ? 3.068   -2.408  2.264   1.00 7.27   ? 73  TRP A CG   1 
ATOM   749  C CD1  . TRP A 1 55  ? 3.229   -3.799  2.347   1.00 7.64   ? 73  TRP A CD1  1 
ATOM   750  C CD2  . TRP A 1 55  ? 4.246   -1.909  1.627   1.00 7.21   ? 73  TRP A CD2  1 
ATOM   751  N NE1  . TRP A 1 55  ? 4.456   -4.178  1.784   1.00 7.96   ? 73  TRP A NE1  1 
ATOM   752  C CE2  . TRP A 1 55  ? 5.077   -3.078  1.295   1.00 7.01   ? 73  TRP A CE2  1 
ATOM   753  C CE3  . TRP A 1 55  ? 4.681   -0.624  1.221   1.00 7.44   ? 73  TRP A CE3  1 
ATOM   754  C CZ2  . TRP A 1 55  ? 6.253   -2.925  0.597   1.00 7.60   ? 73  TRP A CZ2  1 
ATOM   755  C CZ3  . TRP A 1 55  ? 5.881   -0.528  0.506   1.00 7.73   ? 73  TRP A CZ3  1 
ATOM   756  C CH2  . TRP A 1 55  ? 6.632   -1.676  0.243   1.00 7.05   ? 73  TRP A CH2  1 
ATOM   757  H H    . TRP A 1 55  ? 0.971   -2.806  4.900   1.00 9.39   ? 73  TRP A H    1 
ATOM   758  H HA   . TRP A 1 55  ? 2.932   -0.800  4.444   1.00 8.38   ? 73  TRP A HA   1 
ATOM   759  H HB2  . TRP A 1 55  ? 0.998   -2.119  2.545   1.00 7.68   ? 73  TRP A HB2  1 
ATOM   760  H HB3  . TRP A 1 55  ? 1.926   -0.639  2.184   1.00 7.69   ? 73  TRP A HB3  1 
ATOM   761  H HD1  . TRP A 1 55  ? 2.534   -4.476  2.827   1.00 7.62   ? 73  TRP A HD1  1 
ATOM   762  H HE1  . TRP A 1 55  ? 4.801   -5.155  1.693   1.00 7.61   ? 73  TRP A HE1  1 
ATOM   763  H HE3  . TRP A 1 55  ? 4.065   0.247   1.403   1.00 7.44   ? 73  TRP A HE3  1 
ATOM   764  H HZ2  . TRP A 1 55  ? 6.891   -3.775  0.393   1.00 7.46   ? 73  TRP A HZ2  1 
ATOM   765  H HZ3  . TRP A 1 55  ? 6.252   0.442   0.200   1.00 7.48   ? 73  TRP A HZ3  1 
ATOM   766  H HH2  . TRP A 1 55  ? 7.582   -1.556  -0.262  1.00 7.41   ? 73  TRP A HH2  1 
ATOM   767  N N    . TYR A 1 56  ? 1.306   1.075   4.690   1.00 8.28   ? 74  TYR A N    1 
ATOM   768  C CA   . TYR A 1 56  ? 0.389   2.203   4.780   1.00 8.05   ? 74  TYR A CA   1 
ATOM   769  C C    . TYR A 1 56  ? 0.457   3.070   3.532   1.00 8.06   ? 74  TYR A C    1 
ATOM   770  O O    . TYR A 1 56  ? 1.540   3.465   3.033   1.00 6.82   ? 74  TYR A O    1 
ATOM   771  C CB   . TYR A 1 56  ? 0.750   3.048   5.996   1.00 8.66   ? 74  TYR A CB   1 
ATOM   772  C CG   . TYR A 1 56  ? 0.271   2.469   7.302   1.00 9.68   ? 74  TYR A CG   1 
ATOM   773  C CD1  . TYR A 1 56  ? -1.088  2.314   7.530   1.00 11.44  ? 74  TYR A CD1  1 
ATOM   774  C CD2  . TYR A 1 56  ? 1.184   2.054   8.284   1.00 11.25  ? 74  TYR A CD2  1 
ATOM   775  C CE1  . TYR A 1 56  ? -1.538  1.795   8.738   1.00 12.51  ? 74  TYR A CE1  1 
ATOM   776  C CE2  . TYR A 1 56  ? 0.698   1.493   9.456   1.00 12.42  ? 74  TYR A CE2  1 
ATOM   777  C CZ   . TYR A 1 56  ? -0.641  1.455   9.669   1.00 13.33  ? 74  TYR A CZ   1 
ATOM   778  O OH   . TYR A 1 56  ? -1.098  0.914   10.864  1.00 19.71  ? 74  TYR A OH   1 
ATOM   779  H H    . TYR A 1 56  ? 2.133   1.303   4.752   1.00 8.22   ? 74  TYR A H    1 
ATOM   780  H HA   . TYR A 1 56  ? -0.530  1.883   4.889   1.00 8.25   ? 74  TYR A HA   1 
ATOM   781  H HB2  . TYR A 1 56  ? 1.714   3.141   6.042   1.00 8.80   ? 74  TYR A HB2  1 
ATOM   782  H HB3  . TYR A 1 56  ? 0.343   3.923   5.902   1.00 8.74   ? 74  TYR A HB3  1 
ATOM   783  H HD1  . TYR A 1 56  ? -1.698  2.600   6.891   1.00 11.14  ? 74  TYR A HD1  1 
ATOM   784  H HD2  . TYR A 1 56  ? 2.099   2.127   8.142   1.00 11.31  ? 74  TYR A HD2  1 
ATOM   785  H HE1  . TYR A 1 56  ? -2.449  1.719   8.909   1.00 12.35  ? 74  TYR A HE1  1 
ATOM   786  H HE2  . TYR A 1 56  ? 1.285   1.252   10.136  1.00 12.28  ? 74  TYR A HE2  1 
ATOM   787  H HH   . TYR A 1 56  ? -1.042  0.096   10.842  1.00 17.47  ? 74  TYR A HH   1 
ATOM   788  N N    . LEU A 1 57  ? -0.717  3.378   3.004   1.00 7.39   ? 75  LEU A N    1 
ATOM   789  C CA   . LEU A 1 57  ? -0.882  4.305   1.876   1.00 7.81   ? 75  LEU A CA   1 
ATOM   790  C C    . LEU A 1 57  ? -1.547  5.572   2.363   1.00 7.36   ? 75  LEU A C    1 
ATOM   791  O O    . LEU A 1 57  ? -2.465  5.497   3.188   1.00 7.02   ? 75  LEU A O    1 
ATOM   792  C CB   . LEU A 1 57  ? -1.818  3.726   0.821   1.00 8.59   ? 75  LEU A CB   1 
ATOM   793  C CG   . LEU A 1 57  ? -1.660  2.284   0.474   1.00 10.67  ? 75  LEU A CG   1 
ATOM   794  C CD1  . LEU A 1 57  ? -2.609  1.793   -0.598  1.00 11.70  ? 75  LEU A CD1  1 
ATOM   795  C CD2  . LEU A 1 57  ? -0.312  2.009   0.057   1.00 11.68  ? 75  LEU A CD2  1 
ATOM   796  H H    . LEU A 1 57  ? -1.466  3.059   3.282   1.00 7.68   ? 75  LEU A H    1 
ATOM   797  H HA   . LEU A 1 57  ? -0.022  4.521   1.460   1.00 7.78   ? 75  LEU A HA   1 
ATOM   798  H HB2  . LEU A 1 57  ? -2.732  3.837   1.124   1.00 8.79   ? 75  LEU A HB2  1 
ATOM   799  H HB3  . LEU A 1 57  ? -1.693  4.230   0.001   1.00 8.87   ? 75  LEU A HB3  1 
ATOM   800  H HG   . LEU A 1 57  ? -1.831  1.755   1.269   1.00 10.53  ? 75  LEU A HG   1 
ATOM   801  H HD11 . LEU A 1 57  ? -2.574  0.834   -0.633  1.00 11.33  ? 75  LEU A HD11 1 
ATOM   802  H HD12 . LEU A 1 57  ? -3.497  2.080   -0.376  1.00 11.21  ? 75  LEU A HD12 1 
ATOM   803  H HD13 . LEU A 1 57  ? -2.348  2.164   -1.445  1.00 11.34  ? 75  LEU A HD13 1 
ATOM   804  H HD21 . LEU A 1 57  ? -0.264  1.111   -0.281  1.00 11.28  ? 75  LEU A HD21 1 
ATOM   805  H HD22 . LEU A 1 57  ? -0.063  2.629   -0.632  1.00 11.20  ? 75  LEU A HD22 1 
ATOM   806  H HD23 . LEU A 1 57  ? 0.278   2.100   0.808   1.00 11.10  ? 75  LEU A HD23 1 
ATOM   807  N N    . PHE A 1 58  ? -1.072  6.731   1.916   1.00 6.52   ? 76  PHE A N    1 
ATOM   808  C CA   . PHE A 1 58  ? -1.491  7.999   2.373   1.00 6.26   ? 76  PHE A CA   1 
ATOM   809  C C    . PHE A 1 58  ? -1.927  8.895   1.232   1.00 6.56   ? 76  PHE A C    1 
ATOM   810  O O    . PHE A 1 58  ? -1.332  8.829   0.132   1.00 6.34   ? 76  PHE A O    1 
ATOM   811  C CB   . PHE A 1 58  ? -0.277  8.716   3.023   1.00 6.35   ? 76  PHE A CB   1 
ATOM   812  C CG   . PHE A 1 58  ? 0.231   8.026   4.238   1.00 6.42   ? 76  PHE A CG   1 
ATOM   813  C CD1  . PHE A 1 58  ? 1.189   7.020   4.117   1.00 6.67   ? 76  PHE A CD1  1 
ATOM   814  C CD2  . PHE A 1 58  ? -0.203  8.404   5.537   1.00 6.68   ? 76  PHE A CD2  1 
ATOM   815  C CE1  . PHE A 1 58  ? 1.714   6.423   5.241   1.00 6.60   ? 76  PHE A CE1  1 
ATOM   816  C CE2  . PHE A 1 58  ? 0.294   7.764   6.653   1.00 6.71   ? 76  PHE A CE2  1 
ATOM   817  C CZ   . PHE A 1 58  ? 1.210   6.746   6.508   1.00 6.71   ? 76  PHE A CZ   1 
ATOM   818  H H    . PHE A 1 58  ? -0.466  6.784   1.308   1.00 6.68   ? 76  PHE A H    1 
ATOM   819  H HA   . PHE A 1 58  ? -2.211  7.922   3.026   1.00 6.41   ? 76  PHE A HA   1 
ATOM   820  H HB2  . PHE A 1 58  ? 0.444   8.751   2.376   1.00 6.37   ? 76  PHE A HB2  1 
ATOM   821  H HB3  . PHE A 1 58  ? -0.538  9.613   3.276   1.00 6.39   ? 76  PHE A HB3  1 
ATOM   822  H HD1  . PHE A 1 58  ? 1.507   6.782   3.275   1.00 6.59   ? 76  PHE A HD1  1 
ATOM   823  H HD2  . PHE A 1 58  ? -0.848  9.066   5.632   1.00 6.63   ? 76  PHE A HD2  1 
ATOM   824  H HE1  . PHE A 1 58  ? 2.327   5.729   5.151   1.00 6.64   ? 76  PHE A HE1  1 
ATOM   825  H HE2  . PHE A 1 58  ? -0.014  7.997   7.499   1.00 6.69   ? 76  PHE A HE2  1 
ATOM   826  H HZ   . PHE A 1 58  ? 1.566   6.336   7.263   1.00 7.00   ? 76  PHE A HZ   1 
ATOM   827  N N    . ASP A 1 59  ? -2.933  9.781   1.451   1.00 6.66   ? 77  ASP A N    1 
ATOM   828  C CA   . ASP A 1 59  ? -3.361  10.664  0.363   1.00 7.15   ? 77  ASP A CA   1 
ATOM   829  C C    . ASP A 1 59  ? -2.656  12.017  0.381   1.00 7.49   ? 77  ASP A C    1 
ATOM   830  O O    . ASP A 1 59  ? -2.992  12.861  -0.446  1.00 8.07   ? 77  ASP A O    1 
ATOM   831  C CB   . ASP A 1 59  ? -4.887  10.824  0.280   1.00 7.15   ? 77  ASP A CB   1 
ATOM   832  C CG   . ASP A 1 59  ? -5.443  11.914  1.237   1.00 7.36   ? 77  ASP A CG   1 
ATOM   833  O OD1  . ASP A 1 59  ? -4.808  12.268  2.259   1.00 7.49   ? 77  ASP A OD1  1 
ATOM   834  O OD2  . ASP A 1 59  ? -6.564  12.428  0.926   1.00 9.04   ? 77  ASP A OD2  1 
ATOM   835  H H    . ASP A 1 59  ? -3.359  9.879   2.191   1.00 6.75   ? 77  ASP A H    1 
ATOM   836  H HA   . ASP A 1 59  ? -3.106  10.245  -0.485  1.00 7.09   ? 77  ASP A HA   1 
ATOM   837  H HB2  . ASP A 1 59  ? -5.134  11.062  -0.627  1.00 7.20   ? 77  ASP A HB2  1 
ATOM   838  H HB3  . ASP A 1 59  ? -5.298  9.986   0.530   1.00 7.22   ? 77  ASP A HB3  1 
ATOM   839  N N    . ASN A 1 60  ? -1.631  12.191  1.249   1.00 8.21   ? 78  ASN A N    1 
ATOM   840  C CA   . ASN A 1 60  ? -0.780  13.370  1.144   1.00 9.12   ? 78  ASN A CA   1 
ATOM   841  C C    . ASN A 1 60  ? 0.620   12.940  1.297   1.00 8.48   ? 78  ASN A C    1 
ATOM   842  O O    . ASN A 1 60  ? 0.901   11.766  1.523   1.00 7.54   ? 78  ASN A O    1 
ATOM   843  C CB   . ASN A 1 60  ? -1.200  14.365  2.183   1.00 11.23  ? 78  ASN A CB   1 
ATOM   844  C CG   . ASN A 1 60  ? -0.736  15.758  1.882   1.00 12.87  ? 78  ASN A CG   1 
ATOM   845  O OD1  . ASN A 1 60  ? -0.063  16.059  0.901   1.00 12.95  ? 78  ASN A OD1  1 
ATOM   846  N ND2  . ASN A 1 60  ? -1.180  16.658  2.733   1.00 19.77  ? 78  ASN A ND2  1 
ATOM   847  H H    . ASN A 1 60  ? -1.425  11.658  1.891   1.00 8.17   ? 78  ASN A H    1 
ATOM   848  H HA   . ASN A 1 60  ? -0.876  13.776  0.258   1.00 9.19   ? 78  ASN A HA   1 
ATOM   849  H HB2  . ASN A 1 60  ? -2.168  14.380  2.228   1.00 11.00  ? 78  ASN A HB2  1 
ATOM   850  H HB3  . ASN A 1 60  ? -0.836  14.104  3.040   1.00 10.99  ? 78  ASN A HB3  1 
ATOM   851  H HD21 . ASN A 1 60  ? -1.338  16.414  3.669   1.00 17.14  ? 78  ASN A HD21 1 
ATOM   852  H HD22 . ASN A 1 60  ? -1.352  17.575  2.431   1.00 17.27  ? 78  ASN A HD22 1 
ATOM   853  N N    . VAL A 1 61  ? 1.519   13.818  0.942   1.00 8.07   ? 79  VAL A N    1 
ATOM   854  C CA   . VAL A 1 61  ? 2.960   13.493  1.021   1.00 7.44   ? 79  VAL A CA   1 
ATOM   855  C C    . VAL A 1 61  ? 3.465   13.395  2.476   1.00 7.87   ? 79  VAL A C    1 
ATOM   856  O O    . VAL A 1 61  ? 2.799   13.804  3.457   1.00 6.51   ? 79  VAL A O    1 
ATOM   857  C CB   . VAL A 1 61  ? 3.778   14.531  0.223   1.00 7.99   ? 79  VAL A CB   1 
ATOM   858  C CG1  . VAL A 1 61  ? 3.349   14.594  -1.233  1.00 8.43   ? 79  VAL A CG1  1 
ATOM   859  C CG2  . VAL A 1 61  ? 3.694   15.888  0.922   1.00 8.22   ? 79  VAL A CG2  1 
ATOM   860  H H    . VAL A 1 61  ? 1.337   14.599  0.638   1.00 8.13   ? 79  VAL A H    1 
ATOM   861  H HA   . VAL A 1 61  ? 3.112   12.623  0.598   1.00 7.74   ? 79  VAL A HA   1 
ATOM   862  H HB   . VAL A 1 61  ? 4.719   14.255  0.237   1.00 8.00   ? 79  VAL A HB   1 
ATOM   863  H HG11 . VAL A 1 61  ? 4.073   14.950  -1.755  1.00 8.28   ? 79  VAL A HG11 1 
ATOM   864  H HG12 . VAL A 1 61  ? 3.132   13.709  -1.535  1.00 8.26   ? 79  VAL A HG12 1 
ATOM   865  H HG13 . VAL A 1 61  ? 2.581   15.165  -1.309  1.00 8.28   ? 79  VAL A HG13 1 
ATOM   866  H HG21 . VAL A 1 61  ? 3.761   16.581  0.261   1.00 8.14   ? 79  VAL A HG21 1 
ATOM   867  H HG22 . VAL A 1 61  ? 2.864   15.972  1.394   1.00 8.13   ? 79  VAL A HG22 1 
ATOM   868  H HG23 . VAL A 1 61  ? 4.426   15.963  1.539   1.00 8.14   ? 79  VAL A HG23 1 
ATOM   869  N N    . ASN A 1 62  ? 4.626   12.768  2.621   1.00 6.86   ? 80  ASN A N    1 
ATOM   870  C CA   . ASN A 1 62  ? 5.305   12.690  3.881   1.00 7.42   ? 80  ASN A CA   1 
ATOM   871  C C    . ASN A 1 62  ? 4.457   12.034  4.990   1.00 7.21   ? 80  ASN A C    1 
ATOM   872  O O    . ASN A 1 62  ? 4.543   12.406  6.147   1.00 7.50   ? 80  ASN A O    1 
ATOM   873  C CB   . ASN A 1 62  ? 5.889   14.039  4.266   1.00 7.58   ? 80  ASN A CB   1 
ATOM   874  C CG   . ASN A 1 62  ? 6.924   14.541  3.218   1.00 8.38   ? 80  ASN A CG   1 
ATOM   875  O OD1  . ASN A 1 62  ? 7.608   13.765  2.561   1.00 8.97   ? 80  ASN A OD1  1 
ATOM   876  N ND2  . ASN A 1 62  ? 6.930   15.811  3.033   1.00 9.70   ? 80  ASN A ND2  1 
ATOM   877  H H    . ASN A 1 62  ? 5.042   12.374  1.980   1.00 7.23   ? 80  ASN A H    1 
ATOM   878  H HA   . ASN A 1 62  ? 6.070   12.090  3.754   1.00 7.34   ? 80  ASN A HA   1 
ATOM   879  H HB2  . ASN A 1 62  ? 5.177   14.694  4.333   1.00 7.73   ? 80  ASN A HB2  1 
ATOM   880  H HB3  . ASN A 1 62  ? 6.346   13.958  5.117   1.00 7.72   ? 80  ASN A HB3  1 
ATOM   881  H HD21 . ASN A 1 62  ? 6.791   16.419  3.789   1.00 9.23   ? 80  ASN A HD21 1 
ATOM   882  H HD22 . ASN A 1 62  ? 7.073   16.174  2.134   1.00 9.26   ? 80  ASN A HD22 1 
ATOM   883  N N    . TYR A 1 63  ? 3.691   11.026  4.581   1.00 6.84   ? 81  TYR A N    1 
ATOM   884  C CA   . TYR A 1 63  ? 3.018   10.104  5.514   1.00 7.17   ? 81  TYR A CA   1 
ATOM   885  C C    . TYR A 1 63  ? 2.030   10.902  6.333   1.00 7.99   ? 81  TYR A C    1 
ATOM   886  O O    . TYR A 1 63  ? 1.912   10.713  7.532   1.00 8.76   ? 81  TYR A O    1 
ATOM   887  C CB   . TYR A 1 63  ? 4.043   9.362   6.355   1.00 7.48   ? 81  TYR A CB   1 
ATOM   888  C CG   . TYR A 1 63  ? 5.228   8.890   5.514   1.00 7.32   ? 81  TYR A CG   1 
ATOM   889  C CD1  . TYR A 1 63  ? 5.043   7.978   4.460   1.00 6.81   ? 81  TYR A CD1  1 
ATOM   890  C CD2  . TYR A 1 63  ? 6.500   9.359   5.769   1.00 7.61   ? 81  TYR A CD2  1 
ATOM   891  C CE1  . TYR A 1 63  ? 6.110   7.585   3.668   1.00 7.34   ? 81  TYR A CE1  1 
ATOM   892  C CE2  . TYR A 1 63  ? 7.602   8.964   4.931   1.00 8.47   ? 81  TYR A CE2  1 
ATOM   893  C CZ   . TYR A 1 63  ? 7.388   8.085   3.916   1.00 8.30   ? 81  TYR A CZ   1 
ATOM   894  O OH   . TYR A 1 63  ? 8.396   7.594   3.125   1.00 9.69   ? 81  TYR A OH   1 
ATOM   895  H H    . TYR A 1 63  ? 3.538   10.837  3.757   1.00 7.01   ? 81  TYR A H    1 
ATOM   896  H HA   . TYR A 1 63  ? 2.518   9.441   4.997   1.00 7.28   ? 81  TYR A HA   1 
ATOM   897  H HB2  . TYR A 1 63  ? 4.376   9.947   7.053   1.00 7.41   ? 81  TYR A HB2  1 
ATOM   898  H HB3  . TYR A 1 63  ? 3.623   8.581   6.748   1.00 7.37   ? 81  TYR A HB3  1 
ATOM   899  H HD1  . TYR A 1 63  ? 4.191   7.658   4.274   1.00 7.18   ? 81  TYR A HD1  1 
ATOM   900  H HD2  . TYR A 1 63  ? 6.637   9.980   6.447   1.00 7.73   ? 81  TYR A HD2  1 
ATOM   901  H HE1  . TYR A 1 63  ? 5.977   6.978   2.980   1.00 7.48   ? 81  TYR A HE1  1 
ATOM   902  H HE2  . TYR A 1 63  ? 8.461   9.272   5.111   1.00 8.13   ? 81  TYR A HE2  1 
ATOM   903  H HH   . TYR A 1 63  ? 8.771   8.210   2.734   1.00 9.22   ? 81  TYR A HH   1 
ATOM   904  N N    . THR A 1 64  ? 1.268   11.721  5.627   1.00 8.89   ? 82  THR A N    1 
ATOM   905  C CA   . THR A 1 64  ? 0.198   12.433  6.262   1.00 10.07  ? 82  THR A CA   1 
ATOM   906  C C    . THR A 1 64  ? -1.068  12.256  5.442   1.00 8.86   ? 82  THR A C    1 
ATOM   907  O O    . THR A 1 64  ? -1.064  11.768  4.328   1.00 8.96   ? 82  THR A O    1 
ATOM   908  C CB   . THR A 1 64  ? 0.517   13.967  6.349   1.00 11.74  ? 82  THR A CB   1 
ATOM   909  O OG1  . THR A 1 64  ? 0.533   14.552  5.011   1.00 13.64  ? 82  THR A OG1  1 
ATOM   910  C CG2  . THR A 1 64  ? 1.817   14.246  7.092   1.00 13.61  ? 82  THR A CG2  1 
ATOM   911  H H    . THR A 1 64  ? 1.349   11.876  4.785   1.00 8.90   ? 82  THR A H    1 
ATOM   912  H HA   . THR A 1 64  ? 0.030   12.095  7.166   1.00 9.83   ? 82  THR A HA   1 
ATOM   913  H HB   . THR A 1 64  ? -0.193  14.392  6.854   1.00 11.92  ? 82  THR A HB   1 
ATOM   914  H HG1  . THR A 1 64  ? 1.155   14.243  4.575   1.00 12.76  ? 82  THR A HG1  1 
ATOM   915  H HG21 . THR A 1 64  ? 1.784   15.119  7.491   1.00 12.96  ? 82  THR A HG21 1 
ATOM   916  H HG22 . THR A 1 64  ? 1.947   13.592  7.782   1.00 12.91  ? 82  THR A HG22 1 
ATOM   917  H HG23 . THR A 1 64  ? 2.559   14.210  6.484   1.00 12.85  ? 82  THR A HG23 1 
ATOM   918  N N    . GLY A 1 65  ? -2.173  12.732  6.012   1.00 8.35   ? 83  GLY A N    1 
ATOM   919  C CA   . GLY A 1 65  ? -3.459  12.636  5.304   1.00 7.67   ? 83  GLY A CA   1 
ATOM   920  C C    . GLY A 1 65  ? -4.233  11.379  5.671   1.00 7.10   ? 83  GLY A C    1 
ATOM   921  O O    . GLY A 1 65  ? -4.031  10.785  6.746   1.00 6.91   ? 83  GLY A O    1 
ATOM   922  H H    . GLY A 1 65  ? -2.213  13.105  6.786   1.00 8.45   ? 83  GLY A H    1 
ATOM   923  H HA2  . GLY A 1 65  ? -4.004  13.404  5.535   1.00 7.69   ? 83  GLY A HA2  1 
ATOM   924  H HA3  . GLY A 1 65  ? -3.319  12.646  4.345   1.00 7.72   ? 83  GLY A HA3  1 
ATOM   925  N N    . ARG A 1 66  ? -5.203  11.037  4.813   1.00 6.80   ? 84  ARG A N    1 
ATOM   926  C CA   . ARG A 1 66  ? -5.946  9.804   4.942   1.00 6.93   ? 84  ARG A CA   1 
ATOM   927  C C    . ARG A 1 66  ? -4.937  8.642   4.863   1.00 6.76   ? 84  ARG A C    1 
ATOM   928  O O    . ARG A 1 66  ? -3.918  8.704   4.165   1.00 6.59   ? 84  ARG A O    1 
ATOM   929  C CB   . ARG A 1 66  ? -6.979  9.684   3.827   1.00 6.64   ? 84  ARG A CB   1 
ATOM   930  C CG   . ARG A 1 66  ? -8.063  10.740  3.835   1.00 7.00   ? 84  ARG A CG   1 
ATOM   931  C CD   . ARG A 1 66  ? -8.942  10.615  2.598   1.00 6.77   ? 84  ARG A CD   1 
ATOM   932  N NE   . ARG A 1 66  ? -9.982  11.665  2.580   1.00 6.99   ? 84  ARG A NE   1 
ATOM   933  C CZ   . ARG A 1 66  ? -11.230 11.482  3.018   1.00 7.23   ? 84  ARG A CZ   1 
ATOM   934  N NH1  . ARG A 1 66  ? -11.640 10.267  3.354   1.00 7.31   ? 84  ARG A NH1  1 
ATOM   935  N NH2  . ARG A 1 66  ? -12.107 12.496  3.007   1.00 7.63   ? 84  ARG A NH2  1 
ATOM   936  H H    . ARG A 1 66  ? -5.429  11.519  4.139   1.00 6.91   ? 84  ARG A H    1 
ATOM   937  H HA   . ARG A 1 66  ? -6.405  9.776   5.806   1.00 6.82   ? 84  ARG A HA   1 
ATOM   938  H HB2  . ARG A 1 66  ? -6.520  9.744   2.974   1.00 6.79   ? 84  ARG A HB2  1 
ATOM   939  H HB3  . ARG A 1 66  ? -7.413  8.820   3.902   1.00 6.79   ? 84  ARG A HB3  1 
ATOM   940  H HG2  . ARG A 1 66  ? -8.620  10.621  4.619   1.00 6.86   ? 84  ARG A HG2  1 
ATOM   941  H HG3  . ARG A 1 66  ? -7.664  11.623  3.836   1.00 6.86   ? 84  ARG A HG3  1 
ATOM   942  H HD2  . ARG A 1 66  ? -8.387  10.745  1.815   1.00 6.93   ? 84  ARG A HD2  1 
ATOM   943  H HD3  . ARG A 1 66  ? -9.344  9.737   2.561   1.00 6.90   ? 84  ARG A HD3  1 
ATOM   944  H HE   . ARG A 1 66  ? -9.710  12.564  2.338   1.00 7.01   ? 84  ARG A HE   1 
ATOM   945  H HH11 . ARG A 1 66  ? -11.098 9.604   3.373   1.00 7.27   ? 84  ARG A HH11 1 
ATOM   946  H HH12 . ARG A 1 66  ? -12.451 10.150  3.611   1.00 7.28   ? 84  ARG A HH12 1 
ATOM   947  H HH21 . ARG A 1 66  ? -11.858 13.281  2.759   1.00 7.45   ? 84  ARG A HH21 1 
ATOM   948  H HH22 . ARG A 1 66  ? -12.922 12.363  3.246   1.00 7.46   ? 84  ARG A HH22 1 
ATOM   949  N N    . ILE A 1 67  ? -5.270  7.557   5.562   1.00 7.10   ? 85  ILE A N    1 
ATOM   950  C CA   A ILE A 1 67  ? -4.406  6.413   5.694   0.43 7.26   ? 85  ILE A CA   1 
ATOM   951  C CA   B ILE A 1 67  ? -4.420  6.379   5.729   0.57 7.36   ? 85  ILE A CA   1 
ATOM   952  C C    . ILE A 1 67  ? -5.233  5.134   5.441   1.00 7.76   ? 85  ILE A C    1 
ATOM   953  O O    . ILE A 1 67  ? -6.293  4.904   6.075   1.00 7.53   ? 85  ILE A O    1 
ATOM   954  C CB   A ILE A 1 67  ? -3.611  6.487   7.024   0.43 7.40   ? 85  ILE A CB   1 
ATOM   955  C CB   B ILE A 1 67  ? -3.861  6.259   7.140   0.57 7.72   ? 85  ILE A CB   1 
ATOM   956  C CG1  A ILE A 1 67  ? -2.503  5.434   7.050   0.43 7.49   ? 85  ILE A CG1  1 
ATOM   957  C CG1  B ILE A 1 67  ? -3.255  7.591   7.566   0.57 7.99   ? 85  ILE A CG1  1 
ATOM   958  C CG2  A ILE A 1 67  ? -4.525  6.421   8.241   0.43 7.32   ? 85  ILE A CG2  1 
ATOM   959  C CG2  B ILE A 1 67  ? -2.867  5.074   7.223   0.57 7.82   ? 85  ILE A CG2  1 
ATOM   960  C CD1  A ILE A 1 67  ? -1.704  5.438   8.330   0.43 7.62   ? 85  ILE A CD1  1 
ATOM   961  C CD1  B ILE A 1 67  ? -2.656  7.539   8.964   0.57 8.44   ? 85  ILE A CD1  1 
ATOM   962  H H    . ILE A 1 67  ? -6.021  7.470   5.972   1.00 7.07   ? 85  ILE A H    1 
ATOM   963  H HA   A ILE A 1 67  ? -3.735  6.456   4.985   0.43 7.33   ? 85  ILE A HA   1 
ATOM   964  H HA   B ILE A 1 67  ? -3.666  6.420   5.107   0.57 7.42   ? 85  ILE A HA   1 
ATOM   965  H HB   A ILE A 1 67  ? -3.177  7.354   7.046   0.43 7.37   ? 85  ILE A HB   1 
ATOM   966  H HB   B ILE A 1 67  ? -4.598  6.070   7.742   0.57 7.72   ? 85  ILE A HB   1 
ATOM   967  H HG12 A ILE A 1 67  ? -2.903  4.556   6.955   0.43 7.55   ? 85  ILE A HG12 1 
ATOM   968  H HG12 B ILE A 1 67  ? -2.555  7.836   6.943   0.57 7.97   ? 85  ILE A HG12 1 
ATOM   969  H HG13 A ILE A 1 67  ? -1.892  5.601   6.316   0.43 7.51   ? 85  ILE A HG13 1 
ATOM   970  H HG13 B ILE A 1 67  ? -3.947  8.269   7.576   0.57 7.96   ? 85  ILE A HG13 1 
ATOM   971  H HG21 A ILE A 1 67  ? -4.117  6.908   8.964   0.43 7.34   ? 85  ILE A HG21 1 
ATOM   972  H HG21 B ILE A 1 67  ? -2.925  4.684   8.098   0.57 7.80   ? 85  ILE A HG21 1 
ATOM   973  H HG22 A ILE A 1 67  ? -5.373  6.807   8.022   0.43 7.33   ? 85  ILE A HG22 1 
ATOM   974  H HG22 B ILE A 1 67  ? -3.079  4.414   6.563   0.57 7.83   ? 85  ILE A HG22 1 
ATOM   975  H HG23 A ILE A 1 67  ? -4.641  5.500   8.492   0.43 7.34   ? 85  ILE A HG23 1 
ATOM   976  H HG23 B ILE A 1 67  ? -1.979  5.406   7.075   0.57 7.80   ? 85  ILE A HG23 1 
ATOM   977  H HD11 A ILE A 1 67  ? -0.810  5.142   8.141   0.43 7.58   ? 85  ILE A HD11 1 
ATOM   978  H HD11 B ILE A 1 67  ? -1.996  8.232   9.039   0.57 8.29   ? 85  ILE A HD11 1 
ATOM   979  H HD12 A ILE A 1 67  ? -1.686  6.330   8.685   0.43 7.58   ? 85  ILE A HD12 1 
ATOM   980  H HD12 B ILE A 1 67  ? -3.358  7.691   9.598   0.57 8.29   ? 85  ILE A HD12 1 
ATOM   981  H HD13 A ILE A 1 67  ? -2.119  4.844   8.960   0.43 7.58   ? 85  ILE A HD13 1 
ATOM   982  H HD13 B ILE A 1 67  ? -2.246  6.686   9.115   0.57 8.27   ? 85  ILE A HD13 1 
ATOM   983  N N    . THR A 1 68  ? -4.691  4.278   4.532   1.00 7.49   ? 86  THR A N    1 
ATOM   984  C CA   . THR A 1 68  ? -5.260  2.986   4.246   1.00 8.02   ? 86  THR A CA   1 
ATOM   985  C C    . THR A 1 68  ? -4.119  2.010   4.426   1.00 8.49   ? 86  THR A C    1 
ATOM   986  O O    . THR A 1 68  ? -3.083  2.085   3.719   1.00 8.39   ? 86  THR A O    1 
ATOM   987  C CB   . THR A 1 68  ? -5.784  2.990   2.831   1.00 8.22   ? 86  THR A CB   1 
ATOM   988  O OG1  . THR A 1 68  ? -6.950  3.818   2.773   1.00 8.23   ? 86  THR A OG1  1 
ATOM   989  C CG2  . THR A 1 68  ? -6.155  1.553   2.327   1.00 8.24   ? 86  THR A CG2  1 
ATOM   990  H H    . THR A 1 68  ? -3.986  4.448   4.067   1.00 7.66   ? 86  THR A H    1 
ATOM   991  H HA   . THR A 1 68  ? -5.990  2.770   4.860   1.00 8.07   ? 86  THR A HA   1 
ATOM   992  H HB   . THR A 1 68  ? -5.105  3.353   2.241   1.00 8.19   ? 86  THR A HB   1 
ATOM   993  H HG1  . THR A 1 68  ? -7.045  4.117   2.016   1.00 8.23   ? 86  THR A HG1  1 
ATOM   994  H HG21 . THR A 1 68  ? -6.832  1.610   1.648   1.00 8.23   ? 86  THR A HG21 1 
ATOM   995  H HG22 . THR A 1 68  ? -5.380  1.123   1.958   1.00 8.24   ? 86  THR A HG22 1 
ATOM   996  H HG23 . THR A 1 68  ? -6.489  1.024   3.056   1.00 8.24   ? 86  THR A HG23 1 
ATOM   997  N N    . GLY A 1 69  ? -4.297  1.014   5.317   1.00 9.46   ? 87  GLY A N    1 
ATOM   998  C CA   . GLY A 1 69  ? -3.288  0.060   5.624   1.00 9.84   ? 87  GLY A CA   1 
ATOM   999  C C    . GLY A 1 69  ? -3.675  -1.318  5.100   1.00 10.03  ? 87  GLY A C    1 
ATOM   1000 O O    . GLY A 1 69  ? -4.855  -1.611  4.963   1.00 10.33  ? 87  GLY A O    1 
ATOM   1001 H H    . GLY A 1 69  ? -5.026  0.889   5.756   1.00 9.25   ? 87  GLY A H    1 
ATOM   1002 H HA2  . GLY A 1 69  ? -2.443  0.324   5.235   1.00 9.74   ? 87  GLY A HA2  1 
ATOM   1003 H HA3  . GLY A 1 69  ? -3.178  0.004   6.586   1.00 9.78   ? 87  GLY A HA3  1 
ATOM   1004 N N    . LEU A 1 70  ? -2.661  -2.101  4.736   1.00 10.51  ? 88  LEU A N    1 
ATOM   1005 C CA   . LEU A 1 70  ? -2.839  -3.449  4.173   1.00 11.71  ? 88  LEU A CA   1 
ATOM   1006 C C    . LEU A 1 70  ? -1.783  -4.331  4.763   1.00 11.05  ? 88  LEU A C    1 
ATOM   1007 O O    . LEU A 1 70  ? -0.561  -4.038  4.713   1.00 10.17  ? 88  LEU A O    1 
ATOM   1008 C CB   . LEU A 1 70  ? -2.647  -3.544  2.642   1.00 12.00  ? 88  LEU A CB   1 
ATOM   1009 C CG   . LEU A 1 70  ? -3.505  -2.730  1.707   1.00 14.46  ? 88  LEU A CG   1 
ATOM   1010 C CD1  . LEU A 1 70  ? -2.981  -1.348  1.408   1.00 14.99  ? 88  LEU A CD1  1 
ATOM   1011 C CD2  . LEU A 1 70  ? -3.559  -3.594  0.429   1.00 15.17  ? 88  LEU A CD2  1 
ATOM   1012 H H    . LEU A 1 70  ? -1.835  -1.869  4.803   1.00 10.64  ? 88  LEU A H    1 
ATOM   1013 H HA   . LEU A 1 70  ? -3.725  -3.799  4.399   1.00 11.37  ? 88  LEU A HA   1 
ATOM   1014 H HB2  . LEU A 1 70  ? -1.730  -3.296  2.446   1.00 12.49  ? 88  LEU A HB2  1 
ATOM   1015 H HB3  . LEU A 1 70  ? -2.770  -4.477  2.407   1.00 12.56  ? 88  LEU A HB3  1 
ATOM   1016 H HG   . LEU A 1 70  ? -4.402  -2.653  2.069   1.00 14.18  ? 88  LEU A HG   1 
ATOM   1017 H HD11 . LEU A 1 70  ? -3.590  -0.906  0.812   1.00 14.81  ? 88  LEU A HD11 1 
ATOM   1018 H HD12 . LEU A 1 70  ? -2.913  -0.856  2.230   1.00 14.81  ? 88  LEU A HD12 1 
ATOM   1019 H HD13 . LEU A 1 70  ? -2.117  -1.423  0.998   1.00 14.77  ? 88  LEU A HD13 1 
ATOM   1020 H HD21 . LEU A 1 70  ? -3.961  -3.077  -0.274  1.00 14.80  ? 88  LEU A HD21 1 
ATOM   1021 H HD22 . LEU A 1 70  ? -2.668  -3.846  0.175   1.00 14.81  ? 88  LEU A HD22 1 
ATOM   1022 H HD23 . LEU A 1 70  ? -4.089  -4.378  0.596   1.00 14.90  ? 88  LEU A HD23 1 
ATOM   1023 N N    . GLY A 1 71  ? -2.261  -5.395  5.365   1.00 12.05  ? 89  GLY A N    1 
ATOM   1024 C CA   . GLY A 1 71  ? -1.382  -6.481  5.814   1.00 12.08  ? 89  GLY A CA   1 
ATOM   1025 C C    . GLY A 1 71  ? -1.070  -7.551  4.759   1.00 11.70  ? 89  GLY A C    1 
ATOM   1026 O O    . GLY A 1 71  ? -1.588  -7.565  3.642   1.00 10.55  ? 89  GLY A O    1 
ATOM   1027 H H    . GLY A 1 71  ? -3.093  -5.532  5.537   1.00 11.80  ? 89  GLY A H    1 
ATOM   1028 H HA2  . GLY A 1 71  ? -0.539  -6.115  6.124   1.00 11.95  ? 89  GLY A HA2  1 
ATOM   1029 H HA3  . GLY A 1 71  ? -1.803  -6.927  6.566   1.00 11.97  ? 89  GLY A HA3  1 
ATOM   1030 N N    . HIS A 1 72  ? -0.176  -8.486  5.108   1.00 11.82  ? 90  HIS A N    1 
ATOM   1031 C CA   . HIS A 1 72  ? 0.200   -9.467  4.163   1.00 12.00  ? 90  HIS A CA   1 
ATOM   1032 C C    . HIS A 1 72  ? -1.006  -10.333 3.835   1.00 11.26  ? 90  HIS A C    1 
ATOM   1033 O O    . HIS A 1 72  ? -1.852  -10.690 4.710   1.00 10.61  ? 90  HIS A O    1 
ATOM   1034 C CB   . HIS A 1 72  ? 1.336   -10.374 4.658   1.00 13.64  ? 90  HIS A CB   1 
ATOM   1035 C CG   . HIS A 1 72  ? 0.914   -11.388 5.678   1.00 16.09  ? 90  HIS A CG   1 
ATOM   1036 N ND1  . HIS A 1 72  ? 0.890   -12.741 5.408   1.00 19.78  ? 90  HIS A ND1  1 
ATOM   1037 C CD2  . HIS A 1 72  ? 0.461   -11.238 7.001   1.00 18.29  ? 90  HIS A CD2  1 
ATOM   1038 C CE1  . HIS A 1 72  ? 0.439   -13.391 6.500   1.00 21.37  ? 90  HIS A CE1  1 
ATOM   1039 N NE2  . HIS A 1 72  ? 0.168   -12.489 7.469   1.00 19.35  ? 90  HIS A NE2  1 
ATOM   1040 H H    . HIS A 1 72  ? 0.202   -8.548  5.878   1.00 11.97  ? 90  HIS A H    1 
ATOM   1041 H HA   . HIS A 1 72  ? 0.541   -8.969  3.249   1.00 12.00  ? 90  HIS A HA   1 
ATOM   1042 H HB2  . HIS A 1 72  ? 1.754   -10.920 3.813   1.00 13.77  ? 90  HIS A HB2  1 
ATOM   1043 H HB3  . HIS A 1 72  ? 2.109   -9.751  5.110   1.00 13.73  ? 90  HIS A HB3  1 
ATOM   1044 H HD1  . HIS A 1 72  ? 0.969   -13.163 4.523   0.00 24.09  ? 90  HIS A HD1  1 
ATOM   1045 H HD2  . HIS A 1 72  ? 0.337   -10.314 7.543   1.00 18.07  ? 90  HIS A HD2  1 
ATOM   1046 H HE1  . HIS A 1 72  ? 0.321   -14.463 6.590   1.00 20.17  ? 90  HIS A HE1  1 
ATOM   1047 H HE2  . HIS A 1 72  ? -0.176  -12.712 8.424   1.00 19.36  ? 90  HIS A HE2  1 
ATOM   1048 N N    . GLY A 1 73  ? -1.043  -10.651 2.554   1.00 10.76  ? 91  GLY A N    1 
ATOM   1049 C CA   . GLY A 1 73  ? -2.118  -11.450 1.957   1.00 13.02  ? 91  GLY A CA   1 
ATOM   1050 C C    . GLY A 1 73  ? -3.403  -10.665 1.678   1.00 14.69  ? 91  GLY A C    1 
ATOM   1051 O O    . GLY A 1 73  ? -4.332  -11.245 1.143   1.00 21.75  ? 91  GLY A O    1 
ATOM   1052 H H    . GLY A 1 73  ? -0.449  -10.411 1.981   1.00 11.44  ? 91  GLY A H    1 
ATOM   1053 H HA2  . GLY A 1 73  ? -1.807  -11.827 1.118   1.00 12.94  ? 91  GLY A HA2  1 
ATOM   1054 H HA3  . GLY A 1 73  ? -2.338  -12.179 2.553   1.00 13.01  ? 91  GLY A HA3  1 
ATOM   1055 N N    . THR A 1 74  ? -3.475  -9.376  1.985   1.00 13.39  ? 92  THR A N    1 
ATOM   1056 C CA   . THR A 1 74  ? -4.672  -8.569  1.745   1.00 14.45  ? 92  THR A CA   1 
ATOM   1057 C C    . THR A 1 74  ? -4.604  -7.953  0.309   1.00 13.74  ? 92  THR A C    1 
ATOM   1058 O O    . THR A 1 74  ? -3.525  -7.440  -0.108  1.00 11.59  ? 92  THR A O    1 
ATOM   1059 C CB   . THR A 1 74  ? -4.786  -7.444  2.798   1.00 16.23  ? 92  THR A CB   1 
ATOM   1060 O OG1  . THR A 1 74  ? -5.128  -8.109  4.040   1.00 19.47  ? 92  THR A OG1  1 
ATOM   1061 C CG2  . THR A 1 74  ? -5.929  -6.376  2.453   1.00 19.66  ? 92  THR A CG2  1 
ATOM   1062 H H    . THR A 1 74  ? -2.830  -8.927  2.333   1.00 13.89  ? 92  THR A H    1 
ATOM   1063 H HA   . THR A 1 74  ? -5.473  -9.128  1.811   1.00 14.64  ? 92  THR A HA   1 
ATOM   1064 H HB   . THR A 1 74  ? -3.943  -6.977  2.888   1.00 16.85  ? 92  THR A HB   1 
ATOM   1065 H HG1  . THR A 1 74  ? -4.457  -8.437  4.376   1.00 18.24  ? 92  THR A HG1  1 
ATOM   1066 H HG21 . THR A 1 74  ? -6.242  -5.959  3.260   1.00 18.46  ? 92  THR A HG21 1 
ATOM   1067 H HG22 . THR A 1 74  ? -5.581  -5.697  1.869   1.00 18.33  ? 92  THR A HG22 1 
ATOM   1068 H HG23 . THR A 1 74  ? -6.667  -6.811  2.021   1.00 18.38  ? 92  THR A HG23 1 
ATOM   1069 N N    . CYS A 1 75  ? -5.735  -8.005  -0.415  1.00 11.84  ? 93  CYS A N    1 
ATOM   1070 C CA   . CYS A 1 75  ? -5.968  -7.149  -1.587  1.00 10.65  ? 93  CYS A CA   1 
ATOM   1071 C C    . CYS A 1 75  ? -7.129  -6.174  -1.346  1.00 10.23  ? 93  CYS A C    1 
ATOM   1072 O O    . CYS A 1 75  ? -8.137  -6.522  -0.618  1.00 11.94  ? 93  CYS A O    1 
ATOM   1073 C CB   . CYS A 1 75  ? -6.328  -7.977  -2.813  1.00 10.67  ? 93  CYS A CB   1 
ATOM   1074 S SG   . CYS A 1 75  ? -4.965  -8.988  -3.404  1.00 10.85  ? 93  CYS A SG   1 
ATOM   1075 H H    . CYS A 1 75  ? -6.391  -8.535  -0.243  1.00 12.01  ? 93  CYS A H    1 
ATOM   1076 H HA   . CYS A 1 75  ? -5.163  -6.636  -1.789  1.00 10.74  ? 93  CYS A HA   1 
ATOM   1077 H HB2  . CYS A 1 75  ? -7.065  -8.567  -2.591  1.00 10.70  ? 93  CYS A HB2  1 
ATOM   1078 H HB3  . CYS A 1 75  ? -6.586  -7.378  -3.529  1.00 10.67  ? 93  CYS A HB3  1 
ATOM   1079 H HG   . CYS A 1 75  ? -4.393  -9.584  -2.351  1.00 10.95  ? 93  CYS A HG   1 
ATOM   1080 N N    . ILE A 1 76  ? -6.972  -4.938  -1.805  1.00 9.35   ? 94  ILE A N    1 
ATOM   1081 C CA   . ILE A 1 76  ? -8.121  -4.095  -2.012  1.00 9.29   ? 94  ILE A CA   1 
ATOM   1082 C C    . ILE A 1 76  ? -8.562  -4.209  -3.468  1.00 9.24   ? 94  ILE A C    1 
ATOM   1083 O O    . ILE A 1 76  ? -7.893  -3.745  -4.369  1.00 8.63   ? 94  ILE A O    1 
ATOM   1084 C CB   . ILE A 1 76  ? -7.838  -2.640  -1.592  1.00 8.94   ? 94  ILE A CB   1 
ATOM   1085 C CG1  . ILE A 1 76  ? -7.431  -2.618  -0.126  1.00 9.45   ? 94  ILE A CG1  1 
ATOM   1086 C CG2  . ILE A 1 76  ? -9.089  -1.816  -1.898  1.00 9.12   ? 94  ILE A CG2  1 
ATOM   1087 C CD1  . ILE A 1 76  ? -6.905  -1.301  0.300   1.00 9.72   ? 94  ILE A CD1  1 
ATOM   1088 H H    . ILE A 1 76  ? -6.218  -4.574  -2.000  1.00 9.55   ? 94  ILE A H    1 
ATOM   1089 H HA   . ILE A 1 76  ? -8.861  -4.409  -1.453  1.00 9.27   ? 94  ILE A HA   1 
ATOM   1090 H HB   . ILE A 1 76  ? -7.104  -2.301  -2.128  1.00 9.14   ? 94  ILE A HB   1 
ATOM   1091 H HG12 . ILE A 1 76  ? -8.206  -2.823  0.420   1.00 9.39   ? 94  ILE A HG12 1 
ATOM   1092 H HG13 . ILE A 1 76  ? -6.734  -3.275  0.028   1.00 9.39   ? 94  ILE A HG13 1 
ATOM   1093 H HG21 . ILE A 1 76  ? -9.086  -1.025  -1.356  1.00 9.09   ? 94  ILE A HG21 1 
ATOM   1094 H HG22 . ILE A 1 76  ? -9.084  -1.568  -2.825  1.00 9.07   ? 94  ILE A HG22 1 
ATOM   1095 H HG23 . ILE A 1 76  ? -9.872  -2.336  -1.702  1.00 9.08   ? 94  ILE A HG23 1 
ATOM   1096 H HD11 . ILE A 1 76  ? -6.395  -1.417  1.104   1.00 9.62   ? 94  ILE A HD11 1 
ATOM   1097 H HD12 . ILE A 1 76  ? -6.346  -0.944  -0.393  1.00 9.61   ? 94  ILE A HD12 1 
ATOM   1098 H HD13 . ILE A 1 76  ? -7.642  -0.709  0.464   1.00 9.62   ? 94  ILE A HD13 1 
ATOM   1099 N N    . ASP A 1 77  ? -9.666  -4.944  -3.708  1.00 9.15   ? 95  ASP A N    1 
ATOM   1100 C CA   . ASP A 1 77  ? -10.014 -5.269  -5.065  1.00 9.05   ? 95  ASP A CA   1 
ATOM   1101 C C    . ASP A 1 77  ? -10.494 -4.083  -5.901  1.00 9.14   ? 95  ASP A C    1 
ATOM   1102 O O    . ASP A 1 77  ? -10.424 -4.116  -7.130  1.00 9.20   ? 95  ASP A O    1 
ATOM   1103 C CB   . ASP A 1 77  ? -11.144 -6.324  -5.030  1.00 9.82   ? 95  ASP A CB   1 
ATOM   1104 C CG   . ASP A 1 77  ? -10.682 -7.693  -4.582  1.00 10.52  ? 95  ASP A CG   1 
ATOM   1105 O OD1  . ASP A 1 77  ? -9.483  -8.066  -4.762  1.00 10.05  ? 95  ASP A OD1  1 
ATOM   1106 O OD2  . ASP A 1 77  ? -11.597 -8.429  -4.111  1.00 10.93  ? 95  ASP A OD2  1 
ATOM   1107 H H    . ASP A 1 77  ? -10.201 -5.244  -3.104  1.00 9.20   ? 95  ASP A H    1 
ATOM   1108 H HA   . ASP A 1 77  ? -9.239  -5.660  -5.518  1.00 9.22   ? 95  ASP A HA   1 
ATOM   1109 H HB2  . ASP A 1 77  ? -11.840 -6.026  -4.423  1.00 9.81   ? 95  ASP A HB2  1 
ATOM   1110 H HB3  . ASP A 1 77  ? -11.510 -6.417  -5.923  1.00 9.84   ? 95  ASP A HB3  1 
ATOM   1111 N N    . ASP A 1 78  ? -11.075 -3.105  -5.245  1.00 9.05   ? 96  ASP A N    1 
ATOM   1112 C CA   . ASP A 1 78  ? -11.474 -1.867  -5.972  1.00 9.68   ? 96  ASP A CA   1 
ATOM   1113 C C    . ASP A 1 78  ? -11.048 -0.644  -5.173  1.00 10.34  ? 96  ASP A C    1 
ATOM   1114 O O    . ASP A 1 78  ? -11.745 -0.116  -4.281  1.00 10.44  ? 96  ASP A O    1 
ATOM   1115 C CB   . ASP A 1 78  ? -12.965 -1.788  -6.321  1.00 10.82  ? 96  ASP A CB   1 
ATOM   1116 C CG   . ASP A 1 78  ? -13.280 -0.580  -7.147  1.00 12.12  ? 96  ASP A CG   1 
ATOM   1117 O OD1  . ASP A 1 78  ? -12.389 0.318   -7.320  1.00 13.71  ? 96  ASP A OD1  1 
ATOM   1118 O OD2  . ASP A 1 78  ? -14.375 -0.592  -7.766  1.00 15.48  ? 96  ASP A OD2  1 
ATOM   1119 H H    . ASP A 1 78  ? -11.263 -3.108  -4.405  1.00 9.23   ? 96  ASP A H    1 
ATOM   1120 H HA   . ASP A 1 78  ? -10.993 -1.835  -6.824  1.00 9.89   ? 96  ASP A HA   1 
ATOM   1121 H HB2  . ASP A 1 78  ? -13.215 -2.575  -6.831  1.00 10.82  ? 96  ASP A HB2  1 
ATOM   1122 H HB3  . ASP A 1 78  ? -13.485 -1.741  -5.504  1.00 10.81  ? 96  ASP A HB3  1 
ATOM   1123 N N    . PHE A 1 79  ? -9.820  -0.232  -5.478  1.00 10.03  ? 97  PHE A N    1 
ATOM   1124 C CA   . PHE A 1 79  ? -9.188  0.820   -4.702  1.00 9.00   ? 97  PHE A CA   1 
ATOM   1125 C C    . PHE A 1 79  ? -9.862  2.185   -4.973  1.00 9.57   ? 97  PHE A C    1 
ATOM   1126 O O    . PHE A 1 79  ? -9.827  3.053   -4.154  1.00 10.72  ? 97  PHE A O    1 
ATOM   1127 C CB   . PHE A 1 79  ? -7.738  0.919   -5.063  1.00 8.71   ? 97  PHE A CB   1 
ATOM   1128 C CG   . PHE A 1 79  ? -6.952  1.818   -4.126  1.00 7.64   ? 97  PHE A CG   1 
ATOM   1129 C CD1  . PHE A 1 79  ? -6.579  1.337   -2.907  1.00 8.09   ? 97  PHE A CD1  1 
ATOM   1130 C CD2  . PHE A 1 79  ? -6.628  3.136   -4.461  1.00 8.06   ? 97  PHE A CD2  1 
ATOM   1131 C CE1  . PHE A 1 79  ? -5.883  2.140   -2.005  1.00 7.86   ? 97  PHE A CE1  1 
ATOM   1132 C CE2  . PHE A 1 79  ? -5.901  3.926   -3.574  1.00 7.49   ? 97  PHE A CE2  1 
ATOM   1133 C CZ   . PHE A 1 79  ? -5.584  3.453   -2.344  1.00 7.27   ? 97  PHE A CZ   1 
ATOM   1134 H H    . PHE A 1 79  ? -9.341  -0.540  -6.121  1.00 9.74   ? 97  PHE A H    1 
ATOM   1135 H HA   . PHE A 1 79  ? -9.258  0.619   -3.746  1.00 9.22   ? 97  PHE A HA   1 
ATOM   1136 H HB2  . PHE A 1 79  ? -7.343  0.034   -5.025  1.00 8.53   ? 97  PHE A HB2  1 
ATOM   1137 H HB3  . PHE A 1 79  ? -7.659  1.276   -5.959  1.00 8.54   ? 97  PHE A HB3  1 
ATOM   1138 H HD1  . PHE A 1 79  ? -6.810  0.469   -2.666  1.00 7.90   ? 97  PHE A HD1  1 
ATOM   1139 H HD2  . PHE A 1 79  ? -6.870  3.474   -5.293  1.00 7.83   ? 97  PHE A HD2  1 
ATOM   1140 H HE1  . PHE A 1 79  ? -5.640  1.804   -1.173  1.00 7.83   ? 97  PHE A HE1  1 
ATOM   1141 H HE2  . PHE A 1 79  ? -5.699  4.807   -3.798  1.00 7.61   ? 97  PHE A HE2  1 
ATOM   1142 H HZ   . PHE A 1 79  ? -5.090  3.980   -1.759  1.00 7.52   ? 97  PHE A HZ   1 
ATOM   1143 N N    . THR A 1 80  ? -10.529 2.288   -6.106  1.00 10.94  ? 98  THR A N    1 
ATOM   1144 C CA   . THR A 1 80  ? -11.243 3.499   -6.477  1.00 11.86  ? 98  THR A CA   1 
ATOM   1145 C C    . THR A 1 80  ? -12.368 3.767   -5.518  1.00 12.09  ? 98  THR A C    1 
ATOM   1146 O O    . THR A 1 80  ? -12.820 4.903   -5.442  1.00 15.54  ? 98  THR A O    1 
ATOM   1147 C CB   . THR A 1 80  ? -11.712 3.532   -7.976  1.00 12.34  ? 98  THR A CB   1 
ATOM   1148 O OG1  . THR A 1 80  ? -12.947 2.824   -8.120  1.00 13.84  ? 98  THR A OG1  1 
ATOM   1149 C CG2  . THR A 1 80  ? -10.656 2.927   -8.922  1.00 12.31  ? 98  THR A CG2  1 
ATOM   1150 H H    . THR A 1 80  ? -10.589 1.661   -6.689  1.00 10.82  ? 98  THR A H    1 
ATOM   1151 H HA   . THR A 1 80  ? -10.617 4.247   -6.378  1.00 11.78  ? 98  THR A HA   1 
ATOM   1152 H HB   . THR A 1 80  ? -11.850 4.455   -8.236  1.00 12.66  ? 98  THR A HB   1 
ATOM   1153 H HG1  . THR A 1 80  ? -12.861 2.054   -7.856  1.00 13.20  ? 98  THR A HG1  1 
ATOM   1154 H HG21 . THR A 1 80  ? -10.725 3.332   -9.789  1.00 12.30  ? 98  THR A HG21 1 
ATOM   1155 H HG22 . THR A 1 80  ? -9.775  3.085   -8.575  1.00 12.28  ? 98  THR A HG22 1 
ATOM   1156 H HG23 . THR A 1 80  ? -10.794 1.981   -9.009  1.00 12.29  ? 98  THR A HG23 1 
ATOM   1157 N N    . LYS A 1 81  ? -12.847 2.734   -4.826  1.00 13.25  ? 99  LYS A N    1 
ATOM   1158 C CA   . LYS A 1 81  ? -13.918 2.804   -3.860  1.00 13.71  ? 99  LYS A CA   1 
ATOM   1159 C C    . LYS A 1 81  ? -13.507 2.770   -2.409  1.00 13.01  ? 99  LYS A C    1 
ATOM   1160 O O    . LYS A 1 81  ? -14.347 2.741   -1.484  1.00 12.66  ? 99  LYS A O    1 
ATOM   1161 C CB   . LYS A 1 81  ? -14.935 1.703   -4.151  1.00 16.71  ? 99  LYS A CB   1 
ATOM   1162 C CG   . LYS A 1 81  ? -15.656 1.917   -5.472  1.00 21.06  ? 99  LYS A CG   1 
ATOM   1163 C CD   . LYS A 1 81  ? -16.674 0.792   -5.654  1.00 23.50  ? 99  LYS A CD   1 
ATOM   1164 C CE   . LYS A 1 81  ? -17.542 1.036   -6.875  1.00 30.94  ? 99  LYS A CE   1 
ATOM   1165 N NZ   . LYS A 1 81  ? -18.277 -0.232  -7.209  1.00 34.57  ? 99  LYS A NZ   1 
ATOM   1166 H H    . LYS A 1 81  ? -12.555 1.930   -4.917  1.00 13.05  ? 99  LYS A H    1 
ATOM   1167 H HA   . LYS A 1 81  ? -14.391 3.652   -3.988  1.00 14.00  ? 99  LYS A HA   1 
ATOM   1168 H HB2  . LYS A 1 81  ? -14.480 0.847   -4.191  1.00 16.76  ? 99  LYS A HB2  1 
ATOM   1169 H HB3  . LYS A 1 81  ? -15.605 1.689   -3.451  1.00 16.78  ? 99  LYS A HB3  1 
ATOM   1170 H HG2  . LYS A 1 81  ? -16.125 2.766   -5.458  1.00 20.43  ? 99  LYS A HG2  1 
ATOM   1171 H HG3  . LYS A 1 81  ? -15.021 1.885   -6.204  1.00 20.30  ? 99  LYS A HG3  1 
ATOM   1172 H HD2  . LYS A 1 81  ? -16.205 -0.050  -5.774  1.00 24.54  ? 99  LYS A HD2  1 
ATOM   1173 H HD3  . LYS A 1 81  ? -17.249 0.749   -4.875  1.00 24.30  ? 99  LYS A HD3  1 
ATOM   1174 H HE2  . LYS A 1 81  ? -18.190 1.732   -6.684  1.00 29.76  ? 99  LYS A HE2  1 
ATOM   1175 H HE3  . LYS A 1 81  ? -16.985 1.281   -7.630  1.00 29.76  ? 99  LYS A HE3  1 
ATOM   1176 H HZ1  . LYS A 1 81  ? -18.884 -0.077  -7.936  1.00 33.36  ? 99  LYS A HZ1  1 
ATOM   1177 H HZ2  . LYS A 1 81  ? -17.654 -0.917  -7.464  1.00 33.22  ? 99  LYS A HZ2  1 
ATOM   1178 H HZ3  . LYS A 1 81  ? -18.776 -0.534  -6.445  1.00 33.36  ? 99  LYS A HZ3  1 
ATOM   1179 N N    . SER A 1 82  ? -12.200 2.910   -2.181  1.00 11.30  ? 100 SER A N    1 
ATOM   1180 C CA   . SER A 1 82  ? -11.652 2.924   -0.855  1.00 10.63  ? 100 SER A CA   1 
ATOM   1181 C C    . SER A 1 82  ? -11.758 4.375   -0.333  1.00 9.82   ? 100 SER A C    1 
ATOM   1182 O O    . SER A 1 82  ? -12.441 5.213   -0.950  1.00 9.93   ? 100 SER A O    1 
ATOM   1183 C CB   . SER A 1 82  ? -10.236 2.357   -0.877  1.00 10.87  ? 100 SER A CB   1 
ATOM   1184 O OG   . SER A 1 82  ? -9.299  3.264   -1.405  1.00 11.42  ? 100 SER A OG   1 
ATOM   1185 H H    . SER A 1 82  ? -11.606 3.007   -2.794  1.00 11.54  ? 100 SER A H    1 
ATOM   1186 H HA   . SER A 1 82  ? -12.189 2.352   -0.268  1.00 10.94  ? 100 SER A HA   1 
ATOM   1187 H HB2  . SER A 1 82  ? -9.976  2.130   0.029   1.00 10.94  ? 100 SER A HB2  1 
ATOM   1188 H HB3  . SER A 1 82  ? -10.234 1.556   -1.425  1.00 10.94  ? 100 SER A HB3  1 
ATOM   1189 H HG   . SER A 1 82  ? -9.296  3.223   -2.223  1.00 11.24  ? 100 SER A HG   1 
ATOM   1190 N N    . GLY A 1 83  ? -11.063 4.672   0.735   1.00 9.80   ? 101 GLY A N    1 
ATOM   1191 C CA   . GLY A 1 83  ? -11.123 5.978   1.391   1.00 10.24  ? 101 GLY A CA   1 
ATOM   1192 C C    . GLY A 1 83  ? -10.703 7.131   0.534   1.00 9.72   ? 101 GLY A C    1 
ATOM   1193 O O    . GLY A 1 83  ? -11.207 8.250   0.720   1.00 10.50  ? 101 GLY A O    1 
ATOM   1194 H H    . GLY A 1 83  ? -10.529 4.125   1.129   1.00 9.96   ? 101 GLY A H    1 
ATOM   1195 H HA2  . GLY A 1 83  ? -12.033 6.141   1.686   1.00 10.02  ? 101 GLY A HA2  1 
ATOM   1196 H HA3  . GLY A 1 83  ? -10.552 5.965   2.174   1.00 10.01  ? 101 GLY A HA3  1 
ATOM   1197 N N    . PHE A 1 84  ? -9.733  6.865   -0.359  1.00 9.18   ? 102 PHE A N    1 
ATOM   1198 C CA   . PHE A 1 84  ? -9.242  7.847   -1.355  1.00 8.44   ? 102 PHE A CA   1 
ATOM   1199 C C    . PHE A 1 84  ? -8.670  7.115   -2.557  1.00 8.74   ? 102 PHE A C    1 
ATOM   1200 O O    . PHE A 1 84  ? -8.252  5.941   -2.499  1.00 9.45   ? 102 PHE A O    1 
ATOM   1201 C CB   . PHE A 1 84  ? -8.188  8.751   -0.748  1.00 8.44   ? 102 PHE A CB   1 
ATOM   1202 C CG   . PHE A 1 84  ? -7.046  8.005   -0.169  1.00 7.77   ? 102 PHE A CG   1 
ATOM   1203 C CD1  . PHE A 1 84  ? -7.068  7.534   1.153   1.00 8.32   ? 102 PHE A CD1  1 
ATOM   1204 C CD2  . PHE A 1 84  ? -5.907  7.747   -0.930  1.00 8.60   ? 102 PHE A CD2  1 
ATOM   1205 C CE1  . PHE A 1 84  ? -5.975  6.887   1.677   1.00 7.95   ? 102 PHE A CE1  1 
ATOM   1206 C CE2  . PHE A 1 84  ? -4.834  7.084   -0.402  1.00 8.18   ? 102 PHE A CE2  1 
ATOM   1207 C CZ   . PHE A 1 84  ? -4.858  6.632   0.870   1.00 8.16   ? 102 PHE A CZ   1 
ATOM   1208 H H    . PHE A 1 84  ? -9.326  6.109   -0.405  1.00 9.15   ? 102 PHE A H    1 
ATOM   1209 H HA   . PHE A 1 84  ? -9.990  8.404   -1.658  1.00 8.68   ? 102 PHE A HA   1 
ATOM   1210 H HB2  . PHE A 1 84  ? -7.844  9.342   -1.437  1.00 8.29   ? 102 PHE A HB2  1 
ATOM   1211 H HB3  . PHE A 1 84  ? -8.593  9.271   -0.039  1.00 8.26   ? 102 PHE A HB3  1 
ATOM   1212 H HD1  . PHE A 1 84  ? -7.806  7.703   1.692   1.00 8.12   ? 102 PHE A HD1  1 
ATOM   1213 H HD2  . PHE A 1 84  ? -5.873  8.047   -1.808  1.00 8.28   ? 102 PHE A HD2  1 
ATOM   1214 H HE1  . PHE A 1 84  ? -5.998  6.569   2.551   1.00 8.10   ? 102 PHE A HE1  1 
ATOM   1215 H HE2  . PHE A 1 84  ? -4.088  6.920   -0.933  1.00 8.25   ? 102 PHE A HE2  1 
ATOM   1216 H HZ   . PHE A 1 84  ? -4.125  6.179   1.217   1.00 8.09   ? 102 PHE A HZ   1 
ATOM   1217 N N    . LYS A 1 85  ? -8.691  7.812   -3.682  1.00 8.54   ? 103 LYS A N    1 
ATOM   1218 C CA   . LYS A 1 85  ? -8.261  7.271   -4.973  1.00 8.55   ? 103 LYS A CA   1 
ATOM   1219 C C    . LYS A 1 85  ? -6.787  7.429   -5.282  1.00 7.39   ? 103 LYS A C    1 
ATOM   1220 O O    . LYS A 1 85  ? -6.200  6.585   -6.006  1.00 7.07   ? 103 LYS A O    1 
ATOM   1221 C CB   . LYS A 1 85  ? -9.063  7.879   -6.082  1.00 10.38  ? 103 LYS A CB   1 
ATOM   1222 C CG   . LYS A 1 85  ? -10.537 7.584   -6.009  1.00 13.58  ? 103 LYS A CG   1 
ATOM   1223 C CD   . LYS A 1 85  ? -11.317 8.245   -7.087  1.00 18.34  ? 103 LYS A CD   1 
ATOM   1224 C CE   . LYS A 1 85  ? -12.751 7.628   -7.145  1.00 23.47  ? 103 LYS A CE   1 
ATOM   1225 N NZ   . LYS A 1 85  ? -13.432 8.393   -8.230  1.00 27.70  ? 103 LYS A NZ   1 
ATOM   1226 H H    . LYS A 1 85  ? -8.955  8.631   -3.727  1.00 8.65   ? 103 LYS A H    1 
ATOM   1227 H HA   . LYS A 1 85  ? -8.452  6.310   -4.986  1.00 8.64   ? 103 LYS A HA   1 
ATOM   1228 H HB2  . LYS A 1 85  ? -8.951  8.842   -6.059  1.00 10.52  ? 103 LYS A HB2  1 
ATOM   1229 H HB3  . LYS A 1 85  ? -8.738  7.532   -6.928  1.00 10.49  ? 103 LYS A HB3  1 
ATOM   1230 H HG2  . LYS A 1 85  ? -10.669 6.626   -6.086  1.00 13.76  ? 103 LYS A HG2  1 
ATOM   1231 H HG3  . LYS A 1 85  ? -10.883 7.898   -5.160  1.00 13.59  ? 103 LYS A HG3  1 
ATOM   1232 H HD2  . LYS A 1 85  ? -11.393 9.193   -6.900  1.00 18.24  ? 103 LYS A HD2  1 
ATOM   1233 H HD3  . LYS A 1 85  ? -10.880 8.099   -7.942  1.00 18.24  ? 103 LYS A HD3  1 
ATOM   1234 H HE2  . LYS A 1 85  ? -12.710 6.690   -7.389  1.00 22.87  ? 103 LYS A HE2  1 
ATOM   1235 H HE3  . LYS A 1 85  ? -13.218 7.764   -6.306  1.00 23.00  ? 103 LYS A HE3  1 
ATOM   1236 H HZ1  . LYS A 1 85  ? -14.327 8.068   -8.346  1.00 26.16  ? 103 LYS A HZ1  1 
ATOM   1237 H HZ2  . LYS A 1 85  ? -13.468 9.326   -8.004  1.00 25.89  ? 103 LYS A HZ2  1 
ATOM   1238 H HZ3  . LYS A 1 85  ? -12.955 8.291   -9.057  1.00 25.89  ? 103 LYS A HZ3  1 
ATOM   1239 N N    . GLY A 1 86  ? -6.184  8.498   -4.766  1.00 7.17   ? 104 GLY A N    1 
ATOM   1240 C CA   . GLY A 1 86  ? -4.852  8.859   -5.189  1.00 7.05   ? 104 GLY A CA   1 
ATOM   1241 C C    . GLY A 1 86  ? -3.874  8.794   -4.072  1.00 7.24   ? 104 GLY A C    1 
ATOM   1242 O O    . GLY A 1 86  ? -4.055  9.388   -2.969  1.00 8.01   ? 104 GLY A O    1 
ATOM   1243 H H    . GLY A 1 86  ? -6.523  9.024   -4.176  1.00 7.24   ? 104 GLY A H    1 
ATOM   1244 H HA2  . GLY A 1 86  ? -4.556  8.288   -5.913  1.00 7.20   ? 104 GLY A HA2  1 
ATOM   1245 H HA3  . GLY A 1 86  ? -4.866  9.771   -5.520  1.00 7.14   ? 104 GLY A HA3  1 
ATOM   1246 N N    . ILE A 1 87  ? -2.813  8.005   -4.289  1.00 7.33   ? 105 ILE A N    1 
ATOM   1247 C CA   . ILE A 1 87  ? -1.789  7.747   -3.253  1.00 7.10   ? 105 ILE A CA   1 
ATOM   1248 C C    . ILE A 1 87  ? -0.633  8.729   -3.466  1.00 6.72   ? 105 ILE A C    1 
ATOM   1249 O O    . ILE A 1 87  ? -0.044  8.794   -4.588  1.00 6.89   ? 105 ILE A O    1 
ATOM   1250 C CB   . ILE A 1 87  ? -1.248  6.347   -3.379  1.00 7.18   ? 105 ILE A CB   1 
ATOM   1251 C CG1  . ILE A 1 87  ? -2.391  5.312   -3.301  1.00 7.03   ? 105 ILE A CG1  1 
ATOM   1252 C CG2  . ILE A 1 87  ? -0.215  6.073   -2.248  1.00 6.93   ? 105 ILE A CG2  1 
ATOM   1253 C CD1  . ILE A 1 87  ? -2.001  3.969   -3.874  1.00 6.87   ? 105 ILE A CD1  1 
ATOM   1254 H H    . ILE A 1 87  ? -2.653  7.605   -5.033  1.00 7.24   ? 105 ILE A H    1 
ATOM   1255 H HA   . ILE A 1 87  ? -2.166  7.863   -2.356  1.00 7.08   ? 105 ILE A HA   1 
ATOM   1256 H HB   . ILE A 1 87  ? -0.803  6.258   -4.236  1.00 7.07   ? 105 ILE A HB   1 
ATOM   1257 H HG12 . ILE A 1 87  ? -2.633  5.180   -2.371  1.00 7.03   ? 105 ILE A HG12 1 
ATOM   1258 H HG13 . ILE A 1 87  ? -3.158  5.630   -3.800  1.00 7.04   ? 105 ILE A HG13 1 
ATOM   1259 H HG21 . ILE A 1 87  ? -0.213  5.135   -2.040  1.00 7.00   ? 105 ILE A HG21 1 
ATOM   1260 H HG22 . ILE A 1 87  ? 0.656   6.337   -2.550  1.00 7.00   ? 105 ILE A HG22 1 
ATOM   1261 H HG23 . ILE A 1 87  ? -0.457  6.576   -1.467  1.00 7.00   ? 105 ILE A HG23 1 
ATOM   1262 H HD11 . ILE A 1 87  ? -2.793  3.442   -3.996  1.00 6.92   ? 105 ILE A HD11 1 
ATOM   1263 H HD12 . ILE A 1 87  ? -1.563  4.102   -4.718  1.00 6.92   ? 105 ILE A HD12 1 
ATOM   1264 H HD13 . ILE A 1 87  ? -1.406  3.528   -3.263  1.00 6.92   ? 105 ILE A HD13 1 
ATOM   1265 N N    . SER A 1 88  ? -0.329  9.492   -2.421  1.00 6.71   ? 106 SER A N    1 
ATOM   1266 C CA   . SER A 1 88  ? 0.748   10.490  -2.433  1.00 6.53   ? 106 SER A CA   1 
ATOM   1267 C C    . SER A 1 88  ? 1.997   10.056  -1.700  1.00 6.19   ? 106 SER A C    1 
ATOM   1268 O O    . SER A 1 88  ? 3.037   10.653  -1.937  1.00 6.26   ? 106 SER A O    1 
ATOM   1269 C CB   . SER A 1 88  ? 0.296   11.869  -1.943  1.00 6.96   ? 106 SER A CB   1 
ATOM   1270 O OG   . SER A 1 88  ? -0.535  12.458  -2.904  1.00 6.72   ? 106 SER A OG   1 
ATOM   1271 H H    . SER A 1 88  ? -0.743  9.457   -1.668  1.00 6.67   ? 106 SER A H    1 
ATOM   1272 H HA   . SER A 1 88  ? 1.022   10.623  -3.364  1.00 6.58   ? 106 SER A HA   1 
ATOM   1273 H HB2  . SER A 1 88  ? -0.201  11.760  -1.119  1.00 6.87   ? 106 SER A HB2  1 
ATOM   1274 H HB3  . SER A 1 88  ? 1.070   12.437  -1.798  1.00 6.79   ? 106 SER A HB3  1 
ATOM   1275 H HG   . SER A 1 88  ? -1.278  12.111  -2.883  1.00 6.80   ? 106 SER A HG   1 
ATOM   1276 N N    . SER A 1 89  ? 1.897   9.104   -0.778  1.00 5.94   ? 107 SER A N    1 
ATOM   1277 C CA   . SER A 1 89  ? 3.109   8.521   -0.130  1.00 6.09   ? 107 SER A CA   1 
ATOM   1278 C C    . SER A 1 89  ? 2.766   7.140   0.361   1.00 5.93   ? 107 SER A C    1 
ATOM   1279 O O    . SER A 1 89  ? 1.587   6.771   0.612   1.00 5.77   ? 107 SER A O    1 
ATOM   1280 C CB   . SER A 1 89  ? 3.700   9.411   0.948   1.00 6.16   ? 107 SER A CB   1 
ATOM   1281 O OG   . SER A 1 89  ? 2.814   9.702   2.053   1.00 6.66   ? 107 SER A OG   1 
ATOM   1282 H H    . SER A 1 89  ? 1.155   8.774   -0.496  1.00 6.06   ? 107 SER A H    1 
ATOM   1283 H HA   . SER A 1 89  ? 3.800   8.410   -0.816  1.00 6.05   ? 107 SER A HA   1 
ATOM   1284 H HB2  . SER A 1 89  ? 4.491   8.976   1.302   1.00 6.26   ? 107 SER A HB2  1 
ATOM   1285 H HB3  . SER A 1 89  ? 3.952   10.252  0.539   1.00 6.26   ? 107 SER A HB3  1 
ATOM   1286 H HG   . SER A 1 89  ? 2.247   10.247  1.822   1.00 6.51   ? 107 SER A HG   1 
ATOM   1287 N N    . ILE A 1 90  ? 3.782   6.352   0.595   1.00 6.00   ? 108 ILE A N    1 
ATOM   1288 C CA   . ILE A 1 90  ? 3.589   4.980   0.944   1.00 6.26   ? 108 ILE A CA   1 
ATOM   1289 C C    . ILE A 1 90  ? 4.645   4.643   1.979   1.00 7.34   ? 108 ILE A C    1 
ATOM   1290 O O    . ILE A 1 90  ? 5.851   4.901   1.719   1.00 6.76   ? 108 ILE A O    1 
ATOM   1291 C CB   . ILE A 1 90  ? 3.803   4.031   -0.286  1.00 6.72   ? 108 ILE A CB   1 
ATOM   1292 C CG1  . ILE A 1 90  ? 2.751   4.301   -1.426  1.00 6.92   ? 108 ILE A CG1  1 
ATOM   1293 C CG2  . ILE A 1 90  ? 3.813   2.584   0.198   1.00 7.12   ? 108 ILE A CG2  1 
ATOM   1294 C CD1  . ILE A 1 90  ? 3.073   3.606   -2.722  1.00 7.13   ? 108 ILE A CD1  1 
ATOM   1295 H H    . ILE A 1 90  ? 4.606   6.597   0.549   1.00 6.06   ? 108 ILE A H    1 
ATOM   1296 H HA   . ILE A 1 90  ? 2.701   4.827   1.322   1.00 6.50   ? 108 ILE A HA   1 
ATOM   1297 H HB   . ILE A 1 90  ? 4.682   4.221   -0.650  1.00 6.74   ? 108 ILE A HB   1 
ATOM   1298 H HG12 . ILE A 1 90  ? 1.882   3.990   -1.130  1.00 6.91   ? 108 ILE A HG12 1 
ATOM   1299 H HG13 . ILE A 1 90  ? 2.717   5.251   -1.611  1.00 6.88   ? 108 ILE A HG13 1 
ATOM   1300 H HG21 . ILE A 1 90  ? 3.529   2.012   -0.518  1.00 7.00   ? 108 ILE A HG21 1 
ATOM   1301 H HG22 . ILE A 1 90  ? 4.704   2.346   0.465   1.00 7.01   ? 108 ILE A HG22 1 
ATOM   1302 H HG23 . ILE A 1 90  ? 3.209   2.492   0.940   1.00 6.99   ? 108 ILE A HG23 1 
ATOM   1303 H HD11 . ILE A 1 90  ? 2.633   4.068   -3.440  1.00 7.06   ? 108 ILE A HD11 1 
ATOM   1304 H HD12 . ILE A 1 90  ? 4.023   3.619   -2.857  1.00 7.06   ? 108 ILE A HD12 1 
ATOM   1305 H HD13 . ILE A 1 90  ? 2.761   2.699   -2.676  1.00 7.06   ? 108 ILE A HD13 1 
ATOM   1306 N N    . LYS A 1 91  ? 4.255   4.003   3.076   1.00 7.62   ? 109 LYS A N    1 
ATOM   1307 C CA   . LYS A 1 91  ? 5.223   3.576   4.114   1.00 8.85   ? 109 LYS A CA   1 
ATOM   1308 C C    . LYS A 1 91  ? 5.220   2.061   4.270   1.00 8.43   ? 109 LYS A C    1 
ATOM   1309 O O    . LYS A 1 91  ? 4.180   1.468   4.342   1.00 8.39   ? 109 LYS A O    1 
ATOM   1310 C CB   . LYS A 1 91  ? 5.007   4.219   5.441   1.00 9.78   ? 109 LYS A CB   1 
ATOM   1311 C CG   . LYS A 1 91  ? 6.160   3.981   6.398   1.00 11.89  ? 109 LYS A CG   1 
ATOM   1312 C CD   . LYS A 1 91  ? 6.018   4.772   7.685   1.00 13.76  ? 109 LYS A CD   1 
ATOM   1313 C CE   . LYS A 1 91  ? 6.640   6.146   7.495   1.00 18.19  ? 109 LYS A CE   1 
ATOM   1314 N NZ   . LYS A 1 91  ? 6.993   6.794   8.785   1.00 20.57  ? 109 LYS A NZ   1 
ATOM   1315 H H    . LYS A 1 91  ? 3.440   3.797   3.255   1.00 7.79   ? 109 LYS A H    1 
ATOM   1316 H HA   . LYS A 1 91  ? 6.123   3.835   3.826   1.00 8.72   ? 109 LYS A HA   1 
ATOM   1317 H HB2  . LYS A 1 91  ? 4.914   5.176   5.316   1.00 10.00  ? 109 LYS A HB2  1 
ATOM   1318 H HB3  . LYS A 1 91  ? 4.203   3.857   5.844   1.00 9.97   ? 109 LYS A HB3  1 
ATOM   1319 H HG2  . LYS A 1 91  ? 6.189   3.043   6.636   1.00 11.77  ? 109 LYS A HG2  1 
ATOM   1320 H HG3  . LYS A 1 91  ? 6.991   4.231   5.964   1.00 11.86  ? 109 LYS A HG3  1 
ATOM   1321 H HD2  . LYS A 1 91  ? 5.078   4.882   7.902   1.00 14.11  ? 109 LYS A HD2  1 
ATOM   1322 H HD3  . LYS A 1 91  ? 6.485   4.315   8.402   1.00 14.18  ? 109 LYS A HD3  1 
ATOM   1323 H HE2  . LYS A 1 91  ? 7.454   6.070   6.974   1.00 17.24  ? 109 LYS A HE2  1 
ATOM   1324 H HE3  . LYS A 1 91  ? 6.005   6.716   7.038   1.00 17.19  ? 109 LYS A HE3  1 
ATOM   1325 H HZ1  . LYS A 1 91  ? 7.807   6.417   9.129   1.00 19.77  ? 109 LYS A HZ1  1 
ATOM   1326 H HZ2  . LYS A 1 91  ? 7.117   7.737   8.654   1.00 19.77  ? 109 LYS A HZ2  1 
ATOM   1327 H HZ3  . LYS A 1 91  ? 6.291   6.657   9.424   1.00 19.67  ? 109 LYS A HZ3  1 
ATOM   1328 N N    . ARG A 1 92  ? 6.397   1.481   4.191   1.00 8.99   ? 110 ARG A N    1 
ATOM   1329 C CA   . ARG A 1 92  ? 6.602   0.057   4.441   1.00 10.05  ? 110 ARG A CA   1 
ATOM   1330 C C    . ARG A 1 92  ? 6.962   -0.186  5.898   1.00 11.28  ? 110 ARG A C    1 
ATOM   1331 O O    . ARG A 1 92  ? 7.865   0.461   6.460   1.00 10.50  ? 110 ARG A O    1 
ATOM   1332 C CB   . ARG A 1 92  ? 7.708   -0.500  3.546   1.00 10.56  ? 110 ARG A CB   1 
ATOM   1333 C CG   . ARG A 1 92  ? 7.996   -2.006  3.741   1.00 11.17  ? 110 ARG A CG   1 
ATOM   1334 C CD   . ARG A 1 92  ? 9.141   -2.514  2.854   1.00 12.42  ? 110 ARG A CD   1 
ATOM   1335 N NE   . ARG A 1 92  ? 9.499   -3.857  3.246   1.00 14.90  ? 110 ARG A NE   1 
ATOM   1336 C CZ   . ARG A 1 92  ? 10.547  -4.529  2.765   1.00 17.72  ? 110 ARG A CZ   1 
ATOM   1337 N NH1  . ARG A 1 92  ? 11.335  -4.011  1.820   1.00 19.80  ? 110 ARG A NH1  1 
ATOM   1338 N NH2  . ARG A 1 92  ? 10.825  -5.741  3.252   1.00 20.32  ? 110 ARG A NH2  1 
ATOM   1339 H H    . ARG A 1 92  ? 7.124   1.895   3.989   1.00 9.13   ? 110 ARG A H    1 
ATOM   1340 H HA   . ARG A 1 92  ? 5.781   -0.435  4.231   1.00 10.17  ? 110 ARG A HA   1 
ATOM   1341 H HB2  . ARG A 1 92  ? 7.463   -0.361  2.620   1.00 10.44  ? 110 ARG A HB2  1 
ATOM   1342 H HB3  . ARG A 1 92  ? 8.529   -0.020  3.737   1.00 10.52  ? 110 ARG A HB3  1 
ATOM   1343 H HG2  . ARG A 1 92  ? 8.239   -2.176  4.663   1.00 11.30  ? 110 ARG A HG2  1 
ATOM   1344 H HG3  . ARG A 1 92  ? 7.199   -2.508  3.513   1.00 11.30  ? 110 ARG A HG3  1 
ATOM   1345 H HD2  . ARG A 1 92  ? 8.855   -2.528  1.928   1.00 12.66  ? 110 ARG A HD2  1 
ATOM   1346 H HD3  . ARG A 1 92  ? 9.915   -1.941  2.963   1.00 12.73  ? 110 ARG A HD3  1 
ATOM   1347 H HE   . ARG A 1 92  ? 8.851   -4.354  3.771   1.00 14.95  ? 110 ARG A HE   1 
ATOM   1348 H HH11 . ARG A 1 92  ? 11.188  -3.225  1.506   1.00 18.73  ? 110 ARG A HH11 1 
ATOM   1349 H HH12 . ARG A 1 92  ? 12.003  -4.466  1.522   1.00 19.03  ? 110 ARG A HH12 1 
ATOM   1350 H HH21 . ARG A 1 92  ? 10.318  -6.093  3.853   1.00 19.03  ? 110 ARG A HH21 1 
ATOM   1351 H HH22 . ARG A 1 92  ? 11.481  -6.195  2.933   1.00 19.12  ? 110 ARG A HH22 1 
ATOM   1352 N N    . CYS A 1 93  ? 6.160   -1.048  6.523   1.00 13.16  ? 111 CYS A N    1 
ATOM   1353 C CA   . CYS A 1 93  ? 6.317   -1.368  7.900   1.00 14.89  ? 111 CYS A CA   1 
ATOM   1354 C C    . CYS A 1 93  ? 6.344   -2.863  8.165   1.00 15.41  ? 111 CYS A C    1 
ATOM   1355 O O    . CYS A 1 93  ? 6.337   -3.703  7.250   1.00 15.29  ? 111 CYS A O    1 
ATOM   1356 C CB   . CYS A 1 93  ? 5.156   -0.742  8.647   1.00 16.04  ? 111 CYS A CB   1 
ATOM   1357 S SG   . CYS A 1 93  ? 4.976   1.049   8.298   1.00 16.06  ? 111 CYS A SG   1 
ATOM   1358 H H    . CYS A 1 93  ? 5.506   -1.463  6.149   1.00 12.97  ? 111 CYS A H    1 
ATOM   1359 H HA   . CYS A 1 93  ? 7.147   -0.986  8.251   1.00 14.69  ? 111 CYS A HA   1 
ATOM   1360 H HB2  . CYS A 1 93  ? 4.333   -1.183  8.385   1.00 15.74  ? 111 CYS A HB2  1 
ATOM   1361 H HB3  . CYS A 1 93  ? 5.291   -0.831  9.599   1.00 15.93  ? 111 CYS A HB3  1 
ATOM   1362 H HG   . CYS A 1 93  ? 4.659   1.216   7.007   1.00 15.33  ? 111 CYS A HG   1 
ATOM   1363 N N    . ILE A 1 94  ? 6.355   -3.180  9.467   1.00 18.47  ? 112 ILE A N    1 
ATOM   1364 C CA   . ILE A 1 94  ? 6.420   -4.567  9.915   1.00 21.32  ? 112 ILE A CA   1 
ATOM   1365 C C    . ILE A 1 94  ? 5.286   -4.796  10.851  1.00 20.18  ? 112 ILE A C    1 
ATOM   1366 O O    . ILE A 1 94  ? 4.974   -3.921  11.689  1.00 21.84  ? 112 ILE A O    1 
ATOM   1367 C CB   . ILE A 1 94  ? 7.745   -4.869  10.627  1.00 26.66  ? 112 ILE A CB   1 
ATOM   1368 C CG1  . ILE A 1 94  ? 8.862   -4.876  9.607   1.00 28.31  ? 112 ILE A CG1  1 
ATOM   1369 C CG2  . ILE A 1 94  ? 7.695   -6.237  11.337  1.00 28.96  ? 112 ILE A CG2  1 
ATOM   1370 C CD1  . ILE A 1 94  ? 10.235  -4.802  10.248  1.00 30.51  ? 112 ILE A CD1  1 
ATOM   1371 H H    . ILE A 1 94  ? 6.347   -2.613  10.113  1.00 18.17  ? 112 ILE A H    1 
ATOM   1372 H HA   . ILE A 1 94  ? 6.331   -5.181  9.156   1.00 21.29  ? 112 ILE A HA   1 
ATOM   1373 H HB   . ILE A 1 94  ? 7.913   -4.177  11.284  1.00 26.30  ? 112 ILE A HB   1 
ATOM   1374 H HG12 . ILE A 1 94  ? 8.814   -5.693  9.085   1.00 28.29  ? 112 ILE A HG12 1 
ATOM   1375 H HG13 . ILE A 1 94  ? 8.764   -4.105  9.029   1.00 27.76  ? 112 ILE A HG13 1 
ATOM   1376 H HG21 . ILE A 1 94  ? 8.589   -6.562  11.470  1.00 28.25  ? 112 ILE A HG21 1 
ATOM   1377 H HG22 . ILE A 1 94  ? 7.264   -6.136  12.189  1.00 28.06  ? 112 ILE A HG22 1 
ATOM   1378 H HG23 . ILE A 1 94  ? 7.206   -6.857  10.792  1.00 28.18  ? 112 ILE A HG23 1 
ATOM   1379 H HD11 . ILE A 1 94  ? 10.849  -4.391  9.636   1.00 29.78  ? 112 ILE A HD11 1 
ATOM   1380 H HD12 . ILE A 1 94  ? 10.182  -4.280  11.053  1.00 29.68  ? 112 ILE A HD12 1 
ATOM   1381 H HD13 . ILE A 1 94  ? 10.529  -5.691  10.456  1.00 29.75  ? 112 ILE A HD13 1 
ATOM   1382 N N    . GLN A 1 95  ? 4.610   -5.932  10.716  1.00 21.19  ? 113 GLN A N    1 
ATOM   1383 C CA   . GLN A 1 95  ? 3.593   -6.315  11.688  1.00 22.85  ? 113 GLN A CA   1 
ATOM   1384 C C    . GLN A 1 95  ? 4.207   -7.437  12.533  1.00 24.74  ? 113 GLN A C    1 
ATOM   1385 O O    . GLN A 1 95  ? 4.624   -8.437  11.957  1.00 27.19  ? 113 GLN A O    1 
ATOM   1386 C CB   . GLN A 1 95  ? 2.358   -6.849  10.985  1.00 24.88  ? 113 GLN A CB   1 
ATOM   1387 C CG   . GLN A 1 95  ? 1.205   -7.090  11.916  1.00 28.61  ? 113 GLN A CG   1 
ATOM   1388 C CD   . GLN A 1 95  ? -0.033  -7.478  11.163  1.00 29.63  ? 113 GLN A CD   1 
ATOM   1389 O OE1  . GLN A 1 95  ? 0.023   -8.289  10.235  1.00 36.78  ? 113 GLN A OE1  1 
ATOM   1390 N NE2  . GLN A 1 95  ? -1.175  -6.895  11.559  1.00 32.27  ? 113 GLN A NE2  1 
ATOM   1391 H H    . GLN A 1 95  ? 4.720   -6.498  10.077  1.00 21.38  ? 113 GLN A H    1 
ATOM   1392 H HA   . GLN A 1 95  ? 3.336   -5.564  12.260  1.00 23.45  ? 113 GLN A HA   1 
ATOM   1393 H HB2  . GLN A 1 95  ? 2.073   -6.199  10.325  1.00 24.95  ? 113 GLN A HB2  1 
ATOM   1394 H HB3  . GLN A 1 95  ? 2.576   -7.687  10.548  1.00 25.34  ? 113 GLN A HB3  1 
ATOM   1395 H HG2  . GLN A 1 95  ? 1.424   -7.813  12.524  1.00 27.86  ? 113 GLN A HG2  1 
ATOM   1396 H HG3  . GLN A 1 95  ? 1.021   -6.277  12.413  1.00 27.97  ? 113 GLN A HG3  1 
ATOM   1397 H HE21 . GLN A 1 95  ? -1.328  -6.775  12.397  1.00 31.36  ? 113 GLN A HE21 1 
ATOM   1398 H HE22 . GLN A 1 95  ? -1.753  -6.641  10.976  1.00 31.41  ? 113 GLN A HE22 1 
ATOM   1399 N N    . THR A 1 96  ? 4.264   -7.245  13.855  1.00 30.81  ? 114 THR A N    1 
ATOM   1400 C CA   . THR A 1 96  ? 4.930   -8.194  14.782  1.00 37.81  ? 114 THR A CA   1 
ATOM   1401 C C    . THR A 1 96  ? 4.013   -9.365  15.029  1.00 44.81  ? 114 THR A C    1 
ATOM   1402 O O    . THR A 1 96  ? 2.773   -9.238  14.865  1.00 39.38  ? 114 THR A O    1 
ATOM   1403 C CB   . THR A 1 96  ? 5.257   -7.583  16.182  1.00 39.52  ? 114 THR A CB   1 
ATOM   1404 O OG1  . THR A 1 96  ? 4.054   -7.173  16.849  1.00 42.67  ? 114 THR A OG1  1 
ATOM   1405 C CG2  . THR A 1 96  ? 6.173   -6.411  16.069  1.00 40.08  ? 114 THR A CG2  1 
ATOM   1406 H H    . THR A 1 96  ? 3.921   -6.564  14.253  1.00 30.67  ? 114 THR A H    1 
ATOM   1407 H HA   . THR A 1 96  ? 5.762   -8.522  14.383  1.00 37.39  ? 114 THR A HA   1 
ATOM   1408 H HB   . THR A 1 96  ? 5.703   -8.256  16.720  1.00 40.01  ? 114 THR A HB   1 
ATOM   1409 H HG1  . THR A 1 96  ? 3.851   -7.722  17.423  1.00 43.45  ? 114 THR A HG1  1 
ATOM   1410 H HG21 . THR A 1 96  ? 5.728   -5.690  15.617  1.00 39.91  ? 114 THR A HG21 1 
ATOM   1411 H HG22 . THR A 1 96  ? 6.437   -6.116  16.944  1.00 39.91  ? 114 THR A HG22 1 
ATOM   1412 H HG23 . THR A 1 96  ? 6.957   -6.654  15.572  1.00 39.91  ? 114 THR A HG23 1 
ATOM   1413 N N    . LYS A 1 97  ? 4.594   -10.497 15.443  1.00 56.89  ? 115 LYS A N    1 
ATOM   1414 C CA   . LYS A 1 97  ? 3.806   -11.719 15.695  1.00 66.12  ? 115 LYS A CA   1 
ATOM   1415 C C    . LYS A 1 97  ? 2.602   -11.475 16.641  1.00 62.07  ? 115 LYS A C    1 
ATOM   1416 O O    . LYS A 1 97  ? 1.584   -12.153 16.545  1.00 62.18  ? 115 LYS A O    1 
ATOM   1417 C CB   . LYS A 1 97  ? 4.714   -12.836 16.220  1.00 78.39  ? 115 LYS A CB   1 
ATOM   1418 C CG   . LYS A 1 97  ? 5.749   -13.360 15.203  1.00 88.29  ? 115 LYS A CG   1 
ATOM   1419 C CD   . LYS A 1 97  ? 5.330   -14.644 14.452  1.00 91.57  ? 115 LYS A CD   1 
ATOM   1420 C CE   . LYS A 1 97  ? 6.528   -15.331 13.781  1.00 87.04  ? 115 LYS A CE   1 
ATOM   1421 N NZ   . LYS A 1 97  ? 6.221   -15.890 12.434  1.00 86.90  ? 115 LYS A NZ   1 
ATOM   1422 H H    . LYS A 1 97  ? 5.438   -10.580 15.587  1.00 56.97  ? 115 LYS A H    1 
ATOM   1423 H HA   . LYS A 1 97  ? 3.448   -12.040 14.844  1.00 64.96  ? 115 LYS A HA   1 
ATOM   1424 H HB2  . LYS A 1 97  ? 5.203   -12.500 16.988  1.00 77.05  ? 115 LYS A HB2  1 
ATOM   1425 H HB3  . LYS A 1 97  ? 4.158   -13.583 16.490  1.00 77.48  ? 115 LYS A HB3  1 
ATOM   1426 H HG2  . LYS A 1 97  ? 5.907   -12.672 14.538  1.00 84.58  ? 115 LYS A HG2  1 
ATOM   1427 H HG3  . LYS A 1 97  ? 6.574   -13.553 15.675  1.00 86.24  ? 115 LYS A HG3  1 
ATOM   1428 H HD2  . LYS A 1 97  ? 4.946   -15.271 15.086  1.00 89.37  ? 115 LYS A HD2  1 
ATOM   1429 H HD3  . LYS A 1 97  ? 4.677   -14.422 13.771  1.00 89.14  ? 115 LYS A HD3  1 
ATOM   1430 H HE2  . LYS A 1 97  ? 7.245   -14.687 13.678  1.00 87.72  ? 115 LYS A HE2  1 
ATOM   1431 H HE3  . LYS A 1 97  ? 6.823   -16.063 14.344  1.00 87.98  ? 115 LYS A HE3  1 
ATOM   1432 H HZ1  . LYS A 1 97  ? 5.830   -15.212 11.879  1.00 86.51  ? 115 LYS A HZ1  1 
ATOM   1433 H HZ2  . LYS A 1 97  ? 7.028   -16.205 12.019  1.00 86.83  ? 115 LYS A HZ2  1 
ATOM   1434 H HZ3  . LYS A 1 97  ? 5.605   -16.621 12.515  1.00 86.83  ? 115 LYS A HZ3  1 
ATOM   1435 N N    . ASP A 1 98  ? 2.729   -10.478 17.516  1.00 65.36  ? 116 ASP A N    1 
ATOM   1436 C CA   . ASP A 1 98  ? 1.630   -9.983  18.363  1.00 68.62  ? 116 ASP A CA   1 
ATOM   1437 C C    . ASP A 1 98  ? 0.514   -9.270  17.583  1.00 60.75  ? 116 ASP A C    1 
ATOM   1438 O O    . ASP A 1 98  ? -0.565  -9.018  18.129  1.00 59.85  ? 116 ASP A O    1 
ATOM   1439 C CB   . ASP A 1 98  ? 2.167   -8.997  19.420  1.00 80.34  ? 116 ASP A CB   1 
ATOM   1440 C CG   . ASP A 1 98  ? 2.996   -9.684  20.514  1.00 91.42  ? 116 ASP A CG   1 
ATOM   1441 O OD1  . ASP A 1 98  ? 2.928   -10.936 20.626  1.00 88.11  ? 116 ASP A OD1  1 
ATOM   1442 O OD2  . ASP A 1 98  ? 3.719   -8.969  21.254  1.00 104.32 ? 116 ASP A OD2  1 
ATOM   1443 H H    . ASP A 1 98  ? 3.467   -10.057 17.638  1.00 64.86  ? 116 ASP A H    1 
ATOM   1444 H HA   . ASP A 1 98  ? 1.229   -10.741 18.836  1.00 68.35  ? 116 ASP A HA   1 
ATOM   1445 H HB2  . ASP A 1 98  ? 2.726   -8.338  18.986  1.00 78.51  ? 116 ASP A HB2  1 
ATOM   1446 H HB3  . ASP A 1 98  ? 1.415   -8.557  19.849  1.00 79.93  ? 116 ASP A HB3  1 
ATOM   1447 N N    . GLY A 1 99  ? 0.782   -8.894  16.332  1.00 52.98  ? 117 GLY A N    1 
ATOM   1448 C CA   . GLY A 1 99  ? -0.235  -8.272  15.476  1.00 49.50  ? 117 GLY A CA   1 
ATOM   1449 C C    . GLY A 1 99  ? -0.194  -6.754  15.373  1.00 45.07  ? 117 GLY A C    1 
ATOM   1450 O O    . GLY A 1 99  ? -1.045  -6.169  14.709  1.00 42.80  ? 117 GLY A O    1 
ATOM   1451 H H    . GLY A 1 99  ? 1.544   -8.974  15.949  1.00 54.01  ? 117 GLY A H    1 
ATOM   1452 H HA2  . GLY A 1 99  ? -0.132  -8.623  14.578  1.00 49.25  ? 117 GLY A HA2  1 
ATOM   1453 H HA3  . GLY A 1 99  ? -1.120  -8.523  15.784  1.00 49.54  ? 117 GLY A HA3  1 
ATOM   1454 N N    . LYS A 1 100 ? 0.778   -6.119  16.027  1.00 40.63  ? 118 LYS A N    1 
ATOM   1455 C CA   . LYS A 1 100 ? 0.895   -4.671  15.977  1.00 41.14  ? 118 LYS A CA   1 
ATOM   1456 C C    . LYS A 1 100 ? 2.031   -4.146  15.027  1.00 33.56  ? 118 LYS A C    1 
ATOM   1457 O O    . LYS A 1 100 ? 3.032   -4.813  14.682  1.00 28.91  ? 118 LYS A O    1 
ATOM   1458 C CB   . LYS A 1 100 ? 1.031   -4.097  17.392  1.00 49.76  ? 118 LYS A CB   1 
ATOM   1459 C CG   . LYS A 1 100 ? 2.368   -4.429  18.041  1.00 59.91  ? 118 LYS A CG   1 
ATOM   1460 C CD   . LYS A 1 100 ? 2.235   -4.979  19.465  1.00 68.56  ? 118 LYS A CD   1 
ATOM   1461 C CE   . LYS A 1 100 ? 3.527   -5.667  19.921  1.00 72.82  ? 118 LYS A CE   1 
ATOM   1462 N NZ   . LYS A 1 100 ? 4.741   -4.804  19.761  1.00 78.16  ? 118 LYS A NZ   1 
ATOM   1463 H H    . LYS A 1 100 ? 1.380   -6.506  16.501  1.00 42.67  ? 118 LYS A H    1 
ATOM   1464 H HA   . LYS A 1 100 ? 0.056   -4.306  15.626  1.00 40.60  ? 118 LYS A HA   1 
ATOM   1465 H HB2  . LYS A 1 100 ? 0.955   -3.131  17.346  1.00 49.81  ? 118 LYS A HB2  1 
ATOM   1466 H HB3  . LYS A 1 100 ? 0.321   -4.456  17.945  1.00 50.24  ? 118 LYS A HB3  1 
ATOM   1467 H HG2  . LYS A 1 100 ? 2.833   -5.091  17.512  1.00 57.51  ? 118 LYS A HG2  1 
ATOM   1468 H HG3  . LYS A 1 100 ? 2.899   -3.618  18.088  1.00 58.87  ? 118 LYS A HG3  1 
ATOM   1469 H HD2  . LYS A 1 100 ? 2.049   -4.247  20.074  1.00 67.30  ? 118 LYS A HD2  1 
ATOM   1470 H HD3  . LYS A 1 100 ? 1.520   -5.632  19.495  1.00 67.02  ? 118 LYS A HD3  1 
ATOM   1471 H HE2  . LYS A 1 100 ? 3.447   -5.898  20.860  1.00 72.76  ? 118 LYS A HE2  1 
ATOM   1472 H HE3  . LYS A 1 100 ? 3.665   -6.467  19.395  1.00 71.75  ? 118 LYS A HE3  1 
ATOM   1473 H HZ1  . LYS A 1 100 ? 4.512   -3.883  19.912  1.00 75.91  ? 118 LYS A HZ1  1 
ATOM   1474 H HZ2  . LYS A 1 100 ? 5.415   -5.064  20.392  1.00 76.28  ? 118 LYS A HZ2  1 
ATOM   1475 H HZ3  . LYS A 1 100 ? 5.094   -4.895  18.872  1.00 76.02  ? 118 LYS A HZ3  1 
ATOM   1476 N N    . VAL A 1 101 ? 1.824   -2.912  14.644  1.00 29.27  ? 119 VAL A N    1 
ATOM   1477 C CA   . VAL A 1 101 ? 2.587   -2.254  13.614  1.00 26.08  ? 119 VAL A CA   1 
ATOM   1478 C C    . VAL A 1 101 ? 2.993   -1.023  14.316  1.00 25.29  ? 119 VAL A C    1 
ATOM   1479 O O    . VAL A 1 101 ? 2.128   -0.266  14.798  1.00 25.15  ? 119 VAL A O    1 
ATOM   1480 C CB   . VAL A 1 101 ? 1.678   -1.904  12.382  1.00 24.08  ? 119 VAL A CB   1 
ATOM   1481 C CG1  . VAL A 1 101 ? 2.470   -1.344  11.230  1.00 22.90  ? 119 VAL A CG1  1 
ATOM   1482 C CG2  . VAL A 1 101 ? 0.912   -3.135  11.892  1.00 23.87  ? 119 VAL A CG2  1 
ATOM   1483 H H    . VAL A 1 101 ? 1.209   -2.411  14.980  1.00 29.72  ? 119 VAL A H    1 
ATOM   1484 H HA   . VAL A 1 101 ? 3.365   -2.775  13.332  1.00 26.31  ? 119 VAL A HA   1 
ATOM   1485 H HB   . VAL A 1 101 ? 1.017   -1.231  12.648  1.00 24.21  ? 119 VAL A HB   1 
ATOM   1486 H HG11 . VAL A 1 101 ? 1.870   -1.127  10.512  1.00 23.27  ? 119 VAL A HG11 1 
ATOM   1487 H HG12 . VAL A 1 101 ? 2.930   -0.552  11.518  1.00 23.29  ? 119 VAL A HG12 1 
ATOM   1488 H HG13 . VAL A 1 101 ? 3.104   -2.003  10.938  1.00 23.26  ? 119 VAL A HG13 1 
ATOM   1489 H HG21 . VAL A 1 101 ? 0.502   -2.938  11.047  1.00 23.92  ? 119 VAL A HG21 1 
ATOM   1490 H HG22 . VAL A 1 101 ? 1.528   -3.865  11.794  1.00 23.94  ? 119 VAL A HG22 1 
ATOM   1491 H HG23 . VAL A 1 101 ? 0.237   -3.360  12.536  1.00 24.01  ? 119 VAL A HG23 1 
ATOM   1492 N N    . GLU A 1 102 ? 4.291   -0.786  14.377  1.00 28.12  ? 120 GLU A N    1 
ATOM   1493 C CA   . GLU A 1 102 ? 4.819   0.306   15.188  1.00 30.91  ? 120 GLU A CA   1 
ATOM   1494 C C    . GLU A 1 102 ? 5.248   1.560   14.397  1.00 26.38  ? 120 GLU A C    1 
ATOM   1495 O O    . GLU A 1 102 ? 5.596   2.614   15.021  1.00 24.15  ? 120 GLU A O    1 
ATOM   1496 C CB   . GLU A 1 102 ? 5.987   -0.211  16.078  1.00 38.33  ? 120 GLU A CB   1 
ATOM   1497 C CG   . GLU A 1 102 ? 5.567   -1.189  17.211  1.00 47.24  ? 120 GLU A CG   1 
ATOM   1498 C CD   . GLU A 1 102 ? 5.105   -0.514  18.544  1.00 58.01  ? 120 GLU A CD   1 
ATOM   1499 O OE1  . GLU A 1 102 ? 5.485   0.674   18.817  1.00 65.56  ? 120 GLU A OE1  1 
ATOM   1500 O OE2  . GLU A 1 102 ? 4.366   -1.169  19.345  1.00 59.16  ? 120 GLU A OE2  1 
ATOM   1501 H H    . GLU A 1 102 ? 4.894   -1.236  13.960  1.00 28.31  ? 120 GLU A H    1 
ATOM   1502 H HA   . GLU A 1 102 ? 4.120   0.600   15.806  1.00 30.56  ? 120 GLU A HA   1 
ATOM   1503 H HB2  . GLU A 1 102 ? 6.616   -0.681  15.510  1.00 38.04  ? 120 GLU A HB2  1 
ATOM   1504 H HB3  . GLU A 1 102 ? 6.429   0.548   16.488  1.00 38.05  ? 120 GLU A HB3  1 
ATOM   1505 H HG2  . GLU A 1 102 ? 4.830   -1.734  16.890  1.00 46.76  ? 120 GLU A HG2  1 
ATOM   1506 H HG3  . GLU A 1 102 ? 6.323   -1.759  17.421  1.00 47.12  ? 120 GLU A HG3  1 
ATOM   1507 N N    . CYS A 1 103 ? 5.226   1.484   13.062  1.00 21.41  ? 121 CYS A N    1 
ATOM   1508 C CA   . CYS A 1 103 ? 5.905   2.492   12.254  1.00 18.90  ? 121 CYS A CA   1 
ATOM   1509 C C    . CYS A 1 103 ? 5.287   3.885   12.265  1.00 21.48  ? 121 CYS A C    1 
ATOM   1510 O O    . CYS A 1 103 ? 5.944   4.858   11.863  1.00 25.19  ? 121 CYS A O    1 
ATOM   1511 C CB   . CYS A 1 103 ? 6.043   2.042   10.832  1.00 18.27  ? 121 CYS A CB   1 
ATOM   1512 S SG   . CYS A 1 103 ? 4.423   1.885   10.021  1.00 17.83  ? 121 CYS A SG   1 
ATOM   1513 H H    . CYS A 1 103 ? 4.827   0.873   12.607  1.00 21.87  ? 121 CYS A H    1 
ATOM   1514 H HA   . CYS A 1 103 ? 6.812   2.592   12.608  1.00 19.87  ? 121 CYS A HA   1 
ATOM   1515 H HB2  . CYS A 1 103 ? 6.565   2.696   10.341  1.00 18.47  ? 121 CYS A HB2  1 
ATOM   1516 H HB3  . CYS A 1 103 ? 6.484   1.180   10.807  1.00 18.40  ? 121 CYS A HB3  1 
ATOM   1517 H HG   . CYS A 1 103 ? 3.481   2.621   10.614  1.00 18.44  ? 121 CYS A HG   1 
ATOM   1518 N N    . ILE A 1 104 ? 4.039   4.047   12.700  1.00 20.94  ? 122 ILE A N    1 
ATOM   1519 C CA   A ILE A 1 104 ? 3.487   5.409   12.684  0.61 23.63  ? 122 ILE A CA   1 
ATOM   1520 C CA   B ILE A 1 104 ? 3.345   5.353   12.710  0.39 23.39  ? 122 ILE A CA   1 
ATOM   1521 C C    . ILE A 1 104 ? 3.389   5.987   14.111  1.00 25.61  ? 122 ILE A C    1 
ATOM   1522 O O    . ILE A 1 104 ? 3.042   7.198   14.274  1.00 27.14  ? 122 ILE A O    1 
ATOM   1523 C CB   A ILE A 1 104 ? 2.151   5.523   11.884  0.61 22.59  ? 122 ILE A CB   1 
ATOM   1524 C CB   B ILE A 1 104 ? 1.863   5.201   12.245  0.39 22.03  ? 122 ILE A CB   1 
ATOM   1525 C CG1  A ILE A 1 104 ? 1.140   4.463   12.295  0.61 22.30  ? 122 ILE A CG1  1 
ATOM   1526 C CG1  B ILE A 1 104 ? 1.798   4.666   10.815  0.39 21.54  ? 122 ILE A CG1  1 
ATOM   1527 C CG2  A ILE A 1 104 ? 2.371   5.437   10.347  0.61 21.01  ? 122 ILE A CG2  1 
ATOM   1528 C CG2  B ILE A 1 104 ? 1.096   6.523   12.254  0.39 22.32  ? 122 ILE A CG2  1 
ATOM   1529 C CD1  A ILE A 1 104 ? -0.223  4.674   11.689  0.61 21.23  ? 122 ILE A CD1  1 
ATOM   1530 C CD1  B ILE A 1 104 ? 0.864   5.423   9.912   0.39 20.79  ? 122 ILE A CD1  1 
ATOM   1531 H H    . ILE A 1 104 ? 3.520   3.429   12.994  1.00 21.86  ? 122 ILE A H    1 
ATOM   1532 H HA   A ILE A 1 104 ? 4.114   5.997   12.216  0.61 23.22  ? 122 ILE A HA   1 
ATOM   1533 H HA   B ILE A 1 104 ? 3.785   5.968   12.087  0.39 23.05  ? 122 ILE A HA   1 
ATOM   1534 H HB   A ILE A 1 104 ? 1.764   6.392   12.077  0.61 22.52  ? 122 ILE A HB   1 
ATOM   1535 H HB   B ILE A 1 104 ? 1.413   4.575   12.834  0.39 22.24  ? 122 ILE A HB   1 
ATOM   1536 H HG12 A ILE A 1 104 ? 1.455   3.591   12.012  0.61 22.10  ? 122 ILE A HG12 1 
ATOM   1537 H HG12 B ILE A 1 104 ? 2.683   4.716   10.424  0.39 21.36  ? 122 ILE A HG12 1 
ATOM   1538 H HG13 A ILE A 1 104 ? 1.039   4.484   13.259  0.61 22.30  ? 122 ILE A HG13 1 
ATOM   1539 H HG13 B ILE A 1 104 ? 1.497   3.745   10.844  0.39 21.19  ? 122 ILE A HG13 1 
ATOM   1540 H HG21 A ILE A 1 104 ? 1.697   5.962   9.908   0.61 21.51  ? 122 ILE A HG21 1 
ATOM   1541 H HG21 B ILE A 1 104 ? 0.391   6.476   11.604  0.39 22.28  ? 122 ILE A HG21 1 
ATOM   1542 H HG22 A ILE A 1 104 ? 3.242   5.781   10.131  0.61 21.63  ? 122 ILE A HG22 1 
ATOM   1543 H HG22 B ILE A 1 104 ? 0.724   6.665   13.127  0.39 22.39  ? 122 ILE A HG22 1 
ATOM   1544 H HG23 A ILE A 1 104 ? 2.304   4.522   10.064  0.61 21.48  ? 122 ILE A HG23 1 
ATOM   1545 H HG23 B ILE A 1 104 ? 1.697   7.237   12.029  0.39 22.35  ? 122 ILE A HG23 1 
ATOM   1546 H HD11 A ILE A 1 104 ? -0.875  4.221   12.229  0.61 21.55  ? 122 ILE A HD11 1 
ATOM   1547 H HD11 B ILE A 1 104 ? 0.799   4.962   9.074   0.39 20.51  ? 122 ILE A HD11 1 
ATOM   1548 H HD12 A ILE A 1 104 ? -0.415  5.614   11.664  0.61 21.58  ? 122 ILE A HD12 1 
ATOM   1549 H HD12 B ILE A 1 104 ? 0.000   5.473   10.328  0.39 20.89  ? 122 ILE A HD12 1 
ATOM   1550 H HD13 A ILE A 1 104 ? -0.229  4.314   10.799  0.61 21.54  ? 122 ILE A HD13 1 
ATOM   1551 H HD13 B ILE A 1 104 ? 1.212   6.308   9.775   0.39 20.89  ? 122 ILE A HD13 1 
ATOM   1552 N N    . ASN A 1 105 ? 3.765   5.169   15.117  1.00 25.61  ? 123 ASN A N    1 
ATOM   1553 C CA   . ASN A 1 105 ? 3.764   5.533   16.554  1.00 30.60  ? 123 ASN A CA   1 
ATOM   1554 C C    . ASN A 1 105 ? 4.839   6.587   16.811  1.00 39.88  ? 123 ASN A C    1 
ATOM   1555 O O    . ASN A 1 105 ? 5.866   6.618   16.105  1.00 35.89  ? 123 ASN A O    1 
ATOM   1556 C CB   . ASN A 1 105 ? 4.077   4.324   17.468  1.00 30.97  ? 123 ASN A CB   1 
ATOM   1557 C CG   . ASN A 1 105 ? 3.011   3.240   17.401  1.00 28.95  ? 123 ASN A CG   1 
ATOM   1558 O OD1  . ASN A 1 105 ? 1.895   3.479   16.952  1.00 31.08  ? 123 ASN A OD1  1 
ATOM   1559 N ND2  . ASN A 1 105 ? 3.360   2.033   17.860  1.00 33.26  ? 123 ASN A ND2  1 
ATOM   1560 H H    . ASN A 1 105 ? 4.045   4.368   14.996  1.00 26.38  ? 123 ASN A H    1 
ATOM   1561 H HA   . ASN A 1 105 ? 2.893   5.906   16.804  1.00 31.39  ? 123 ASN A HA   1 
ATOM   1562 H HB2  . ASN A 1 105 ? 4.923   3.933   17.200  1.00 30.30  ? 123 ASN A HB2  1 
ATOM   1563 H HB3  . ASN A 1 105 ? 4.131   4.629   18.387  1.00 30.52  ? 123 ASN A HB3  1 
ATOM   1564 H HD21 . ASN A 1 105 ? 4.132   1.949   18.454  1.00 32.28  ? 123 ASN A HD21 1 
ATOM   1565 H HD22 . ASN A 1 105 ? 2.841   1.240   17.608  1.00 31.93  ? 123 ASN A HD22 1 
ATOM   1566 N N    . GLN A 1 106 ? 4.620   7.427   17.827  1.00 45.92  ? 124 GLN A N    1 
ATOM   1567 C CA   . GLN A 1 106 ? 5.651   8.371   18.230  1.00 55.08  ? 124 GLN A CA   1 
ATOM   1568 C C    . GLN A 1 106 ? 6.789   7.654   18.984  1.00 54.73  ? 124 GLN A C    1 
ATOM   1569 O O    . GLN A 1 106 ? 6.584   6.573   19.548  1.00 47.79  ? 124 GLN A O    1 
ATOM   1570 C CB   . GLN A 1 106 ? 5.075   9.516   19.046  1.00 60.45  ? 124 GLN A CB   1 
ATOM   1571 C CG   . GLN A 1 106 ? 5.934   10.770  18.918  1.00 73.50  ? 124 GLN A CG   1 
ATOM   1572 C CD   . GLN A 1 106 ? 5.688   11.739  20.048  1.00 87.18  ? 124 GLN A CD   1 
ATOM   1573 O OE1  . GLN A 1 106 ? 4.542   11.934  20.446  1.00 111.30 ? 124 GLN A OE1  1 
ATOM   1574 N NE2  . GLN A 1 106 ? 6.753   12.345  20.584  1.00 85.22  ? 124 GLN A NE2  1 
ATOM   1575 O OXT  . GLN A 1 106 ? 7.949   8.115   19.003  1.00 50.33  ? 124 GLN A OXT  1 
ATOM   1576 H H    . GLN A 1 106 ? 3.894   7.461   18.288  1.00 46.12  ? 124 GLN A H    1 
ATOM   1577 H HA   . GLN A 1 106 ? 6.043   8.767   17.424  1.00 53.72  ? 124 GLN A HA   1 
ATOM   1578 H HB2  . GLN A 1 106 ? 4.185   9.727   18.723  1.00 61.66  ? 124 GLN A HB2  1 
ATOM   1579 H HB3  . GLN A 1 106 ? 5.040   9.260   19.982  1.00 62.11  ? 124 GLN A HB3  1 
ATOM   1580 H HG2  . GLN A 1 106 ? 6.872   10.523  18.933  1.00 72.30  ? 124 GLN A HG2  1 
ATOM   1581 H HG3  . GLN A 1 106 ? 5.722   11.218  18.084  1.00 72.93  ? 124 GLN A HG3  1 
ATOM   1582 H HE21 . GLN A 1 106 ? 7.446   12.505  20.101  1.00 85.21  ? 124 GLN A HE21 1 
ATOM   1583 H HE22 . GLN A 1 106 ? 6.743   12.576  21.413  1.00 85.67  ? 124 GLN A HE22 1 
HETATM 1584 O O    . HOH B 2 .   ? 7.653   13.560  -5.558  1.00 9.19   ? 201 HOH A O    1 
HETATM 1585 O O    . HOH B 2 .   ? -8.308  13.946  2.361   1.00 7.82   ? 202 HOH A O    1 
HETATM 1586 O O    . HOH B 2 .   ? -7.678  4.862   -7.640  1.00 9.71   ? 203 HOH A O    1 
HETATM 1587 O O    . HOH B 2 .   ? -7.491  4.521   0.177   1.00 10.50  ? 204 HOH A O    1 
HETATM 1588 O O    . HOH B 2 .   ? -4.740  14.953  2.640   1.00 12.56  ? 205 HOH A O    1 
HETATM 1589 O O    . HOH B 2 .   ? 11.212  8.934   0.327   1.00 9.82   ? 206 HOH A O    1 
HETATM 1590 O O    . HOH B 2 .   ? -9.709  2.892   2.579   1.00 12.38  ? 207 HOH A O    1 
HETATM 1591 O O    . HOH B 2 .   ? -8.248  -10.546 -4.265  1.00 13.91  ? 208 HOH A O    1 
HETATM 1592 O O    . HOH B 2 .   ? -14.096 -7.804  -3.573  1.00 14.68  ? 209 HOH A O    1 
HETATM 1593 O O    . HOH B 2 .   ? 10.204  0.789   -4.783  1.00 13.32  ? 210 HOH A O    1 
HETATM 1594 O O    . HOH B 2 .   ? 4.441   12.369  8.917   1.00 12.51  ? 211 HOH A O    1 
HETATM 1595 O O    . HOH B 2 .   ? -11.173 -6.003  -1.433  1.00 18.97  ? 212 HOH A O    1 
HETATM 1596 O O    . HOH B 2 .   ? -3.195  12.028  -2.953  1.00 13.65  ? 213 HOH A O    1 
HETATM 1597 O O    . HOH B 2 .   ? -6.995  12.782  -1.693  1.00 13.13  ? 214 HOH A O    1 
HETATM 1598 O O    . HOH B 2 .   ? -9.005  6.045   -9.607  1.00 17.93  ? 215 HOH A O    1 
HETATM 1599 O O    . HOH B 2 .   ? 4.045   9.779   -10.220 1.00 20.34  ? 216 HOH A O    1 
HETATM 1600 O O    . HOH B 2 .   ? 7.897   -5.043  5.357   1.00 19.19  ? 217 HOH A O    1 
HETATM 1601 O O    . HOH B 2 .   ? 0.848   -8.171  7.781   1.00 20.09  ? 218 HOH A O    1 
HETATM 1602 O O    . HOH B 2 .   ? -12.462 -3.403  -2.687  1.00 14.60  ? 219 HOH A O    1 
HETATM 1603 O O    . HOH B 2 .   ? 10.078  3.947   6.285   1.00 13.50  ? 220 HOH A O    1 
HETATM 1604 O O    . HOH B 2 .   ? 9.814   2.980   -3.163  1.00 17.53  ? 221 HOH A O    1 
HETATM 1605 O O    . HOH B 2 .   ? 10.299  9.552   2.819   1.00 16.23  ? 222 HOH A O    1 
HETATM 1606 O O    . HOH B 2 .   ? 8.495   5.604   10.532  1.00 17.74  ? 223 HOH A O    1 
HETATM 1607 O O    . HOH B 2 .   ? -10.718 -1.587  -13.727 1.00 18.60  ? 224 HOH A O    1 
HETATM 1608 O O    . HOH B 2 .   ? -2.025  -10.891 -1.924  1.00 21.77  ? 225 HOH A O    1 
HETATM 1609 O O    . HOH B 2 .   ? 2.341   8.853   9.515   1.00 18.48  ? 226 HOH A O    1 
HETATM 1610 O O    . HOH B 2 .   ? -8.798  8.803   -10.158 1.00 17.86  ? 227 HOH A O    1 
HETATM 1611 O O    . HOH B 2 .   ? -3.397  11.441  9.248   1.00 22.90  ? 228 HOH A O    1 
HETATM 1612 O O    . HOH B 2 .   ? 11.536  1.346   3.463   1.00 22.45  ? 229 HOH A O    1 
HETATM 1613 O O    . HOH B 2 .   ? 4.653   8.075   9.962   1.00 27.11  ? 230 HOH A O    1 
HETATM 1614 O O    . HOH B 2 .   ? -1.548  6.147   -11.496 1.00 20.52  ? 231 HOH A O    1 
HETATM 1615 O O    . HOH B 2 .   ? -3.631  -2.391  -17.613 1.00 23.97  ? 232 HOH A O    1 
HETATM 1616 O O    . HOH B 2 .   ? -7.438  11.053  -3.740  1.00 18.38  ? 233 HOH A O    1 
HETATM 1617 O O    . HOH B 2 .   ? 4.985   5.404   21.078  1.00 20.48  ? 234 HOH A O    1 
HETATM 1618 O O    . HOH B 2 .   ? -13.745 8.309   2.176   1.00 21.41  ? 235 HOH A O    1 
HETATM 1619 O O    . HOH B 2 .   ? -4.882  -6.146  5.914   1.00 20.67  ? 236 HOH A O    1 
HETATM 1620 O O    . HOH B 2 .   ? -10.109 10.530  -3.634  1.00 20.41  ? 237 HOH A O    1 
HETATM 1621 O O    . HOH B 2 .   ? -12.365 6.522   -3.239  1.00 23.37  ? 238 HOH A O    1 
HETATM 1622 O O    . HOH B 2 .   ? -4.381  -11.999 -1.531  1.00 18.99  ? 239 HOH A O    1 
HETATM 1623 O O    . HOH B 2 .   ? -0.176  0.284   -11.684 1.00 25.97  ? 240 HOH A O    1 
HETATM 1624 O O    . HOH B 2 .   ? -13.075 -0.800  -1.921  1.00 25.32  ? 241 HOH A O    1 
HETATM 1625 O O    . HOH B 2 .   ? 2.193   14.432  -4.723  1.00 24.64  ? 242 HOH A O    1 
HETATM 1626 O O    . HOH B 2 .   ? 8.770   -1.087  10.563  1.00 28.56  ? 243 HOH A O    1 
HETATM 1627 O O    . HOH B 2 .   ? 4.046   16.243  -11.056 1.00 22.19  ? 244 HOH A O    1 
HETATM 1628 O O    . HOH B 2 .   ? -7.991  -9.605  1.213   1.00 27.32  ? 245 HOH A O    1 
HETATM 1629 O O    . HOH B 2 .   ? 7.310   -2.400  -10.866 1.00 25.02  ? 246 HOH A O    1 
HETATM 1630 O O    . HOH B 2 .   ? -0.399  -10.660 -4.471  1.00 26.60  ? 247 HOH A O    1 
HETATM 1631 O O    . HOH B 2 .   ? -14.682 -3.216  -11.188 1.00 25.83  ? 248 HOH A O    1 
HETATM 1632 O O    . HOH B 2 .   ? -2.460  14.348  8.429   1.00 26.26  ? 249 HOH A O    1 
HETATM 1633 O O    . HOH B 2 .   ? -8.177  10.858  -8.323  1.00 32.19  ? 250 HOH A O    1 
HETATM 1634 O O    . HOH B 2 .   ? -0.377  1.730   13.353  1.00 29.69  ? 251 HOH A O    1 
HETATM 1635 O O    . HOH B 2 .   ? -15.942 -2.692  -7.967  1.00 29.48  ? 252 HOH A O    1 
HETATM 1636 O O    . HOH B 2 .   ? -2.259  -8.467  -14.140 1.00 27.42  ? 253 HOH A O    1 
HETATM 1637 O O    . HOH B 2 .   ? -0.036  14.877  9.929   1.00 26.94  ? 254 HOH A O    1 
HETATM 1638 O O    . HOH B 2 .   ? -8.169  -8.820  3.722   1.00 39.02  ? 255 HOH A O    1 
HETATM 1639 O O    . HOH B 2 .   ? 6.181   -1.098  11.905  1.00 22.33  ? 256 HOH A O    1 
HETATM 1640 O O    . HOH B 2 .   ? -12.461 -0.228  0.444   1.00 32.50  ? 257 HOH A O    1 
HETATM 1641 O O    . HOH B 2 .   ? 5.766   -13.671 -0.184  1.00 33.26  ? 258 HOH A O    1 
HETATM 1642 O O    . HOH B 2 .   ? 9.294   1.358   8.360   1.00 28.35  ? 259 HOH A O    1 
HETATM 1643 O O    . HOH B 2 .   ? 7.810   -13.772 8.658   1.00 30.68  ? 260 HOH A O    1 
HETATM 1644 O O    . HOH B 2 .   ? -4.471  9.554   -12.349 1.00 27.94  ? 261 HOH A O    1 
HETATM 1645 O O    . HOH B 2 .   ? -5.106  -4.291  8.406   1.00 30.73  ? 262 HOH A O    1 
HETATM 1646 O O    . HOH B 2 .   ? 9.629   -7.154  5.666   1.00 30.03  ? 263 HOH A O    1 
HETATM 1647 O O    . HOH B 2 .   ? -2.783  -9.861  7.141   1.00 27.70  ? 264 HOH A O    1 
HETATM 1648 O O    . HOH B 2 .   ? -14.756 0.782   -9.999  1.00 34.51  ? 265 HOH A O    1 
HETATM 1649 O O    . HOH B 2 .   ? -11.672 4.006   4.318   1.00 15.42  ? 266 HOH A O    1 
HETATM 1650 O O    . HOH B 2 .   ? -12.533 9.050   -2.863  1.00 27.69  ? 267 HOH A O    1 
HETATM 1651 O O    . HOH B 2 .   ? -13.250 -7.187  -0.361  1.00 33.03  ? 268 HOH A O    1 
HETATM 1652 O O    . HOH B 2 .   ? -14.076 4.347   2.959   1.00 27.95  ? 269 HOH A O    1 
HETATM 1653 O O    . HOH B 2 .   ? -14.930 6.399   1.052   1.00 32.82  ? 270 HOH A O    1 
HETATM 1654 O O    . HOH B 2 .   ? 5.858   -3.155  14.161  1.00 30.82  ? 271 HOH A O    1 
HETATM 1655 O O    . HOH B 2 .   ? -9.940  0.286   2.070   1.00 31.09  ? 272 HOH A O    1 
HETATM 1656 O O    . HOH B 2 .   ? -8.666  11.938  -6.040  1.00 36.34  ? 273 HOH A O    1 
HETATM 1657 O O    . HOH B 2 .   ? -0.002  17.088  -1.504  1.00 37.38  ? 274 HOH A O    1 
HETATM 1658 O O    . HOH B 2 .   ? -4.673  -10.568 4.859   1.00 28.13  ? 275 HOH A O    1 
HETATM 1659 O O    . HOH B 2 .   ? -0.139  -8.059  -15.857 1.00 40.97  ? 276 HOH A O    1 
HETATM 1660 O O    . HOH B 2 .   ? 2.509   13.166  10.739  1.00 31.42  ? 277 HOH A O    1 
HETATM 1661 O O    . HOH B 2 .   ? -15.945 3.278   4.426   1.00 34.06  ? 278 HOH A O    1 
HETATM 1662 O O    . HOH B 2 .   ? 1.021   17.219  9.981   1.00 33.49  ? 279 HOH A O    1 
HETATM 1663 O O    . HOH B 2 .   ? -3.160  -10.807 -10.400 1.00 31.69  ? 280 HOH A O    1 
HETATM 1664 O O    . HOH B 2 .   ? -0.018  -10.459 -9.753  1.00 31.82  ? 281 HOH A O    1 
HETATM 1665 O O    . HOH B 2 .   ? 0.625   4.781   -11.287 1.00 39.17  ? 282 HOH A O    1 
HETATM 1666 O O    . HOH B 2 .   ? -15.416 -5.664  -12.852 1.00 42.41  ? 283 HOH A O    1 
HETATM 1667 O O    . HOH B 2 .   ? -0.829  2.800   -10.325 1.00 39.72  ? 284 HOH A O    1 
HETATM 1668 O O    . HOH B 2 .   ? 0.515   -10.352 -15.118 1.00 36.23  ? 285 HOH A O    1 
HETATM 1669 O O    . HOH B 2 .   ? -14.594 -4.875  -3.812  1.00 25.51  ? 286 HOH A O    1 
HETATM 1670 O O    . HOH B 2 .   ? -5.910  2.877   -12.745 1.00 27.45  ? 287 HOH A O    1 
HETATM 1671 O O    . HOH B 2 .   ? 2.771   -11.252 -9.654  1.00 37.37  ? 288 HOH A O    1 
HETATM 1672 O O    . HOH B 2 .   ? 0.778   19.975  11.423  1.00 38.05  ? 289 HOH A O    1 
HETATM 1673 O O    . HOH B 2 .   ? -7.870  4.090   -11.724 1.00 34.45  ? 290 HOH A O    1 
HETATM 1674 O O    . HOH B 2 .   ? -1.224  -10.229 -12.716 1.00 37.71  ? 291 HOH A O    1 
HETATM 1675 O O    . HOH B 2 .   ? -16.058 -3.820  -5.982  1.00 37.88  ? 292 HOH A O    1 
HETATM 1676 O O    . HOH B 2 .   ? 8.704   1.052   -7.671  1.00 30.40  ? 293 HOH A O    1 
HETATM 1677 O O    . HOH B 2 .   ? -13.282 2.127   -11.633 1.00 37.50  ? 294 HOH A O    1 
HETATM 1678 O O    . HOH B 2 .   ? -11.760 6.239   -10.094 1.00 24.45  ? 295 HOH A O    1 
HETATM 1679 O O    . HOH B 2 .   ? 9.622   -12.624 7.829   1.00 46.00  ? 296 HOH A O    1 
HETATM 1680 O O    . HOH B 2 .   ? 10.987  -8.555  11.326  1.00 30.75  ? 297 HOH A O    1 
HETATM 1681 O O    . HOH B 2 .   ? 2.212   2.440   14.372  1.00 31.97  ? 298 HOH A O    1 
HETATM 1682 O O    . HOH B 2 .   ? 1.552   -6.506  -17.487 1.00 36.93  ? 299 HOH A O    1 
HETATM 1683 O O    . HOH B 2 .   ? -3.334  11.498  -10.150 1.00 18.96  ? 300 HOH A O    1 
HETATM 1684 O O    . HOH B 2 .   ? -3.562  5.534   -13.528 1.00 33.18  ? 301 HOH A O    1 
HETATM 1685 O O    . HOH B 2 .   ? -0.640  8.755   -11.626 1.00 32.30  ? 302 HOH A O    1 
HETATM 1686 O O    . HOH B 2 .   ? -0.048  15.133  -3.266  1.00 30.69  ? 303 HOH A O    1 
HETATM 1687 O O    . HOH B 2 .   ? 0.032   -13.715 -2.132  1.00 36.64  ? 304 HOH A O    1 
HETATM 1688 O O    . HOH B 2 .   ? 12.121  6.347   -1.182  1.00 29.82  ? 305 HOH A O    1 
HETATM 1689 O O    . HOH B 2 .   ? 9.269   -9.259  -8.749  1.00 38.35  ? 306 HOH A O    1 
HETATM 1690 O O    . HOH B 2 .   ? -11.412 9.360   -10.645 1.00 38.35  ? 307 HOH A O    1 
HETATM 1691 O O    . HOH B 2 .   ? 13.911  -5.655  1.293   1.00 37.80  ? 308 HOH A O    1 
HETATM 1692 O O    . HOH B 2 .   ? -5.113  13.408  -4.606  1.00 27.19  ? 309 HOH A O    1 
HETATM 1693 O O    . HOH B 2 .   ? -4.938  -11.654 -5.963  1.00 31.10  ? 310 HOH A O    1 
HETATM 1694 O O    . HOH B 2 .   ? -10.785 -2.501  -15.897 1.00 44.19  ? 311 HOH A O    1 
HETATM 1695 O O    . HOH B 2 .   ? 0.049   1.683   -17.474 1.00 41.71  ? 312 HOH A O    1 
HETATM 1696 O O    . HOH B 2 .   ? 5.082   17.785  4.463   1.00 32.86  ? 313 HOH A O    1 
HETATM 1697 O O    . HOH B 2 .   ? 4.420   -9.625  1.767   1.00 30.00  ? 314 HOH A O    1 
# 
